data_7X9S
#
_entry.id   7X9S
#
_cell.length_a   91.870
_cell.length_b   91.992
_cell.length_c   268.990
_cell.angle_alpha   90.000
_cell.angle_beta   90.000
_cell.angle_gamma   90.000
#
_symmetry.space_group_name_H-M   'P 21 21 21'
#
loop_
_entity.id
_entity.type
_entity.pdbx_description
1 polymer GmaR
2 polymer 'Motility gene repressor MogR'
#
loop_
_entity_poly.entity_id
_entity_poly.type
_entity_poly.pdbx_seq_one_letter_code
_entity_poly.pdbx_strand_id
1 'polypeptide(L)'
;GSAKDPHNHYIWAKLSAYHIAELLEQEKRYDESLAIIEEARVIWPNVPEFPLKKANILYVNHQLEDAKEIYQSLLENAAI
DYQPIVLYEATNFMPHKMLGTIYLEEKDYTRAMTHFSKAYAENSSDYGVMFQMIMLLSKFHQPKEIFAFMERHHFISSTE
TGLRLLSMTTQQGYAELSELIVQSLTDVYPPVAEATEVKIATIRNVFPVISESAILFGIKEELIDAADLCLWHYENPQLP
IENVMKNSDVGDIYDFIFENGPRISKKRYLFVLERAIALGKGEFADYLLALRNVYHDSINSHIADLFFQYDFADIALDFY
NIVDADEVTKQGYINLINYLVDADVLDEALAIAERGIDNFSTDFRFYLWAIKIDTENRANRISEAMDEFPNNRYLAKLLD
EVTMLQDTVTNNR
;
A,C,E
2 'polypeptide(L)'
;GSAKDPMPKSEIRKLLQEIKKQVDNPGNSSTTEIKKMASEAGIDEQTAEEIYHLLTEFYQAVEEHGGIEKYMHSNISWLK
IELELLSACYQIAILEDMKVLDISEMLSLNDLRIFPKTPSQLQNTYYKLKKELIQVEDIPKNKPGRKRKTQKNTKKEKTN
IFGKVVPA
;
B,D,F
#
# COMPACT_ATOMS: atom_id res chain seq x y z
N HIS A 9 -23.73 8.71 0.27
CA HIS A 9 -23.64 9.92 1.08
C HIS A 9 -22.84 9.73 2.39
N TYR A 10 -22.00 8.70 2.45
CA TYR A 10 -21.08 8.45 3.56
C TYR A 10 -19.66 8.77 3.12
N ILE A 11 -18.85 9.35 4.02
CA ILE A 11 -17.53 9.79 3.60
C ILE A 11 -16.54 8.63 3.50
N TRP A 12 -16.77 7.54 4.25
CA TRP A 12 -15.88 6.39 4.14
C TRP A 12 -15.93 5.76 2.76
N ALA A 13 -17.13 5.71 2.15
CA ALA A 13 -17.24 5.13 0.83
C ALA A 13 -16.55 6.01 -0.21
N LYS A 14 -16.86 7.32 -0.21
CA LYS A 14 -16.22 8.22 -1.15
C LYS A 14 -14.72 8.10 -1.09
N LEU A 15 -14.17 8.05 0.12
CA LEU A 15 -12.73 7.87 0.25
C LEU A 15 -12.28 6.45 -0.12
N SER A 16 -13.11 5.44 0.13
CA SER A 16 -12.75 4.08 -0.28
C SER A 16 -12.60 4.00 -1.79
N ALA A 17 -13.59 4.54 -2.51
CA ALA A 17 -13.53 4.55 -3.96
C ALA A 17 -12.29 5.29 -4.46
N TYR A 18 -11.94 6.39 -3.79
CA TYR A 18 -10.74 7.14 -4.14
C TYR A 18 -9.47 6.29 -3.90
N HIS A 19 -9.35 5.59 -2.74
CA HIS A 19 -8.19 4.70 -2.51
C HIS A 19 -8.09 3.74 -3.68
N ILE A 20 -9.23 3.23 -4.16
CA ILE A 20 -9.19 2.30 -5.28
C ILE A 20 -8.79 3.01 -6.58
N ALA A 21 -9.46 4.12 -6.89
CA ALA A 21 -9.11 4.85 -8.12
C ALA A 21 -7.64 5.21 -8.13
N GLU A 22 -7.13 5.67 -7.00
CA GLU A 22 -5.73 6.06 -6.90
C GLU A 22 -4.82 4.85 -7.01
N LEU A 23 -5.20 3.74 -6.38
CA LEU A 23 -4.39 2.54 -6.45
C LEU A 23 -4.25 2.06 -7.88
N LEU A 24 -5.36 2.04 -8.62
CA LEU A 24 -5.33 1.63 -10.02
C LEU A 24 -4.48 2.56 -10.86
N GLU A 25 -4.61 3.88 -10.64
CA GLU A 25 -3.82 4.84 -11.40
C GLU A 25 -2.34 4.66 -11.13
N GLN A 26 -1.98 4.38 -9.86
CA GLN A 26 -0.58 4.17 -9.52
C GLN A 26 -0.02 2.92 -10.20
N GLU A 27 -0.85 1.91 -10.40
CA GLU A 27 -0.45 0.72 -11.14
C GLU A 27 -0.57 0.92 -12.65
N LYS A 28 -0.82 2.18 -13.08
CA LYS A 28 -0.97 2.58 -14.48
C LYS A 28 -2.15 1.89 -15.17
N ARG A 29 -3.11 1.38 -14.39
CA ARG A 29 -4.36 0.83 -14.91
C ARG A 29 -5.39 1.94 -15.12
N TYR A 30 -5.06 2.88 -16.01
CA TYR A 30 -5.82 4.13 -16.09
C TYR A 30 -7.26 3.88 -16.52
N ASP A 31 -7.46 2.95 -17.45
CA ASP A 31 -8.81 2.69 -17.92
C ASP A 31 -9.68 2.16 -16.79
N GLU A 32 -9.14 1.26 -15.97
CA GLU A 32 -9.88 0.79 -14.79
C GLU A 32 -10.11 1.93 -13.81
N SER A 33 -9.09 2.79 -13.64
CA SER A 33 -9.19 3.91 -12.70
C SER A 33 -10.25 4.91 -13.14
N LEU A 34 -10.23 5.29 -14.42
CA LEU A 34 -11.24 6.22 -14.94
C LEU A 34 -12.64 5.65 -14.81
N ALA A 35 -12.77 4.33 -14.87
CA ALA A 35 -14.06 3.70 -14.64
C ALA A 35 -14.57 3.98 -13.23
N ILE A 36 -13.68 3.89 -12.24
CA ILE A 36 -14.09 4.18 -10.87
C ILE A 36 -14.51 5.63 -10.74
N ILE A 37 -13.77 6.52 -11.40
CA ILE A 37 -14.06 7.96 -11.35
C ILE A 37 -15.42 8.26 -11.95
N GLU A 38 -15.71 7.70 -13.13
CA GLU A 38 -16.96 8.02 -13.78
C GLU A 38 -18.14 7.50 -12.97
N GLU A 39 -17.95 6.37 -12.30
CA GLU A 39 -18.95 5.86 -11.37
C GLU A 39 -19.10 6.81 -10.20
N ALA A 40 -17.98 7.30 -9.67
CA ALA A 40 -18.02 8.24 -8.57
C ALA A 40 -18.67 9.54 -9.00
N ARG A 41 -18.37 10.02 -10.21
CA ARG A 41 -18.93 11.28 -10.66
C ARG A 41 -20.45 11.23 -10.69
N VAL A 42 -21.02 10.04 -10.82
CA VAL A 42 -22.46 9.87 -10.80
C VAL A 42 -23.00 9.87 -9.38
N ILE A 43 -22.38 9.07 -8.50
CA ILE A 43 -22.87 8.92 -7.12
C ILE A 43 -22.61 10.19 -6.30
N TRP A 44 -21.39 10.74 -6.40
CA TRP A 44 -20.95 11.88 -5.59
C TRP A 44 -20.46 12.97 -6.52
N PRO A 45 -21.37 13.66 -7.20
CA PRO A 45 -20.95 14.67 -8.18
C PRO A 45 -20.25 15.86 -7.57
N ASN A 46 -20.46 16.13 -6.27
CA ASN A 46 -19.84 17.28 -5.61
C ASN A 46 -18.39 17.03 -5.21
N VAL A 47 -17.92 15.78 -5.20
CA VAL A 47 -16.57 15.55 -4.70
C VAL A 47 -15.58 15.89 -5.81
N PRO A 48 -14.81 16.98 -5.67
CA PRO A 48 -13.95 17.41 -6.77
C PRO A 48 -12.73 16.54 -6.94
N GLU A 49 -12.37 15.73 -5.93
CA GLU A 49 -11.15 14.94 -6.05
C GLU A 49 -11.26 13.95 -7.19
N PHE A 50 -12.47 13.49 -7.50
CA PHE A 50 -12.61 12.56 -8.63
C PHE A 50 -12.33 13.25 -9.95
N PRO A 51 -13.04 14.34 -10.33
CA PRO A 51 -12.70 15.01 -11.59
C PRO A 51 -11.25 15.43 -11.67
N LEU A 52 -10.69 15.89 -10.56
CA LEU A 52 -9.29 16.26 -10.55
C LEU A 52 -8.38 15.10 -10.95
N LYS A 53 -8.81 13.86 -10.68
CA LYS A 53 -7.98 12.70 -11.04
C LYS A 53 -8.13 12.34 -12.51
N LYS A 54 -9.37 12.39 -13.02
CA LYS A 54 -9.58 12.24 -14.45
C LYS A 54 -8.65 13.18 -15.22
N ALA A 55 -8.64 14.46 -14.81
CA ALA A 55 -7.79 15.46 -15.46
C ALA A 55 -6.32 15.06 -15.41
N ASN A 56 -5.86 14.56 -14.28
CA ASN A 56 -4.46 14.16 -14.14
C ASN A 56 -4.16 12.91 -14.95
N ILE A 57 -5.08 11.94 -14.93
CA ILE A 57 -4.89 10.76 -15.76
C ILE A 57 -4.92 11.15 -17.23
N LEU A 58 -5.86 12.04 -17.60
CA LEU A 58 -5.92 12.51 -18.98
C LEU A 58 -4.68 13.29 -19.36
N TYR A 59 -4.12 14.04 -18.42
CA TYR A 59 -2.94 14.83 -18.75
C TYR A 59 -1.80 13.91 -19.16
N VAL A 60 -1.48 12.92 -18.32
CA VAL A 60 -0.32 12.11 -18.64
C VAL A 60 -0.58 11.27 -19.87
N ASN A 61 -1.84 11.05 -20.21
CA ASN A 61 -2.20 10.30 -21.39
C ASN A 61 -2.39 11.19 -22.61
N HIS A 62 -1.96 12.45 -22.51
CA HIS A 62 -1.75 13.38 -23.63
C HIS A 62 -3.05 13.90 -24.23
N GLN A 63 -4.14 13.85 -23.48
CA GLN A 63 -5.39 14.43 -23.91
C GLN A 63 -5.58 15.75 -23.14
N LEU A 64 -4.73 16.71 -23.50
CA LEU A 64 -4.59 17.97 -22.75
C LEU A 64 -5.84 18.84 -22.82
N GLU A 65 -6.52 18.85 -23.95
CA GLU A 65 -7.72 19.68 -24.07
C GLU A 65 -8.86 19.15 -23.19
N ASP A 66 -8.99 17.84 -23.07
CA ASP A 66 -9.95 17.26 -22.14
C ASP A 66 -9.56 17.52 -20.71
N ALA A 67 -8.27 17.46 -20.40
CA ALA A 67 -7.80 17.83 -19.06
C ALA A 67 -8.04 19.31 -18.78
N LYS A 68 -7.74 20.17 -19.75
CA LYS A 68 -7.97 21.60 -19.57
C LYS A 68 -9.42 21.85 -19.20
N GLU A 69 -10.34 21.24 -19.94
CA GLU A 69 -11.77 21.40 -19.68
C GLU A 69 -12.11 21.08 -18.23
N ILE A 70 -11.52 20.01 -17.68
CA ILE A 70 -11.83 19.60 -16.31
C ILE A 70 -11.21 20.55 -15.29
N TYR A 71 -9.92 20.90 -15.48
CA TYR A 71 -9.28 21.81 -14.54
C TYR A 71 -9.98 23.15 -14.52
N GLN A 72 -10.32 23.66 -15.71
CA GLN A 72 -11.06 24.92 -15.81
C GLN A 72 -12.39 24.81 -15.09
N SER A 73 -13.05 23.66 -15.19
CA SER A 73 -14.29 23.43 -14.48
C SER A 73 -14.10 23.35 -12.97
N LEU A 74 -12.93 22.90 -12.52
CA LEU A 74 -12.71 22.83 -11.08
C LEU A 74 -12.62 24.22 -10.46
N LEU A 75 -12.02 25.18 -11.16
CA LEU A 75 -12.06 26.55 -10.70
C LEU A 75 -13.39 27.17 -11.11
N GLU A 76 -14.13 27.73 -10.14
CA GLU A 76 -15.39 28.41 -10.43
C GLU A 76 -16.26 27.63 -11.39
N ASN A 77 -16.90 26.56 -10.92
CA ASN A 77 -17.93 25.89 -11.71
C ASN A 77 -19.28 26.39 -11.23
N ALA A 78 -20.16 26.69 -12.18
CA ALA A 78 -21.47 27.17 -11.84
C ALA A 78 -22.47 26.04 -11.66
N ALA A 79 -22.21 24.88 -12.25
CA ALA A 79 -23.16 23.77 -12.21
C ALA A 79 -23.04 22.93 -10.94
N ILE A 80 -21.82 22.70 -10.45
CA ILE A 80 -21.61 21.87 -9.25
C ILE A 80 -20.94 22.70 -8.17
N ASP A 81 -21.40 22.51 -6.93
CA ASP A 81 -20.82 23.15 -5.76
C ASP A 81 -19.76 22.22 -5.16
N TYR A 82 -18.59 22.19 -5.80
CA TYR A 82 -17.56 21.23 -5.40
C TYR A 82 -17.14 21.48 -3.95
N GLN A 83 -17.28 20.45 -3.12
CA GLN A 83 -16.81 20.48 -1.73
C GLN A 83 -15.80 19.37 -1.49
N PRO A 84 -14.52 19.69 -1.37
CA PRO A 84 -13.51 18.63 -1.20
C PRO A 84 -13.77 17.80 0.03
N ILE A 85 -13.31 16.55 -0.02
CA ILE A 85 -13.44 15.63 1.11
C ILE A 85 -12.09 15.38 1.77
N VAL A 86 -10.99 15.37 1.02
CA VAL A 86 -9.68 15.17 1.64
C VAL A 86 -8.61 16.10 1.09
N LEU A 87 -8.65 16.40 -0.21
CA LEU A 87 -7.71 17.30 -0.86
C LEU A 87 -8.39 18.64 -1.03
N TYR A 88 -8.10 19.57 -0.14
CA TYR A 88 -8.87 20.81 -0.16
C TYR A 88 -8.37 21.79 -1.19
N GLU A 89 -7.22 21.52 -1.79
CA GLU A 89 -6.71 22.30 -2.91
C GLU A 89 -7.20 21.76 -4.26
N ALA A 90 -8.15 20.83 -4.25
CA ALA A 90 -8.62 20.25 -5.50
C ALA A 90 -9.31 21.27 -6.39
N THR A 91 -9.81 22.37 -5.82
CA THR A 91 -10.51 23.40 -6.57
C THR A 91 -9.74 24.70 -6.60
N ASN A 92 -8.49 24.71 -6.14
CA ASN A 92 -7.74 25.95 -6.09
C ASN A 92 -6.36 25.77 -6.67
N PHE A 93 -5.43 25.37 -5.82
CA PHE A 93 -4.02 25.34 -6.18
C PHE A 93 -3.78 24.34 -7.29
N MET A 94 -4.29 23.12 -7.12
CA MET A 94 -3.93 22.04 -8.05
C MET A 94 -4.47 22.31 -9.46
N PRO A 95 -5.73 22.73 -9.65
CA PRO A 95 -6.12 23.13 -11.02
C PRO A 95 -5.25 24.25 -11.58
N HIS A 96 -4.91 25.27 -10.80
CA HIS A 96 -4.03 26.31 -11.32
C HIS A 96 -2.68 25.74 -11.71
N LYS A 97 -2.08 24.92 -10.84
CA LYS A 97 -0.77 24.38 -11.13
C LYS A 97 -0.78 23.56 -12.41
N MET A 98 -1.81 22.75 -12.63
CA MET A 98 -1.84 21.94 -13.85
C MET A 98 -2.13 22.78 -15.08
N LEU A 99 -3.07 23.72 -14.98
CA LEU A 99 -3.37 24.59 -16.11
C LEU A 99 -2.13 25.37 -16.52
N GLY A 100 -1.37 25.84 -15.53
CA GLY A 100 -0.10 26.48 -15.84
C GLY A 100 0.87 25.54 -16.52
N THR A 101 0.94 24.30 -16.04
CA THR A 101 1.83 23.32 -16.67
C THR A 101 1.39 23.03 -18.10
N ILE A 102 0.09 22.86 -18.33
CA ILE A 102 -0.39 22.58 -19.68
C ILE A 102 -0.14 23.78 -20.59
N TYR A 103 -0.49 24.99 -20.13
CA TYR A 103 -0.33 26.16 -20.97
C TYR A 103 1.13 26.39 -21.31
N LEU A 104 2.02 26.04 -20.39
CA LEU A 104 3.43 26.09 -20.70
C LEU A 104 3.77 25.10 -21.80
N GLU A 105 3.31 23.85 -21.66
CA GLU A 105 3.56 22.87 -22.71
C GLU A 105 3.00 23.34 -24.04
N GLU A 106 1.87 24.05 -24.01
CA GLU A 106 1.23 24.63 -25.18
C GLU A 106 1.89 25.92 -25.62
N LYS A 107 2.95 26.35 -24.92
CA LYS A 107 3.72 27.56 -25.23
C LYS A 107 2.89 28.84 -25.14
N ASP A 108 1.77 28.82 -24.42
CA ASP A 108 0.99 30.03 -24.13
C ASP A 108 1.55 30.69 -22.86
N TYR A 109 2.71 31.32 -23.03
CA TYR A 109 3.50 31.75 -21.87
C TYR A 109 2.72 32.69 -20.97
N THR A 110 1.90 33.57 -21.54
CA THR A 110 1.13 34.52 -20.73
C THR A 110 0.14 33.79 -19.84
N ARG A 111 -0.59 32.84 -20.41
CA ARG A 111 -1.56 32.10 -19.61
C ARG A 111 -0.85 31.23 -18.58
N ALA A 112 0.30 30.67 -18.95
CA ALA A 112 1.05 29.85 -18.01
C ALA A 112 1.46 30.65 -16.79
N MET A 113 1.98 31.87 -17.00
CA MET A 113 2.38 32.69 -15.86
C MET A 113 1.20 33.06 -14.99
N THR A 114 0.04 33.33 -15.58
CA THR A 114 -1.11 33.72 -14.78
C THR A 114 -1.50 32.62 -13.80
N HIS A 115 -1.60 31.39 -14.29
CA HIS A 115 -1.99 30.28 -13.43
C HIS A 115 -0.89 29.91 -12.44
N PHE A 116 0.36 29.86 -12.92
CA PHE A 116 1.51 29.59 -12.05
C PHE A 116 1.57 30.58 -10.90
N SER A 117 1.32 31.86 -11.19
CA SER A 117 1.28 32.89 -10.16
C SER A 117 0.18 32.61 -9.15
N LYS A 118 -1.03 32.32 -9.65
CA LYS A 118 -2.15 32.03 -8.77
C LYS A 118 -1.85 30.81 -7.91
N ALA A 119 -1.32 29.75 -8.53
CA ALA A 119 -0.94 28.56 -7.76
C ALA A 119 0.08 28.89 -6.70
N TYR A 120 1.05 29.74 -7.02
CA TYR A 120 2.02 30.14 -6.02
C TYR A 120 1.38 30.92 -4.89
N ALA A 121 0.39 31.77 -5.22
CA ALA A 121 -0.33 32.51 -4.20
C ALA A 121 -1.01 31.57 -3.23
N GLU A 122 -1.63 30.51 -3.74
CA GLU A 122 -2.32 29.55 -2.89
C GLU A 122 -1.33 28.83 -2.00
N ASN A 123 -0.35 28.16 -2.60
CA ASN A 123 0.68 27.43 -1.89
C ASN A 123 2.02 27.96 -2.37
N SER A 124 2.74 28.66 -1.49
CA SER A 124 3.97 29.33 -1.85
C SER A 124 5.20 28.45 -1.67
N SER A 125 5.02 27.22 -1.23
CA SER A 125 6.13 26.35 -0.90
C SER A 125 6.31 25.22 -1.89
N ASP A 126 5.61 25.24 -3.02
CA ASP A 126 5.68 24.14 -3.97
C ASP A 126 6.89 24.42 -4.86
N TYR A 127 7.92 23.59 -4.72
CA TYR A 127 9.09 23.74 -5.57
C TYR A 127 8.74 23.51 -7.04
N GLY A 128 7.63 22.83 -7.31
CA GLY A 128 7.24 22.60 -8.68
C GLY A 128 6.91 23.88 -9.43
N VAL A 129 5.99 24.68 -8.90
CA VAL A 129 5.58 25.90 -9.61
C VAL A 129 6.73 26.91 -9.64
N MET A 130 7.54 26.98 -8.58
CA MET A 130 8.68 27.88 -8.57
C MET A 130 9.66 27.52 -9.68
N PHE A 131 10.03 26.24 -9.78
CA PHE A 131 10.94 25.82 -10.83
C PHE A 131 10.41 26.22 -12.21
N GLN A 132 9.10 26.04 -12.41
CA GLN A 132 8.46 26.34 -13.70
C GLN A 132 8.43 27.83 -13.98
N MET A 133 8.05 28.63 -12.97
CA MET A 133 8.06 30.08 -13.16
C MET A 133 9.47 30.59 -13.45
N ILE A 134 10.46 30.10 -12.71
CA ILE A 134 11.84 30.51 -12.95
C ILE A 134 12.25 30.17 -14.38
N MET A 135 11.92 28.96 -14.84
CA MET A 135 12.26 28.61 -16.21
C MET A 135 11.48 29.43 -17.21
N LEU A 136 10.22 29.72 -16.90
CA LEU A 136 9.40 30.51 -17.82
C LEU A 136 9.92 31.94 -17.92
N LEU A 137 10.35 32.52 -16.79
CA LEU A 137 10.96 33.84 -16.83
C LEU A 137 12.28 33.83 -17.61
N SER A 138 13.01 32.71 -17.59
CA SER A 138 14.22 32.59 -18.40
C SER A 138 13.94 32.76 -19.88
N LYS A 139 12.72 32.48 -20.32
CA LYS A 139 12.39 32.63 -21.73
C LYS A 139 12.55 34.07 -22.20
N PHE A 140 12.17 35.03 -21.37
CA PHE A 140 12.18 36.43 -21.75
C PHE A 140 13.30 37.20 -21.05
N HIS A 141 13.29 37.17 -19.70
CA HIS A 141 14.06 38.08 -18.86
C HIS A 141 15.47 37.56 -18.55
N GLN A 142 16.31 38.48 -18.06
CA GLN A 142 17.70 38.27 -17.64
C GLN A 142 17.77 37.79 -16.20
N PRO A 143 18.90 37.18 -15.80
CA PRO A 143 18.97 36.60 -14.44
C PRO A 143 18.73 37.63 -13.33
N LYS A 144 19.32 38.83 -13.46
CA LYS A 144 19.16 39.84 -12.41
C LYS A 144 17.69 40.21 -12.26
N GLU A 145 16.96 40.29 -13.37
CA GLU A 145 15.52 40.54 -13.32
C GLU A 145 14.77 39.37 -12.68
N ILE A 146 15.15 38.13 -13.00
CA ILE A 146 14.48 36.97 -12.42
C ILE A 146 14.70 36.93 -10.91
N PHE A 147 15.96 37.12 -10.49
CA PHE A 147 16.24 37.15 -9.05
C PHE A 147 15.44 38.24 -8.35
N ALA A 148 15.27 39.39 -9.00
CA ALA A 148 14.41 40.42 -8.46
C ALA A 148 12.99 39.91 -8.27
N PHE A 149 12.49 39.14 -9.23
CA PHE A 149 11.16 38.55 -9.14
C PHE A 149 11.05 37.61 -7.94
N MET A 150 11.99 36.67 -7.82
CA MET A 150 11.99 35.70 -6.73
C MET A 150 12.09 36.37 -5.37
N GLU A 151 12.93 37.40 -5.27
CA GLU A 151 13.03 38.15 -4.02
C GLU A 151 11.73 38.89 -3.74
N ARG A 152 11.13 39.45 -4.80
CA ARG A 152 9.91 40.24 -4.67
C ARG A 152 8.76 39.40 -4.16
N HIS A 153 8.67 38.15 -4.60
CA HIS A 153 7.58 37.27 -4.23
C HIS A 153 7.98 36.29 -3.13
N HIS A 154 9.12 36.51 -2.50
CA HIS A 154 9.55 35.72 -1.35
C HIS A 154 9.67 34.23 -1.67
N PHE A 155 10.28 33.90 -2.80
CA PHE A 155 10.50 32.50 -3.15
C PHE A 155 11.33 31.81 -2.08
N ILE A 156 12.48 32.40 -1.75
CA ILE A 156 13.45 31.82 -0.84
C ILE A 156 13.05 32.09 0.60
N SER A 157 12.17 31.24 1.13
CA SER A 157 11.66 31.36 2.50
C SER A 157 12.70 30.96 3.54
N SER A 158 13.63 30.09 3.20
CA SER A 158 14.61 29.58 4.14
C SER A 158 15.86 29.19 3.37
N THR A 159 16.93 28.90 4.10
CA THR A 159 18.16 28.47 3.46
C THR A 159 17.98 27.13 2.76
N GLU A 160 17.24 26.21 3.39
CA GLU A 160 17.04 24.91 2.76
C GLU A 160 16.25 25.07 1.47
N THR A 161 15.27 25.98 1.48
CA THR A 161 14.49 26.25 0.26
C THR A 161 15.39 26.75 -0.86
N GLY A 162 16.32 27.65 -0.52
CA GLY A 162 17.23 28.19 -1.52
C GLY A 162 18.16 27.13 -2.08
N LEU A 163 18.62 26.22 -1.23
CA LEU A 163 19.46 25.12 -1.72
C LEU A 163 18.68 24.23 -2.67
N ARG A 164 17.45 23.86 -2.29
CA ARG A 164 16.62 23.04 -3.18
C ARG A 164 16.37 23.76 -4.49
N LEU A 165 16.17 25.07 -4.45
CA LEU A 165 16.14 25.83 -5.69
C LEU A 165 17.49 25.77 -6.40
N LEU A 166 18.58 25.79 -5.64
CA LEU A 166 19.92 25.81 -6.22
C LEU A 166 20.25 24.52 -6.95
N SER A 167 19.82 23.37 -6.41
CA SER A 167 20.08 22.12 -7.13
C SER A 167 19.44 22.17 -8.49
N MET A 168 18.28 22.83 -8.61
CA MET A 168 17.57 22.96 -9.87
C MET A 168 18.30 23.87 -10.85
N THR A 169 18.63 25.09 -10.44
CA THR A 169 19.24 26.06 -11.34
C THR A 169 20.65 25.62 -11.77
N THR A 170 21.41 25.00 -10.88
CA THR A 170 22.75 24.59 -11.27
C THR A 170 22.71 23.50 -12.34
N GLN A 171 21.77 22.57 -12.24
CA GLN A 171 21.66 21.50 -13.24
C GLN A 171 21.17 22.02 -14.58
N GLN A 172 20.40 23.11 -14.56
CA GLN A 172 19.93 23.74 -15.78
C GLN A 172 20.98 24.62 -16.45
N GLY A 173 22.05 24.98 -15.76
CA GLY A 173 23.08 25.83 -16.34
C GLY A 173 22.89 27.30 -16.07
N TYR A 174 22.04 27.68 -15.11
CA TYR A 174 21.76 29.07 -14.77
C TYR A 174 22.85 29.56 -13.83
N ALA A 175 24.00 29.89 -14.42
CA ALA A 175 25.16 30.23 -13.60
C ALA A 175 24.93 31.52 -12.81
N GLU A 176 24.49 32.58 -13.48
CA GLU A 176 24.30 33.85 -12.79
C GLU A 176 23.16 33.78 -11.78
N LEU A 177 22.03 33.17 -12.16
CA LEU A 177 20.92 33.07 -11.22
C LEU A 177 21.37 32.28 -9.99
N SER A 178 22.01 31.12 -10.22
CA SER A 178 22.50 30.36 -9.09
C SER A 178 23.45 31.19 -8.24
N GLU A 179 24.32 31.97 -8.90
CA GLU A 179 25.19 32.85 -8.15
C GLU A 179 24.40 33.86 -7.34
N LEU A 180 23.37 34.48 -7.93
CA LEU A 180 22.55 35.39 -7.16
C LEU A 180 21.88 34.69 -6.00
N ILE A 181 21.38 33.48 -6.24
CA ILE A 181 20.62 32.76 -5.23
C ILE A 181 21.49 32.40 -4.04
N VAL A 182 22.65 31.83 -4.27
CA VAL A 182 23.44 31.32 -3.15
C VAL A 182 24.02 32.48 -2.35
N GLN A 183 24.41 33.57 -3.02
CA GLN A 183 24.98 34.71 -2.31
C GLN A 183 23.96 35.40 -1.43
N SER A 184 22.68 35.32 -1.77
CA SER A 184 21.63 35.91 -0.94
C SER A 184 21.31 35.07 0.29
N LEU A 185 21.85 33.87 0.38
CA LEU A 185 21.59 32.97 1.50
C LEU A 185 22.48 33.40 2.67
N THR A 186 21.98 33.22 3.88
CA THR A 186 22.71 33.68 5.06
C THR A 186 23.23 32.48 5.86
N ASP A 187 24.48 32.57 6.28
CA ASP A 187 25.13 31.57 7.13
C ASP A 187 24.98 30.16 6.57
N VAL A 188 25.40 29.98 5.32
CA VAL A 188 25.50 28.66 4.70
C VAL A 188 26.76 27.95 5.17
N TYR A 189 26.62 26.67 5.50
CA TYR A 189 27.77 25.87 5.91
C TYR A 189 28.80 25.88 4.78
N PRO A 190 30.06 26.13 5.08
CA PRO A 190 31.06 26.37 4.03
C PRO A 190 31.17 25.23 3.03
N PRO A 191 31.13 23.95 3.45
CA PRO A 191 31.15 22.91 2.42
C PRO A 191 30.04 23.05 1.40
N VAL A 192 28.83 23.43 1.85
CA VAL A 192 27.69 23.60 0.94
C VAL A 192 27.97 24.74 -0.03
N ALA A 193 28.45 25.88 0.48
CA ALA A 193 28.74 27.02 -0.38
C ALA A 193 29.84 26.70 -1.38
N GLU A 194 30.92 26.05 -0.92
CA GLU A 194 32.02 25.68 -1.83
C GLU A 194 31.54 24.78 -2.96
N ALA A 195 30.72 23.78 -2.64
CA ALA A 195 30.19 22.91 -3.66
C ALA A 195 29.35 23.71 -4.65
N THR A 196 28.54 24.66 -4.15
CA THR A 196 27.75 25.49 -5.05
C THR A 196 28.62 26.42 -5.89
N GLU A 197 29.65 27.02 -5.27
CA GLU A 197 30.55 27.86 -6.04
C GLU A 197 31.25 27.07 -7.14
N VAL A 198 31.69 25.84 -6.82
CA VAL A 198 32.35 25.03 -7.83
C VAL A 198 31.38 24.68 -8.96
N LYS A 199 30.14 24.30 -8.61
CA LYS A 199 29.16 23.97 -9.64
C LYS A 199 28.86 25.16 -10.53
N ILE A 200 28.66 26.34 -9.94
CA ILE A 200 28.45 27.52 -10.77
C ILE A 200 29.67 27.78 -11.65
N ALA A 201 30.87 27.62 -11.09
CA ALA A 201 32.09 27.88 -11.86
C ALA A 201 32.26 26.88 -12.99
N THR A 202 31.81 25.64 -12.81
CA THR A 202 31.92 24.66 -13.88
C THR A 202 31.02 25.03 -15.05
N ILE A 203 29.84 25.58 -14.76
CA ILE A 203 28.98 26.07 -15.83
C ILE A 203 29.72 27.10 -16.66
N ARG A 204 30.51 27.92 -16.00
CA ARG A 204 31.27 28.97 -16.65
C ARG A 204 32.58 28.50 -17.23
N ASN A 205 32.81 27.19 -17.25
CA ASN A 205 34.02 26.60 -17.83
C ASN A 205 35.27 27.10 -17.12
N VAL A 206 35.17 27.29 -15.83
CA VAL A 206 36.32 27.56 -14.98
C VAL A 206 36.86 26.24 -14.44
N PHE A 207 38.18 26.14 -14.39
CA PHE A 207 38.86 24.95 -13.90
C PHE A 207 38.31 24.55 -12.52
N PRO A 208 37.86 23.31 -12.34
CA PRO A 208 37.19 22.97 -11.08
C PRO A 208 38.17 22.54 -10.00
N VAL A 209 38.17 23.26 -8.88
CA VAL A 209 38.95 22.86 -7.71
C VAL A 209 38.00 22.82 -6.54
N ILE A 210 37.85 21.64 -5.94
CA ILE A 210 36.93 21.46 -4.84
C ILE A 210 37.58 20.59 -3.79
N SER A 211 37.32 20.89 -2.52
CA SER A 211 37.90 20.12 -1.43
C SER A 211 37.26 18.73 -1.33
N GLU A 212 38.02 17.78 -0.79
CA GLU A 212 37.49 16.43 -0.60
C GLU A 212 36.25 16.43 0.28
N SER A 213 36.25 17.25 1.35
CA SER A 213 35.07 17.29 2.21
C SER A 213 33.89 17.92 1.47
N ALA A 214 34.12 18.96 0.67
CA ALA A 214 33.03 19.60 -0.06
C ALA A 214 32.36 18.63 -1.02
N ILE A 215 33.17 17.80 -1.70
CA ILE A 215 32.60 16.76 -2.56
C ILE A 215 31.73 15.82 -1.72
N LEU A 216 32.28 15.37 -0.60
CA LEU A 216 31.60 14.40 0.26
C LEU A 216 30.30 14.96 0.79
N PHE A 217 30.33 16.20 1.26
CA PHE A 217 29.08 16.79 1.72
C PHE A 217 28.13 17.00 0.55
N GLY A 218 28.65 17.49 -0.58
CA GLY A 218 27.82 17.78 -1.74
C GLY A 218 27.03 16.58 -2.24
N ILE A 219 27.66 15.40 -2.19
CA ILE A 219 26.95 14.16 -2.51
C ILE A 219 25.84 13.91 -1.49
N LYS A 220 26.19 13.97 -0.20
CA LYS A 220 25.21 13.69 0.84
C LYS A 220 24.05 14.69 0.81
N GLU A 221 24.32 15.94 0.53
CA GLU A 221 23.25 16.92 0.44
C GLU A 221 22.57 16.91 -0.92
N GLU A 222 22.90 15.92 -1.76
CA GLU A 222 22.27 15.77 -3.07
C GLU A 222 22.41 17.02 -3.92
N LEU A 223 23.53 17.73 -3.75
CA LEU A 223 23.91 18.83 -4.63
C LEU A 223 24.92 18.40 -5.69
N ILE A 224 25.52 17.21 -5.53
CA ILE A 224 26.52 16.68 -6.44
C ILE A 224 26.19 15.21 -6.72
N ASP A 225 26.25 14.80 -7.99
CA ASP A 225 25.97 13.43 -8.39
C ASP A 225 27.14 12.89 -9.23
N ALA A 226 26.99 11.66 -9.70
CA ALA A 226 28.10 11.01 -10.40
C ALA A 226 28.48 11.74 -11.68
N ALA A 227 27.49 12.30 -12.38
CA ALA A 227 27.77 13.06 -13.60
C ALA A 227 28.66 14.25 -13.31
N ASP A 228 28.36 14.97 -12.22
CA ASP A 228 29.19 16.09 -11.80
C ASP A 228 30.62 15.64 -11.55
N LEU A 229 30.81 14.54 -10.82
CA LEU A 229 32.16 14.08 -10.53
C LEU A 229 32.89 13.68 -11.80
N CYS A 230 32.22 13.00 -12.72
CA CYS A 230 32.87 12.58 -13.95
C CYS A 230 33.27 13.78 -14.80
N LEU A 231 32.36 14.75 -14.93
CA LEU A 231 32.72 15.97 -15.65
C LEU A 231 33.94 16.62 -15.00
N TRP A 232 33.93 16.75 -13.67
CA TRP A 232 35.04 17.38 -12.96
C TRP A 232 36.32 16.59 -13.10
N HIS A 233 36.23 15.27 -12.99
CA HIS A 233 37.44 14.48 -13.14
C HIS A 233 37.98 14.60 -14.55
N TYR A 234 37.11 14.57 -15.55
CA TYR A 234 37.56 14.74 -16.92
C TYR A 234 38.21 16.10 -17.11
N GLU A 235 37.66 17.12 -16.48
CA GLU A 235 38.21 18.47 -16.60
C GLU A 235 39.49 18.63 -15.77
N ASN A 236 39.61 17.92 -14.65
CA ASN A 236 40.73 18.07 -13.72
C ASN A 236 41.09 16.73 -13.11
N PRO A 237 42.12 16.05 -13.65
CA PRO A 237 42.48 14.72 -13.12
C PRO A 237 43.13 14.73 -11.73
N GLN A 238 43.64 15.86 -11.26
CA GLN A 238 44.22 15.97 -9.93
C GLN A 238 43.17 15.79 -8.83
N LEU A 239 41.89 15.84 -9.16
CA LEU A 239 40.86 15.72 -8.15
C LEU A 239 40.76 14.30 -7.62
N PRO A 240 40.45 14.13 -6.34
CA PRO A 240 40.30 12.79 -5.76
C PRO A 240 38.91 12.20 -6.05
N ILE A 241 38.55 12.10 -7.32
CA ILE A 241 37.20 11.67 -7.65
C ILE A 241 37.04 10.14 -7.58
N GLU A 242 38.07 9.37 -7.94
CA GLU A 242 37.94 7.90 -7.93
C GLU A 242 37.65 7.35 -6.54
N ASN A 243 38.41 7.80 -5.54
CA ASN A 243 38.19 7.33 -4.17
C ASN A 243 36.78 7.68 -3.70
N VAL A 244 36.31 8.87 -4.06
CA VAL A 244 34.96 9.27 -3.71
C VAL A 244 33.93 8.44 -4.45
N MET A 245 34.14 8.22 -5.75
CA MET A 245 33.16 7.53 -6.56
C MET A 245 33.07 6.05 -6.22
N LYS A 246 34.22 5.42 -5.95
CA LYS A 246 34.20 4.01 -5.59
C LYS A 246 33.41 3.78 -4.31
N ASN A 247 33.58 4.67 -3.32
CA ASN A 247 32.85 4.58 -2.06
C ASN A 247 31.39 4.99 -2.18
N SER A 248 31.00 5.66 -3.27
CA SER A 248 29.64 6.15 -3.40
C SER A 248 28.73 5.19 -4.16
N ASP A 249 29.16 3.95 -4.36
CA ASP A 249 28.38 2.92 -5.05
C ASP A 249 28.13 3.30 -6.52
N VAL A 250 29.04 4.11 -7.08
CA VAL A 250 29.03 4.44 -8.50
C VAL A 250 30.43 4.28 -9.06
N GLY A 251 31.21 3.37 -8.48
CA GLY A 251 32.55 3.14 -8.98
C GLY A 251 32.57 2.62 -10.40
N ASP A 252 31.54 1.88 -10.79
CA ASP A 252 31.47 1.33 -12.15
C ASP A 252 31.43 2.44 -13.19
N ILE A 253 30.70 3.52 -12.89
CA ILE A 253 30.63 4.65 -13.82
C ILE A 253 32.03 5.23 -14.02
N TYR A 254 32.78 5.37 -12.94
CA TYR A 254 34.15 5.88 -13.04
C TYR A 254 35.01 4.91 -13.84
N ASP A 255 34.86 3.60 -13.56
CA ASP A 255 35.68 2.61 -14.26
C ASP A 255 35.39 2.58 -15.75
N PHE A 256 34.12 2.66 -16.12
CA PHE A 256 33.75 2.61 -17.54
C PHE A 256 34.30 3.82 -18.28
N ILE A 257 34.02 5.02 -17.76
CA ILE A 257 34.33 6.24 -18.50
C ILE A 257 35.84 6.50 -18.53
N PHE A 258 36.57 6.14 -17.46
CA PHE A 258 37.98 6.50 -17.38
C PHE A 258 38.97 5.35 -17.34
N GLU A 259 38.58 4.15 -16.89
CA GLU A 259 39.52 3.06 -16.67
C GLU A 259 39.28 1.87 -17.59
N ASN A 260 38.66 2.09 -18.74
CA ASN A 260 38.40 1.03 -19.74
C ASN A 260 37.72 -0.17 -19.09
N GLY A 261 36.76 0.12 -18.20
CA GLY A 261 36.08 -0.88 -17.44
C GLY A 261 34.82 -1.34 -18.14
N PRO A 262 34.08 -2.24 -17.50
CA PRO A 262 32.92 -2.85 -18.16
C PRO A 262 31.73 -1.90 -18.25
N ARG A 263 30.80 -2.28 -19.11
CA ARG A 263 29.63 -1.46 -19.46
C ARG A 263 28.74 -1.20 -18.24
N ILE A 264 28.11 -0.03 -18.23
CA ILE A 264 27.12 0.32 -17.21
C ILE A 264 25.75 0.35 -17.88
N SER A 265 24.70 0.44 -17.07
CA SER A 265 23.35 0.39 -17.62
C SER A 265 23.18 1.54 -18.61
N LYS A 266 22.39 1.30 -19.65
CA LYS A 266 22.15 2.35 -20.63
C LYS A 266 21.64 3.61 -19.94
N LYS A 267 20.82 3.44 -18.89
CA LYS A 267 20.28 4.60 -18.17
C LYS A 267 21.38 5.44 -17.54
N ARG A 268 22.40 4.80 -16.95
CA ARG A 268 23.48 5.54 -16.31
C ARG A 268 24.37 6.24 -17.33
N TYR A 269 24.71 5.56 -18.42
CA TYR A 269 25.51 6.22 -19.46
C TYR A 269 24.81 7.48 -19.93
N LEU A 270 23.54 7.36 -20.29
CA LEU A 270 22.81 8.52 -20.77
C LEU A 270 22.65 9.59 -19.69
N PHE A 271 22.72 9.21 -18.41
CA PHE A 271 22.67 10.18 -17.33
C PHE A 271 23.86 11.13 -17.39
N VAL A 272 25.07 10.56 -17.52
CA VAL A 272 26.27 11.38 -17.61
C VAL A 272 26.27 12.19 -18.89
N LEU A 273 25.83 11.59 -20.00
CA LEU A 273 25.77 12.32 -21.26
C LEU A 273 24.80 13.48 -21.16
N GLU A 274 23.62 13.26 -20.58
CA GLU A 274 22.64 14.34 -20.49
C GLU A 274 23.18 15.52 -19.73
N ARG A 275 23.86 15.29 -18.62
CA ARG A 275 24.44 16.40 -17.90
C ARG A 275 25.45 17.14 -18.75
N ALA A 276 26.27 16.40 -19.50
CA ALA A 276 27.24 17.06 -20.35
C ALA A 276 26.55 17.94 -21.37
N ILE A 277 25.49 17.40 -22.00
CA ILE A 277 24.74 18.17 -22.99
C ILE A 277 24.09 19.39 -22.34
N ALA A 278 23.53 19.20 -21.14
CA ALA A 278 22.83 20.26 -20.45
C ALA A 278 23.75 21.40 -20.03
N LEU A 279 24.98 21.09 -19.64
CA LEU A 279 25.94 22.11 -19.21
C LEU A 279 26.72 22.70 -20.35
N GLY A 280 26.51 22.24 -21.59
CA GLY A 280 27.26 22.79 -22.68
C GLY A 280 28.69 22.33 -22.67
N LYS A 281 28.94 21.14 -22.14
CA LYS A 281 30.28 20.57 -22.10
C LYS A 281 30.53 19.76 -23.36
N GLY A 282 30.77 20.47 -24.47
CA GLY A 282 30.94 19.80 -25.76
C GLY A 282 32.16 18.91 -25.83
N GLU A 283 33.28 19.34 -25.26
CA GLU A 283 34.46 18.50 -25.26
C GLU A 283 34.20 17.20 -24.50
N PHE A 284 33.61 17.29 -23.32
CA PHE A 284 33.30 16.10 -22.55
C PHE A 284 32.25 15.24 -23.25
N ALA A 285 31.22 15.88 -23.80
CA ALA A 285 30.14 15.14 -24.46
C ALA A 285 30.65 14.33 -25.65
N ASP A 286 31.50 14.94 -26.48
CA ASP A 286 32.07 14.20 -27.60
C ASP A 286 32.84 12.99 -27.10
N TYR A 287 33.64 13.17 -26.05
CA TYR A 287 34.38 12.06 -25.46
C TYR A 287 33.43 10.96 -25.00
N LEU A 288 32.34 11.34 -24.33
CA LEU A 288 31.37 10.34 -23.89
C LEU A 288 30.77 9.62 -25.09
N LEU A 289 30.42 10.37 -26.14
CA LEU A 289 29.88 9.76 -27.34
C LEU A 289 30.85 8.78 -27.95
N ALA A 290 32.15 8.97 -27.72
CA ALA A 290 33.12 8.03 -28.27
C ALA A 290 33.02 6.67 -27.60
N LEU A 291 32.37 6.58 -26.44
CA LEU A 291 32.23 5.33 -25.73
C LEU A 291 31.00 4.53 -26.13
N ARG A 292 30.18 5.03 -27.07
CA ARG A 292 28.90 4.38 -27.34
C ARG A 292 29.04 3.05 -28.06
N ASN A 293 30.21 2.77 -28.65
CA ASN A 293 30.37 1.56 -29.47
C ASN A 293 30.07 0.29 -28.69
N VAL A 294 30.44 0.25 -27.42
CA VAL A 294 30.23 -0.96 -26.64
C VAL A 294 28.75 -1.23 -26.39
N TYR A 295 27.89 -0.22 -26.56
CA TYR A 295 26.48 -0.47 -26.42
C TYR A 295 25.90 -1.05 -27.71
N HIS A 296 24.64 -1.45 -27.64
CA HIS A 296 23.97 -1.91 -28.85
C HIS A 296 23.75 -0.75 -29.82
N ASP A 297 23.68 -1.09 -31.10
CA ASP A 297 23.47 -0.08 -32.13
C ASP A 297 22.21 0.74 -31.83
N SER A 298 21.30 0.18 -31.04
CA SER A 298 20.10 0.88 -30.62
C SER A 298 20.40 2.08 -29.74
N ILE A 299 21.61 2.18 -29.17
CA ILE A 299 21.88 3.26 -28.22
C ILE A 299 21.77 4.63 -28.90
N ASN A 300 21.98 4.68 -30.22
CA ASN A 300 21.95 5.96 -30.93
C ASN A 300 20.54 6.57 -30.98
N SER A 301 19.49 5.74 -30.91
CA SER A 301 18.15 6.33 -30.85
C SER A 301 17.96 7.13 -29.58
N HIS A 302 18.48 6.62 -28.47
CA HIS A 302 18.37 7.34 -27.21
C HIS A 302 19.22 8.60 -27.22
N ILE A 303 20.45 8.52 -27.74
CA ILE A 303 21.27 9.71 -27.86
C ILE A 303 20.57 10.76 -28.71
N ALA A 304 19.93 10.31 -29.80
CA ALA A 304 19.17 11.22 -30.66
C ALA A 304 18.11 11.96 -29.88
N ASP A 305 17.29 11.23 -29.11
CA ASP A 305 16.28 11.90 -28.29
C ASP A 305 16.92 12.88 -27.33
N LEU A 306 18.03 12.49 -26.71
CA LEU A 306 18.72 13.37 -25.78
C LEU A 306 19.07 14.68 -26.43
N PHE A 307 19.64 14.63 -27.63
CA PHE A 307 20.06 15.85 -28.29
C PHE A 307 18.87 16.68 -28.69
N PHE A 308 17.80 16.02 -29.15
CA PHE A 308 16.59 16.74 -29.54
C PHE A 308 15.99 17.45 -28.34
N GLN A 309 16.08 16.82 -27.16
CA GLN A 309 15.47 17.37 -25.96
C GLN A 309 16.07 18.74 -25.62
N TYR A 310 17.37 18.90 -25.79
CA TYR A 310 18.06 20.14 -25.46
C TYR A 310 18.23 21.03 -26.66
N ASP A 311 17.46 20.77 -27.72
CA ASP A 311 17.28 21.65 -28.86
C ASP A 311 18.52 21.66 -29.74
N PHE A 312 19.25 20.55 -29.73
CA PHE A 312 20.24 20.24 -30.76
C PHE A 312 19.60 19.35 -31.82
N ALA A 313 18.64 19.92 -32.56
CA ALA A 313 17.87 19.12 -33.52
C ALA A 313 18.72 18.65 -34.69
N ASP A 314 19.62 19.50 -35.17
CA ASP A 314 20.50 19.08 -36.27
C ASP A 314 21.35 17.89 -35.84
N ILE A 315 21.96 17.97 -34.65
CA ILE A 315 22.73 16.84 -34.15
C ILE A 315 21.83 15.64 -33.92
N ALA A 316 20.64 15.88 -33.36
CA ALA A 316 19.71 14.77 -33.15
C ALA A 316 19.33 14.13 -34.45
N LEU A 317 19.10 14.95 -35.47
CA LEU A 317 18.71 14.39 -36.78
C LEU A 317 19.82 13.47 -37.26
N ASP A 318 21.06 13.89 -37.10
CA ASP A 318 22.18 13.10 -37.60
C ASP A 318 22.22 11.73 -36.95
N PHE A 319 21.78 11.60 -35.69
CA PHE A 319 21.67 10.27 -35.09
C PHE A 319 20.44 9.52 -35.60
N TYR A 320 19.27 10.17 -35.67
CA TYR A 320 18.06 9.51 -36.14
C TYR A 320 18.23 8.95 -37.55
N ASN A 321 19.03 9.62 -38.39
CA ASN A 321 19.27 9.19 -39.76
C ASN A 321 19.96 7.86 -39.82
N ILE A 322 20.63 7.41 -38.75
CA ILE A 322 21.39 6.17 -38.79
C ILE A 322 20.82 5.12 -37.82
N VAL A 323 19.56 5.26 -37.41
CA VAL A 323 18.93 4.29 -36.50
C VAL A 323 17.93 3.48 -37.30
N ASP A 324 17.92 2.17 -37.06
CA ASP A 324 16.84 1.36 -37.58
C ASP A 324 15.52 1.86 -37.03
N ALA A 325 14.51 1.97 -37.90
CA ALA A 325 13.23 2.52 -37.48
C ALA A 325 12.59 1.65 -36.40
N ASP A 326 12.89 0.35 -36.39
CA ASP A 326 12.39 -0.53 -35.33
C ASP A 326 12.85 -0.03 -33.96
N GLU A 327 14.03 0.59 -33.87
CA GLU A 327 14.59 1.05 -32.60
C GLU A 327 14.31 2.51 -32.29
N VAL A 328 13.71 3.26 -33.21
CA VAL A 328 13.35 4.65 -32.91
C VAL A 328 12.26 4.66 -31.84
N THR A 329 12.44 5.49 -30.81
CA THR A 329 11.55 5.48 -29.66
C THR A 329 10.27 6.26 -29.94
N LYS A 330 9.28 6.04 -29.07
CA LYS A 330 8.01 6.74 -29.24
C LYS A 330 8.18 8.24 -29.14
N GLN A 331 9.05 8.73 -28.24
CA GLN A 331 9.34 10.16 -28.25
C GLN A 331 10.03 10.55 -29.53
N GLY A 332 10.90 9.67 -30.05
CA GLY A 332 11.56 9.97 -31.30
C GLY A 332 10.60 10.24 -32.44
N TYR A 333 9.54 9.44 -32.55
CA TYR A 333 8.50 9.72 -33.55
C TYR A 333 7.92 11.11 -33.32
N ILE A 334 7.61 11.43 -32.07
CA ILE A 334 7.03 12.72 -31.72
C ILE A 334 7.99 13.85 -32.03
N ASN A 335 9.29 13.64 -31.78
CA ASN A 335 10.30 14.65 -32.15
C ASN A 335 10.33 14.84 -33.65
N LEU A 336 10.42 13.72 -34.38
CA LEU A 336 10.53 13.74 -35.83
C LEU A 336 9.29 14.37 -36.46
N ILE A 337 8.09 14.00 -35.98
CA ILE A 337 6.87 14.62 -36.50
C ILE A 337 6.90 16.13 -36.31
N ASN A 338 7.31 16.58 -35.12
CA ASN A 338 7.38 18.02 -34.89
C ASN A 338 8.43 18.67 -35.77
N TYR A 339 9.57 18.02 -35.96
CA TYR A 339 10.64 18.59 -36.78
C TYR A 339 10.20 18.77 -38.21
N LEU A 340 9.61 17.73 -38.79
CA LEU A 340 9.20 17.78 -40.20
C LEU A 340 8.11 18.82 -40.42
N VAL A 341 7.15 18.93 -39.49
CA VAL A 341 6.08 19.90 -39.67
C VAL A 341 6.64 21.32 -39.69
N ASP A 342 7.66 21.58 -38.86
CA ASP A 342 8.30 22.89 -38.87
C ASP A 342 9.11 23.12 -40.14
N ALA A 343 9.57 22.04 -40.76
CA ALA A 343 10.30 22.11 -42.02
C ALA A 343 9.38 22.03 -43.22
N ASP A 344 8.07 22.09 -43.00
CA ASP A 344 7.05 22.03 -44.05
C ASP A 344 7.18 20.75 -44.88
N VAL A 345 7.52 19.64 -44.20
CA VAL A 345 7.60 18.33 -44.81
C VAL A 345 6.42 17.47 -44.32
N LEU A 346 5.19 17.88 -44.68
CA LEU A 346 4.00 17.22 -44.14
C LEU A 346 3.84 15.79 -44.62
N ASP A 347 4.26 15.49 -45.84
CA ASP A 347 4.15 14.13 -46.34
C ASP A 347 4.95 13.16 -45.48
N GLU A 348 6.21 13.48 -45.18
CA GLU A 348 7.03 12.57 -44.38
C GLU A 348 6.56 12.58 -42.94
N ALA A 349 6.13 13.74 -42.45
CA ALA A 349 5.60 13.86 -41.10
C ALA A 349 4.37 12.99 -40.90
N LEU A 350 3.42 13.06 -41.85
CA LEU A 350 2.23 12.24 -41.78
C LEU A 350 2.57 10.75 -41.79
N ALA A 351 3.59 10.37 -42.57
CA ALA A 351 4.00 8.96 -42.61
C ALA A 351 4.45 8.45 -41.25
N ILE A 352 5.20 9.27 -40.51
CA ILE A 352 5.62 8.90 -39.15
C ILE A 352 4.44 8.93 -38.20
N ALA A 353 3.58 9.96 -38.33
CA ALA A 353 2.40 10.00 -37.47
C ALA A 353 1.55 8.76 -37.69
N GLU A 354 1.41 8.35 -38.95
CA GLU A 354 0.72 7.11 -39.26
C GLU A 354 1.45 5.93 -38.64
N ARG A 355 2.78 5.94 -38.72
CA ARG A 355 3.54 4.85 -38.16
C ARG A 355 3.33 4.76 -36.66
N GLY A 356 3.31 5.91 -35.98
CA GLY A 356 3.03 5.93 -34.56
C GLY A 356 1.70 5.30 -34.23
N ILE A 357 0.69 5.53 -35.06
CA ILE A 357 -0.60 4.90 -34.80
C ILE A 357 -0.47 3.38 -34.85
N ASP A 358 0.32 2.86 -35.78
CA ASP A 358 0.43 1.42 -35.89
C ASP A 358 1.20 0.83 -34.71
N ASN A 359 2.34 1.42 -34.37
CA ASN A 359 3.17 0.90 -33.28
C ASN A 359 2.63 1.28 -31.89
N PHE A 360 2.34 2.56 -31.68
CA PHE A 360 1.85 3.05 -30.40
C PHE A 360 0.38 3.40 -30.55
N SER A 361 -0.45 2.37 -30.71
CA SER A 361 -1.86 2.55 -31.03
C SER A 361 -2.66 3.25 -29.94
N THR A 362 -2.13 3.34 -28.71
CA THR A 362 -2.86 3.91 -27.59
C THR A 362 -2.42 5.32 -27.23
N ASP A 363 -1.48 5.90 -27.97
CA ASP A 363 -0.96 7.22 -27.66
C ASP A 363 -1.73 8.28 -28.46
N PHE A 364 -2.48 9.11 -27.72
CA PHE A 364 -3.42 10.05 -28.34
C PHE A 364 -2.74 10.98 -29.33
N ARG A 365 -1.46 11.29 -29.12
CA ARG A 365 -0.81 12.33 -29.88
C ARG A 365 -0.71 11.98 -31.36
N PHE A 366 -0.46 10.70 -31.67
CA PHE A 366 -0.29 10.31 -33.06
C PHE A 366 -1.60 10.48 -33.85
N TYR A 367 -2.73 10.04 -33.30
CA TYR A 367 -4.00 10.25 -33.98
C TYR A 367 -4.28 11.74 -34.18
N LEU A 368 -3.92 12.55 -33.20
CA LEU A 368 -4.11 13.98 -33.31
C LEU A 368 -3.23 14.59 -34.38
N TRP A 369 -1.99 14.08 -34.53
CA TRP A 369 -1.12 14.61 -35.58
C TRP A 369 -1.69 14.32 -36.95
N ALA A 370 -2.20 13.10 -37.13
CA ALA A 370 -2.83 12.76 -38.40
C ALA A 370 -3.99 13.68 -38.69
N ILE A 371 -4.81 13.97 -37.68
CA ILE A 371 -5.94 14.86 -37.87
C ILE A 371 -5.45 16.25 -38.25
N LYS A 372 -4.38 16.72 -37.60
CA LYS A 372 -3.86 18.05 -37.89
C LYS A 372 -3.27 18.10 -39.30
N ILE A 373 -2.60 17.04 -39.72
CA ILE A 373 -1.85 17.08 -40.96
C ILE A 373 -2.76 16.77 -42.15
N ASP A 374 -3.46 15.64 -42.09
CA ASP A 374 -4.20 15.09 -43.25
C ASP A 374 -5.50 15.89 -43.48
N THR A 375 -5.32 17.12 -43.97
CA THR A 375 -6.45 18.04 -44.09
C THR A 375 -7.54 17.51 -45.00
N GLU A 376 -7.15 16.79 -46.05
CA GLU A 376 -8.12 16.29 -47.03
C GLU A 376 -9.08 15.29 -46.38
N ASN A 377 -8.57 14.49 -45.44
CA ASN A 377 -9.34 13.43 -44.77
C ASN A 377 -9.64 13.76 -43.32
N ARG A 378 -9.59 15.04 -42.95
CA ARG A 378 -9.68 15.44 -41.55
C ARG A 378 -10.84 14.74 -40.83
N ALA A 379 -12.04 14.85 -41.38
CA ALA A 379 -13.21 14.23 -40.76
C ALA A 379 -13.02 12.73 -40.57
N ASN A 380 -12.40 12.06 -41.54
CA ASN A 380 -12.17 10.64 -41.36
C ASN A 380 -11.10 10.39 -40.30
N ARG A 381 -10.02 11.18 -40.30
CA ARG A 381 -8.98 11.06 -39.30
C ARG A 381 -9.54 11.27 -37.89
N ILE A 382 -10.48 12.21 -37.73
CA ILE A 382 -11.12 12.42 -36.44
C ILE A 382 -11.92 11.20 -36.02
N SER A 383 -12.74 10.67 -36.95
CA SER A 383 -13.56 9.51 -36.65
C SER A 383 -12.72 8.32 -36.21
N GLU A 384 -11.58 8.10 -36.88
CA GLU A 384 -10.68 7.01 -36.52
C GLU A 384 -10.15 7.21 -35.10
N ALA A 385 -9.84 8.45 -34.75
CA ALA A 385 -9.34 8.71 -33.41
C ALA A 385 -10.41 8.39 -32.37
N MET A 386 -11.66 8.75 -32.64
CA MET A 386 -12.74 8.46 -31.69
C MET A 386 -12.89 6.97 -31.48
N ASP A 387 -12.63 6.17 -32.50
CA ASP A 387 -12.76 4.73 -32.36
C ASP A 387 -11.83 4.24 -31.27
N GLU A 388 -10.62 4.79 -31.21
CA GLU A 388 -9.63 4.40 -30.21
C GLU A 388 -9.87 5.11 -28.87
N PHE A 389 -10.45 6.31 -28.88
CA PHE A 389 -10.68 7.11 -27.68
C PHE A 389 -12.15 7.47 -27.57
N PRO A 390 -12.99 6.51 -27.17
CA PRO A 390 -14.43 6.75 -27.16
C PRO A 390 -14.93 7.63 -26.02
N ASN A 391 -14.09 8.01 -25.05
CA ASN A 391 -14.55 8.94 -24.02
C ASN A 391 -13.91 10.30 -24.10
N ASN A 392 -13.22 10.63 -25.18
CA ASN A 392 -12.55 11.89 -25.35
C ASN A 392 -13.51 12.91 -25.97
N ARG A 393 -13.74 14.01 -25.25
CA ARG A 393 -14.73 14.99 -25.69
C ARG A 393 -14.19 15.89 -26.79
N TYR A 394 -12.88 16.14 -26.81
CA TYR A 394 -12.31 17.02 -27.81
C TYR A 394 -12.55 16.49 -29.22
N LEU A 395 -12.27 15.20 -29.42
CA LEU A 395 -12.53 14.59 -30.71
C LEU A 395 -13.99 14.77 -31.11
N ALA A 396 -14.92 14.49 -30.18
CA ALA A 396 -16.34 14.63 -30.49
C ALA A 396 -16.70 16.06 -30.85
N LYS A 397 -16.07 17.04 -30.19
CA LYS A 397 -16.31 18.44 -30.55
C LYS A 397 -15.74 18.77 -31.93
N LEU A 398 -14.60 18.15 -32.28
CA LEU A 398 -13.97 18.38 -33.57
C LEU A 398 -14.84 17.89 -34.71
N LEU A 399 -15.34 16.65 -34.59
CA LEU A 399 -16.21 16.08 -35.63
C LEU A 399 -17.45 16.92 -35.82
N ASP A 400 -18.09 17.37 -34.74
CA ASP A 400 -19.27 18.19 -34.91
C ASP A 400 -18.96 19.47 -35.68
N GLU A 401 -17.77 20.05 -35.48
CA GLU A 401 -17.44 21.24 -36.24
C GLU A 401 -17.46 20.96 -37.73
N VAL A 402 -16.67 19.97 -38.17
CA VAL A 402 -16.67 19.60 -39.58
C VAL A 402 -18.06 19.12 -40.00
N THR A 403 -18.67 18.23 -39.21
CA THR A 403 -19.94 17.63 -39.58
C THR A 403 -21.07 18.65 -39.69
N MET A 404 -21.13 19.62 -38.79
CA MET A 404 -22.18 20.63 -38.89
C MET A 404 -22.00 21.51 -40.11
N LEU A 405 -20.76 21.88 -40.44
CA LEU A 405 -20.55 22.78 -41.56
C LEU A 405 -20.82 22.08 -42.89
N GLN A 406 -20.31 20.87 -43.04
CA GLN A 406 -20.66 20.08 -44.22
C GLN A 406 -22.16 19.90 -44.32
N ASP A 407 -22.78 19.36 -43.27
CA ASP A 407 -24.19 19.03 -43.33
C ASP A 407 -25.07 20.27 -43.56
N THR A 408 -24.57 21.47 -43.26
CA THR A 408 -25.40 22.65 -43.48
C THR A 408 -25.36 23.10 -44.93
N VAL A 409 -24.18 23.05 -45.55
CA VAL A 409 -24.00 23.51 -46.93
C VAL A 409 -24.54 22.48 -47.91
N THR A 410 -24.40 21.19 -47.60
CA THR A 410 -24.88 20.15 -48.50
C THR A 410 -26.38 20.03 -48.46
N ASN A 411 -26.99 20.10 -47.26
CA ASN A 411 -28.43 19.95 -47.15
C ASN A 411 -29.18 21.17 -47.70
N ASN A 412 -28.62 22.36 -47.52
CA ASN A 412 -29.22 23.57 -48.10
C ASN A 412 -28.53 23.88 -49.44
N GLU B 11 -39.16 17.38 -25.51
CA GLU B 11 -40.39 16.80 -26.02
C GLU B 11 -40.14 15.40 -26.55
N ILE B 12 -39.26 15.28 -27.54
CA ILE B 12 -38.89 13.96 -28.05
C ILE B 12 -38.09 13.19 -27.00
N ARG B 13 -37.21 13.87 -26.27
CA ARG B 13 -36.41 13.20 -25.26
C ARG B 13 -37.29 12.56 -24.19
N LYS B 14 -38.34 13.27 -23.76
CA LYS B 14 -39.28 12.71 -22.78
C LYS B 14 -40.02 11.49 -23.33
N LEU B 15 -40.34 11.49 -24.63
CA LEU B 15 -41.05 10.36 -25.24
C LEU B 15 -40.21 9.10 -25.26
N LEU B 16 -38.95 9.21 -25.71
CA LEU B 16 -38.10 8.04 -25.83
C LEU B 16 -37.88 7.34 -24.51
N GLN B 17 -37.88 8.09 -23.40
CA GLN B 17 -37.75 7.48 -22.08
C GLN B 17 -38.90 6.51 -21.81
N GLU B 18 -40.15 6.97 -22.01
CA GLU B 18 -41.30 6.11 -21.75
C GLU B 18 -41.34 4.89 -22.67
N ILE B 19 -40.81 5.00 -23.88
CA ILE B 19 -40.73 3.85 -24.78
C ILE B 19 -39.79 2.79 -24.19
N LYS B 20 -38.61 3.23 -23.74
CA LYS B 20 -37.62 2.31 -23.17
C LYS B 20 -38.15 1.60 -21.93
N LYS B 21 -38.97 2.29 -21.12
CA LYS B 21 -39.48 1.68 -19.90
C LYS B 21 -40.26 0.40 -20.21
N GLN B 22 -41.10 0.41 -21.24
CA GLN B 22 -41.87 -0.78 -21.59
C GLN B 22 -40.96 -1.96 -21.92
N VAL B 23 -39.95 -1.72 -22.74
CA VAL B 23 -38.99 -2.75 -23.08
C VAL B 23 -38.11 -3.12 -21.88
N THR B 31 -48.12 -1.08 -25.25
CA THR B 31 -48.24 -1.37 -26.68
C THR B 31 -49.13 -0.34 -27.39
N THR B 32 -50.42 -0.32 -27.02
CA THR B 32 -51.33 0.70 -27.57
C THR B 32 -51.02 2.08 -26.98
N GLU B 33 -50.65 2.12 -25.70
CA GLU B 33 -50.42 3.39 -25.00
C GLU B 33 -49.30 4.21 -25.63
N ILE B 34 -48.28 3.56 -26.22
CA ILE B 34 -47.13 4.29 -26.75
C ILE B 34 -47.54 5.21 -27.89
N LYS B 35 -48.35 4.71 -28.83
CA LYS B 35 -48.79 5.54 -29.97
C LYS B 35 -49.50 6.81 -29.49
N LYS B 36 -50.26 6.70 -28.41
CA LYS B 36 -50.93 7.86 -27.84
C LYS B 36 -49.95 8.88 -27.26
N MET B 37 -48.86 8.42 -26.65
CA MET B 37 -47.88 9.35 -26.11
C MET B 37 -47.23 10.19 -27.20
N ALA B 38 -46.87 9.56 -28.32
CA ALA B 38 -46.25 10.28 -29.43
C ALA B 38 -47.20 11.29 -30.05
N SER B 39 -48.45 10.89 -30.26
CA SER B 39 -49.43 11.78 -30.88
C SER B 39 -49.64 13.04 -30.05
N GLU B 40 -49.61 12.90 -28.71
CA GLU B 40 -49.79 14.06 -27.84
C GLU B 40 -48.63 15.05 -27.98
N ALA B 41 -47.41 14.56 -28.16
CA ALA B 41 -46.23 15.41 -28.29
C ALA B 41 -45.88 15.72 -29.74
N GLY B 42 -46.81 15.47 -30.66
CA GLY B 42 -46.61 15.84 -32.05
C GLY B 42 -45.66 14.93 -32.78
N ILE B 43 -45.56 13.68 -32.35
CA ILE B 43 -44.69 12.70 -32.98
C ILE B 43 -45.55 11.69 -33.72
N ASP B 44 -45.09 11.30 -34.91
CA ASP B 44 -45.82 10.34 -35.73
C ASP B 44 -45.89 9.00 -35.02
N GLU B 45 -47.12 8.47 -34.88
CA GLU B 45 -47.32 7.23 -34.15
C GLU B 45 -46.58 6.06 -34.82
N GLN B 46 -46.58 6.00 -36.14
CA GLN B 46 -45.88 4.92 -36.84
C GLN B 46 -44.38 4.96 -36.57
N THR B 47 -43.76 6.14 -36.69
CA THR B 47 -42.32 6.25 -36.43
C THR B 47 -42.02 5.89 -34.98
N ALA B 48 -42.90 6.28 -34.05
CA ALA B 48 -42.76 5.84 -32.67
C ALA B 48 -42.96 4.34 -32.56
N GLU B 49 -43.94 3.80 -33.30
CA GLU B 49 -44.18 2.36 -33.30
C GLU B 49 -42.97 1.59 -33.81
N GLU B 50 -42.31 2.10 -34.84
CA GLU B 50 -41.13 1.43 -35.38
C GLU B 50 -40.01 1.37 -34.36
N ILE B 51 -39.83 2.44 -33.59
CA ILE B 51 -38.79 2.49 -32.58
C ILE B 51 -39.04 1.47 -31.47
N TYR B 52 -40.30 1.31 -31.06
CA TYR B 52 -40.64 0.35 -30.00
C TYR B 52 -40.34 -1.08 -30.43
N HIS B 53 -40.69 -1.43 -31.67
CA HIS B 53 -40.35 -2.77 -32.16
C HIS B 53 -38.83 -2.93 -32.27
N LEU B 54 -38.15 -1.91 -32.78
CA LEU B 54 -36.70 -1.98 -32.95
C LEU B 54 -35.98 -2.07 -31.59
N LEU B 55 -36.48 -1.36 -30.59
CA LEU B 55 -35.84 -1.42 -29.28
C LEU B 55 -36.06 -2.79 -28.62
N THR B 56 -37.30 -3.28 -28.62
CA THR B 56 -37.58 -4.58 -28.04
C THR B 56 -36.82 -5.68 -28.76
N GLU B 57 -36.73 -5.61 -30.09
CA GLU B 57 -35.95 -6.60 -30.82
C GLU B 57 -34.48 -6.54 -30.42
N PHE B 58 -33.94 -5.33 -30.21
CA PHE B 58 -32.55 -5.17 -29.77
C PHE B 58 -32.34 -5.72 -28.37
N TYR B 59 -33.22 -5.35 -27.43
CA TYR B 59 -33.06 -5.82 -26.06
C TYR B 59 -33.21 -7.34 -25.97
N GLN B 60 -34.16 -7.89 -26.74
CA GLN B 60 -34.22 -9.35 -26.87
C GLN B 60 -32.96 -9.88 -27.52
N ALA B 61 -32.47 -9.20 -28.56
CA ALA B 61 -31.23 -9.61 -29.21
C ALA B 61 -30.04 -9.53 -28.26
N VAL B 62 -30.06 -8.56 -27.34
CA VAL B 62 -28.97 -8.46 -26.36
C VAL B 62 -28.94 -9.70 -25.48
N GLU B 63 -30.12 -10.22 -25.14
CA GLU B 63 -30.21 -11.46 -24.38
C GLU B 63 -29.97 -12.69 -25.25
N GLU B 64 -30.29 -12.61 -26.54
CA GLU B 64 -29.97 -13.70 -27.46
C GLU B 64 -28.46 -13.91 -27.57
N HIS B 65 -27.67 -12.85 -27.36
CA HIS B 65 -26.22 -12.93 -27.32
C HIS B 65 -25.66 -13.12 -25.91
N GLY B 66 -26.52 -13.37 -24.94
CA GLY B 66 -26.11 -13.63 -23.58
C GLY B 66 -26.72 -12.62 -22.62
N GLY B 67 -25.86 -11.83 -21.97
CA GLY B 67 -26.28 -10.77 -21.10
C GLY B 67 -25.79 -9.43 -21.64
N ILE B 68 -26.35 -8.35 -21.09
CA ILE B 68 -25.91 -7.02 -21.51
C ILE B 68 -24.41 -6.86 -21.24
N GLU B 69 -23.96 -7.23 -20.03
CA GLU B 69 -22.53 -7.23 -19.74
C GLU B 69 -21.77 -8.19 -20.65
N LYS B 70 -22.36 -9.35 -20.93
CA LYS B 70 -21.72 -10.32 -21.81
C LYS B 70 -21.58 -9.77 -23.23
N TYR B 71 -22.66 -9.18 -23.75
CA TYR B 71 -22.61 -8.62 -25.09
C TYR B 71 -21.55 -7.53 -25.21
N MET B 72 -21.44 -6.66 -24.20
CA MET B 72 -20.46 -5.58 -24.23
C MET B 72 -19.03 -6.12 -24.32
N HIS B 73 -18.75 -7.24 -23.69
CA HIS B 73 -17.41 -7.81 -23.71
C HIS B 73 -17.18 -8.78 -24.87
N SER B 74 -18.20 -9.07 -25.66
CA SER B 74 -18.05 -9.91 -26.84
C SER B 74 -17.26 -9.17 -27.91
N ASN B 75 -16.78 -9.91 -28.91
CA ASN B 75 -16.04 -9.28 -30.00
C ASN B 75 -16.95 -8.54 -30.96
N ILE B 76 -18.25 -8.57 -30.73
CA ILE B 76 -19.22 -7.87 -31.57
C ILE B 76 -19.42 -6.46 -31.01
N SER B 77 -19.05 -5.45 -31.80
CA SER B 77 -19.18 -4.05 -31.37
C SER B 77 -20.61 -3.54 -31.53
N TRP B 78 -21.24 -3.84 -32.66
CA TRP B 78 -22.56 -3.34 -32.97
C TRP B 78 -23.40 -4.50 -33.47
N LEU B 79 -24.71 -4.40 -33.32
CA LEU B 79 -25.65 -5.36 -33.88
C LEU B 79 -26.42 -4.72 -35.01
N LYS B 80 -26.75 -5.51 -36.03
CA LYS B 80 -27.54 -4.98 -37.12
C LYS B 80 -28.82 -4.36 -36.57
N ILE B 81 -29.46 -5.04 -35.61
CA ILE B 81 -30.65 -4.48 -34.99
C ILE B 81 -30.28 -3.24 -34.18
N GLU B 82 -29.12 -3.25 -33.51
CA GLU B 82 -28.66 -2.05 -32.80
C GLU B 82 -28.39 -0.93 -33.78
N LEU B 83 -27.74 -1.23 -34.91
CA LEU B 83 -27.50 -0.22 -35.94
C LEU B 83 -28.81 0.27 -36.55
N GLU B 84 -29.78 -0.64 -36.76
CA GLU B 84 -31.09 -0.22 -37.24
C GLU B 84 -31.75 0.75 -36.26
N LEU B 85 -31.69 0.43 -34.96
CA LEU B 85 -32.30 1.27 -33.93
C LEU B 85 -31.64 2.64 -33.83
N LEU B 86 -30.32 2.70 -34.01
CA LEU B 86 -29.59 3.96 -33.92
C LEU B 86 -30.03 4.92 -35.02
N SER B 87 -29.96 4.48 -36.29
CA SER B 87 -30.40 5.29 -37.41
C SER B 87 -31.88 5.63 -37.32
N ALA B 88 -32.68 4.72 -36.76
CA ALA B 88 -34.09 5.04 -36.55
C ALA B 88 -34.24 6.16 -35.53
N CYS B 89 -33.47 6.10 -34.43
CA CYS B 89 -33.58 7.09 -33.36
C CYS B 89 -33.06 8.46 -33.81
N TYR B 90 -31.95 8.49 -34.55
CA TYR B 90 -31.44 9.78 -34.98
C TYR B 90 -32.42 10.45 -35.92
N GLN B 91 -32.99 9.69 -36.85
CA GLN B 91 -33.91 10.27 -37.82
C GLN B 91 -35.09 10.96 -37.12
N ILE B 92 -35.73 10.25 -36.19
CA ILE B 92 -36.92 10.81 -35.55
C ILE B 92 -36.56 12.00 -34.68
N ALA B 93 -35.40 11.96 -34.02
CA ALA B 93 -34.98 13.08 -33.18
C ALA B 93 -34.55 14.28 -34.01
N ILE B 94 -33.92 14.04 -35.16
CA ILE B 94 -33.44 15.16 -35.97
C ILE B 94 -34.60 15.99 -36.50
N LEU B 95 -35.71 15.33 -36.84
CA LEU B 95 -36.90 16.06 -37.32
C LEU B 95 -37.42 17.04 -36.29
N GLU B 96 -37.03 16.90 -35.02
CA GLU B 96 -37.39 17.82 -33.95
C GLU B 96 -36.32 18.90 -33.72
N ASP B 97 -35.53 19.22 -34.74
CA ASP B 97 -34.50 20.27 -34.67
C ASP B 97 -33.53 20.02 -33.52
N MET B 98 -33.30 18.76 -33.21
CA MET B 98 -32.36 18.37 -32.17
C MET B 98 -30.97 18.21 -32.75
N LYS B 99 -29.98 18.71 -32.02
CA LYS B 99 -28.60 18.66 -32.51
C LYS B 99 -28.05 17.23 -32.46
N VAL B 100 -27.06 16.96 -33.32
CA VAL B 100 -26.49 15.61 -33.36
C VAL B 100 -25.87 15.25 -32.01
N LEU B 101 -25.04 16.16 -31.48
CA LEU B 101 -24.39 15.94 -30.19
C LEU B 101 -25.41 15.73 -29.06
N ASP B 102 -26.54 16.45 -29.11
CA ASP B 102 -27.59 16.26 -28.12
C ASP B 102 -28.20 14.87 -28.23
N ILE B 103 -28.43 14.39 -29.46
CA ILE B 103 -28.95 13.05 -29.63
C ILE B 103 -27.91 12.03 -29.18
N SER B 104 -26.65 12.29 -29.47
CA SER B 104 -25.59 11.36 -29.06
C SER B 104 -25.58 11.19 -27.55
N GLU B 105 -25.55 12.29 -26.80
CA GLU B 105 -25.56 12.20 -25.36
C GLU B 105 -26.86 11.58 -24.86
N MET B 106 -27.99 11.98 -25.47
CA MET B 106 -29.29 11.54 -24.98
C MET B 106 -29.46 10.02 -25.09
N LEU B 107 -29.02 9.44 -26.19
CA LEU B 107 -29.21 8.01 -26.39
C LEU B 107 -28.11 7.18 -25.73
N SER B 108 -27.07 7.83 -25.21
CA SER B 108 -25.89 7.13 -24.73
C SER B 108 -26.06 6.68 -23.29
N LEU B 109 -24.97 6.14 -22.74
CA LEU B 109 -24.95 5.69 -21.36
C LEU B 109 -25.08 6.86 -20.39
N ASN B 110 -24.67 8.06 -20.81
CA ASN B 110 -24.72 9.24 -19.96
C ASN B 110 -26.13 9.78 -19.70
N ASP B 111 -27.13 9.33 -20.46
CA ASP B 111 -28.51 9.78 -20.28
C ASP B 111 -29.46 8.58 -20.21
N LEU B 112 -30.15 8.29 -21.32
CA LEU B 112 -31.26 7.35 -21.34
C LEU B 112 -30.80 5.90 -21.33
N ARG B 113 -29.51 5.62 -21.49
CA ARG B 113 -28.99 4.26 -21.53
C ARG B 113 -29.76 3.37 -22.50
N ILE B 114 -30.18 3.95 -23.62
CA ILE B 114 -30.78 3.15 -24.68
C ILE B 114 -29.73 2.27 -25.35
N PHE B 115 -28.51 2.79 -25.50
CA PHE B 115 -27.40 2.06 -26.11
C PHE B 115 -26.26 1.88 -25.10
N PRO B 116 -25.64 0.69 -25.03
CA PRO B 116 -24.47 0.48 -24.16
C PRO B 116 -23.20 1.09 -24.74
N LYS B 117 -23.31 2.35 -25.17
CA LYS B 117 -22.25 3.04 -25.90
C LYS B 117 -22.08 4.43 -25.32
N THR B 118 -20.95 5.04 -25.65
CA THR B 118 -20.65 6.38 -25.19
C THR B 118 -21.17 7.40 -26.20
N PRO B 119 -21.26 8.68 -25.83
CA PRO B 119 -21.71 9.69 -26.82
C PRO B 119 -20.79 9.75 -28.02
N SER B 120 -19.47 9.65 -27.79
CA SER B 120 -18.52 9.62 -28.89
C SER B 120 -18.81 8.45 -29.82
N GLN B 121 -19.17 7.31 -29.24
CA GLN B 121 -19.48 6.15 -30.05
C GLN B 121 -20.75 6.34 -30.86
N LEU B 122 -21.80 6.91 -30.27
CA LEU B 122 -23.04 7.07 -31.00
C LEU B 122 -22.87 8.06 -32.16
N GLN B 123 -22.26 9.21 -31.89
CA GLN B 123 -22.08 10.23 -32.92
C GLN B 123 -21.15 9.76 -34.04
N ASN B 124 -20.08 9.03 -33.68
CA ASN B 124 -19.15 8.51 -34.69
C ASN B 124 -19.83 7.49 -35.59
N THR B 125 -20.59 6.57 -35.01
CA THR B 125 -21.26 5.56 -35.81
C THR B 125 -22.40 6.14 -36.64
N TYR B 126 -23.12 7.12 -36.11
CA TYR B 126 -24.08 7.83 -36.96
C TYR B 126 -23.37 8.50 -38.13
N TYR B 127 -22.21 9.09 -37.87
CA TYR B 127 -21.42 9.64 -38.94
C TYR B 127 -21.03 8.56 -39.94
N LYS B 128 -20.56 7.41 -39.46
CA LYS B 128 -20.19 6.32 -40.34
C LYS B 128 -21.39 5.83 -41.16
N LEU B 129 -22.55 5.71 -40.53
CA LEU B 129 -23.75 5.30 -41.26
C LEU B 129 -24.11 6.32 -42.35
N LYS B 130 -24.17 7.61 -42.00
CA LYS B 130 -24.64 8.61 -42.97
C LYS B 130 -23.64 8.79 -44.10
N LYS B 131 -22.35 8.70 -43.80
CA LYS B 131 -21.32 8.80 -44.83
C LYS B 131 -21.03 7.45 -45.47
N GLU B 132 -21.86 6.44 -45.19
CA GLU B 132 -21.75 5.13 -45.80
C GLU B 132 -20.35 4.55 -45.69
N LEU B 133 -19.73 4.72 -44.52
CA LEU B 133 -18.46 4.06 -44.24
C LEU B 133 -18.64 2.64 -43.72
N ILE B 134 -19.83 2.28 -43.25
CA ILE B 134 -20.16 0.91 -42.86
C ILE B 134 -21.58 0.62 -43.32
N GLN B 135 -21.87 -0.65 -43.59
CA GLN B 135 -23.22 -1.06 -43.94
C GLN B 135 -23.92 -1.49 -42.65
N VAL B 136 -25.25 -1.61 -42.72
CA VAL B 136 -26.04 -1.90 -41.53
C VAL B 136 -26.01 -3.41 -41.28
N GLU B 137 -24.87 -3.89 -40.83
CA GLU B 137 -24.60 -5.27 -40.52
C GLU B 137 -23.95 -5.35 -39.14
N ASP B 138 -23.75 -6.57 -38.64
CA ASP B 138 -23.00 -6.73 -37.40
C ASP B 138 -21.56 -6.27 -37.63
N ILE B 139 -21.02 -5.52 -36.67
CA ILE B 139 -19.71 -4.90 -36.78
C ILE B 139 -18.82 -5.49 -35.69
N PRO B 140 -17.63 -6.00 -36.01
CA PRO B 140 -16.75 -6.54 -34.99
C PRO B 140 -15.75 -5.50 -34.46
N LYS B 141 -15.17 -5.83 -33.30
CA LYS B 141 -14.12 -5.00 -32.70
C LYS B 141 -12.78 -5.45 -33.27
N ASN B 142 -12.33 -4.77 -34.31
CA ASN B 142 -11.10 -5.13 -35.00
C ASN B 142 -10.67 -4.01 -35.93
N LYS B 158 18.29 -2.45 -41.52
CA LYS B 158 19.06 -1.22 -41.63
C LYS B 158 18.29 -0.15 -42.37
N THR B 159 17.05 0.07 -41.95
CA THR B 159 16.14 0.99 -42.61
C THR B 159 15.75 2.13 -41.67
N ASN B 160 15.75 3.35 -42.21
CA ASN B 160 15.46 4.51 -41.40
C ASN B 160 13.99 4.57 -41.06
N ILE B 161 13.69 5.44 -40.09
CA ILE B 161 12.33 5.89 -39.94
C ILE B 161 11.91 6.61 -41.22
N PHE B 162 12.86 7.26 -41.88
CA PHE B 162 12.61 7.90 -43.17
C PHE B 162 12.43 6.88 -44.29
N GLY B 163 13.12 5.75 -44.21
CA GLY B 163 13.03 4.71 -45.22
C GLY B 163 14.34 4.41 -45.92
N LYS B 164 15.33 5.30 -45.84
CA LYS B 164 16.60 5.11 -46.51
C LYS B 164 17.40 3.97 -45.84
N VAL B 165 18.55 3.63 -46.41
CA VAL B 165 19.33 2.48 -46.00
C VAL B 165 20.52 2.96 -45.18
N VAL B 166 20.69 2.35 -44.00
CA VAL B 166 21.78 2.71 -43.09
C VAL B 166 22.95 1.78 -43.40
N PRO B 167 24.08 2.30 -43.93
CA PRO B 167 25.28 1.51 -44.22
C PRO B 167 25.88 0.85 -42.97
N HIS C 9 -23.35 -2.61 6.40
CA HIS C 9 -23.63 -3.65 7.39
C HIS C 9 -23.05 -5.00 6.93
N TYR C 10 -22.09 -4.94 6.00
CA TYR C 10 -21.27 -6.05 5.54
C TYR C 10 -19.85 -5.88 6.08
N ILE C 11 -19.15 -7.00 6.30
CA ILE C 11 -17.83 -6.88 6.93
C ILE C 11 -16.79 -6.28 5.99
N TRP C 12 -16.95 -6.43 4.67
CA TRP C 12 -16.02 -5.78 3.77
C TRP C 12 -16.11 -4.27 3.90
N ALA C 13 -17.31 -3.75 4.16
CA ALA C 13 -17.47 -2.31 4.34
C ALA C 13 -16.77 -1.83 5.61
N LYS C 14 -16.95 -2.53 6.73
CA LYS C 14 -16.30 -2.13 7.97
C LYS C 14 -14.79 -2.03 7.80
N LEU C 15 -14.19 -3.04 7.15
CA LEU C 15 -12.75 -3.07 7.00
C LEU C 15 -12.25 -1.99 6.04
N SER C 16 -13.05 -1.68 5.00
CA SER C 16 -12.74 -0.57 4.09
C SER C 16 -12.73 0.76 4.83
N ALA C 17 -13.76 1.01 5.63
CA ALA C 17 -13.77 2.22 6.42
C ALA C 17 -12.57 2.24 7.38
N TYR C 18 -12.24 1.09 7.96
CA TYR C 18 -11.07 1.03 8.82
C TYR C 18 -9.80 1.28 8.02
N HIS C 19 -9.65 0.67 6.84
CA HIS C 19 -8.44 0.91 6.03
C HIS C 19 -8.28 2.40 5.76
N ILE C 20 -9.39 3.07 5.40
CA ILE C 20 -9.28 4.49 5.10
C ILE C 20 -8.92 5.27 6.35
N ALA C 21 -9.61 5.00 7.46
CA ALA C 21 -9.27 5.66 8.72
C ALA C 21 -7.82 5.43 9.08
N GLU C 22 -7.33 4.21 8.90
CA GLU C 22 -5.94 3.93 9.21
C GLU C 22 -5.01 4.65 8.23
N LEU C 23 -5.37 4.67 6.95
CA LEU C 23 -4.53 5.32 5.95
C LEU C 23 -4.39 6.80 6.25
N LEU C 24 -5.51 7.45 6.56
CA LEU C 24 -5.49 8.87 6.89
C LEU C 24 -4.67 9.11 8.14
N GLU C 25 -4.80 8.23 9.15
CA GLU C 25 -3.99 8.39 10.35
C GLU C 25 -2.50 8.27 10.03
N GLN C 26 -2.13 7.34 9.13
CA GLN C 26 -0.73 7.18 8.76
C GLN C 26 -0.21 8.42 8.02
N GLU C 27 -1.08 9.10 7.28
CA GLU C 27 -0.74 10.37 6.66
C GLU C 27 -0.90 11.56 7.61
N LYS C 28 -1.19 11.34 8.88
CA LYS C 28 -1.35 12.41 9.86
C LYS C 28 -2.50 13.36 9.52
N ARG C 29 -3.42 12.92 8.67
CA ARG C 29 -4.66 13.66 8.41
C ARG C 29 -5.70 13.33 9.49
N TYR C 30 -5.34 13.73 10.73
CA TYR C 30 -6.05 13.25 11.92
C TYR C 30 -7.51 13.67 11.96
N ASP C 31 -7.83 14.88 11.53
CA ASP C 31 -9.23 15.30 11.53
C ASP C 31 -10.05 14.42 10.59
N GLU C 32 -9.54 14.14 9.38
CA GLU C 32 -10.29 13.30 8.47
C GLU C 32 -10.43 11.89 9.02
N SER C 33 -9.37 11.37 9.64
CA SER C 33 -9.42 10.04 10.22
C SER C 33 -10.46 9.98 11.32
N LEU C 34 -10.47 11.00 12.20
CA LEU C 34 -11.47 11.03 13.25
C LEU C 34 -12.88 11.14 12.66
N ALA C 35 -13.01 11.84 11.52
CA ALA C 35 -14.29 11.97 10.87
C ALA C 35 -14.83 10.62 10.42
N ILE C 36 -13.99 9.78 9.84
CA ILE C 36 -14.49 8.46 9.49
C ILE C 36 -14.83 7.67 10.73
N ILE C 37 -14.01 7.79 11.78
CA ILE C 37 -14.27 7.04 13.00
C ILE C 37 -15.61 7.43 13.60
N GLU C 38 -15.90 8.73 13.70
CA GLU C 38 -17.19 9.12 14.26
C GLU C 38 -18.32 8.65 13.36
N GLU C 39 -18.06 8.57 12.05
CA GLU C 39 -19.03 8.01 11.12
C GLU C 39 -19.21 6.51 11.34
N ALA C 40 -18.11 5.79 11.58
CA ALA C 40 -18.21 4.35 11.81
C ALA C 40 -18.95 4.06 13.11
N ARG C 41 -18.71 4.88 14.13
CA ARG C 41 -19.33 4.63 15.40
C ARG C 41 -20.85 4.67 15.30
N VAL C 42 -21.41 5.42 14.34
CA VAL C 42 -22.86 5.41 14.17
C VAL C 42 -23.29 4.16 13.43
N ILE C 43 -22.61 3.86 12.32
CA ILE C 43 -22.98 2.71 11.50
C ILE C 43 -22.71 1.39 12.22
N TRP C 44 -21.53 1.27 12.81
CA TRP C 44 -21.09 0.02 13.42
C TRP C 44 -20.66 0.25 14.85
N PRO C 45 -21.61 0.50 15.75
CA PRO C 45 -21.24 0.72 17.16
C PRO C 45 -20.64 -0.49 17.85
N ASN C 46 -20.88 -1.70 17.36
CA ASN C 46 -20.28 -2.86 18.02
C ASN C 46 -18.81 -3.02 17.68
N VAL C 47 -18.30 -2.32 16.67
CA VAL C 47 -16.92 -2.50 16.20
C VAL C 47 -15.96 -1.70 17.07
N PRO C 48 -15.16 -2.36 17.90
CA PRO C 48 -14.30 -1.62 18.85
C PRO C 48 -13.08 -1.01 18.22
N GLU C 49 -12.66 -1.46 17.05
CA GLU C 49 -11.39 -0.98 16.51
C GLU C 49 -11.46 0.51 16.20
N PHE C 50 -12.66 1.02 15.88
CA PHE C 50 -12.79 2.45 15.58
C PHE C 50 -12.56 3.31 16.82
N PRO C 51 -13.25 3.08 17.95
CA PRO C 51 -12.92 3.87 19.15
C PRO C 51 -11.46 3.72 19.57
N LEU C 52 -10.92 2.51 19.47
CA LEU C 52 -9.51 2.30 19.79
C LEU C 52 -8.60 3.18 18.95
N LYS C 53 -8.99 3.48 17.71
CA LYS C 53 -8.14 4.36 16.92
C LYS C 53 -8.31 5.79 17.37
N LYS C 54 -9.56 6.21 17.62
CA LYS C 54 -9.81 7.53 18.17
C LYS C 54 -8.95 7.75 19.39
N ALA C 55 -9.00 6.81 20.34
CA ALA C 55 -8.18 6.92 21.54
C ALA C 55 -6.72 7.06 21.19
N ASN C 56 -6.24 6.29 20.21
CA ASN C 56 -4.84 6.39 19.83
C ASN C 56 -4.54 7.73 19.18
N ILE C 57 -5.47 8.26 18.39
CA ILE C 57 -5.25 9.55 17.76
C ILE C 57 -5.21 10.64 18.82
N LEU C 58 -6.12 10.57 19.78
CA LEU C 58 -6.15 11.53 20.87
C LEU C 58 -4.91 11.42 21.74
N TYR C 59 -4.41 10.20 21.92
CA TYR C 59 -3.22 10.04 22.74
C TYR C 59 -2.04 10.76 22.11
N VAL C 60 -1.78 10.50 20.83
CA VAL C 60 -0.60 11.12 20.22
C VAL C 60 -0.81 12.60 20.06
N ASN C 61 -2.07 13.04 19.98
CA ASN C 61 -2.40 14.45 19.87
C ASN C 61 -2.59 15.12 21.21
N HIS C 62 -2.17 14.46 22.29
CA HIS C 62 -1.99 15.04 23.61
C HIS C 62 -3.30 15.33 24.32
N GLN C 63 -4.38 14.66 23.93
CA GLN C 63 -5.63 14.76 24.65
C GLN C 63 -5.83 13.49 25.46
N LEU C 64 -4.98 13.38 26.50
CA LEU C 64 -4.84 12.16 27.27
C LEU C 64 -6.10 11.82 28.06
N GLU C 65 -6.80 12.82 28.55
CA GLU C 65 -7.98 12.54 29.34
C GLU C 65 -9.07 11.95 28.47
N ASP C 66 -9.23 12.47 27.26
CA ASP C 66 -10.19 11.94 26.30
C ASP C 66 -9.75 10.56 25.82
N ALA C 67 -8.44 10.41 25.58
CA ALA C 67 -7.91 9.10 25.19
C ALA C 67 -8.14 8.08 26.28
N LYS C 68 -7.86 8.47 27.52
CA LYS C 68 -8.08 7.59 28.67
C LYS C 68 -9.53 7.14 28.73
N GLU C 69 -10.47 8.08 28.58
CA GLU C 69 -11.89 7.75 28.66
C GLU C 69 -12.26 6.68 27.64
N ILE C 70 -11.74 6.77 26.43
CA ILE C 70 -12.13 5.81 25.40
C ILE C 70 -11.54 4.45 25.70
N TYR C 71 -10.26 4.41 26.09
CA TYR C 71 -9.62 3.14 26.45
C TYR C 71 -10.35 2.48 27.60
N GLN C 72 -10.70 3.27 28.60
CA GLN C 72 -11.46 2.78 29.73
C GLN C 72 -12.78 2.20 29.28
N SER C 73 -13.48 2.91 28.38
CA SER C 73 -14.78 2.46 27.91
C SER C 73 -14.68 1.17 27.10
N LEU C 74 -13.57 0.97 26.40
CA LEU C 74 -13.37 -0.26 25.64
C LEU C 74 -13.28 -1.46 26.56
N LEU C 75 -12.71 -1.28 27.75
CA LEU C 75 -12.77 -2.28 28.79
C LEU C 75 -14.09 -2.19 29.55
N GLU C 76 -14.71 -3.32 29.83
CA GLU C 76 -15.92 -3.31 30.64
C GLU C 76 -16.99 -2.35 30.13
N ASN C 77 -17.79 -2.77 29.14
CA ASN C 77 -18.96 -2.01 28.71
C ASN C 77 -20.23 -2.85 28.71
N ALA C 78 -21.28 -2.30 29.34
CA ALA C 78 -22.62 -2.88 29.38
C ALA C 78 -23.56 -2.25 28.34
N ALA C 79 -23.17 -1.12 27.73
CA ALA C 79 -23.96 -0.39 26.72
C ALA C 79 -23.70 -0.87 25.30
N ILE C 80 -22.44 -1.13 24.96
CA ILE C 80 -22.03 -1.68 23.67
C ILE C 80 -21.35 -3.01 23.95
N ASP C 81 -21.72 -4.04 23.19
CA ASP C 81 -21.04 -5.33 23.27
C ASP C 81 -20.01 -5.44 22.15
N TYR C 82 -18.92 -4.69 22.31
CA TYR C 82 -17.84 -4.64 21.35
C TYR C 82 -17.46 -6.04 20.89
N GLN C 83 -17.53 -6.27 19.58
CA GLN C 83 -17.14 -7.52 18.93
C GLN C 83 -16.06 -7.19 17.91
N PRO C 84 -14.78 -7.48 18.17
CA PRO C 84 -13.73 -7.10 17.23
C PRO C 84 -13.89 -7.78 15.89
N ILE C 85 -13.43 -7.08 14.86
CA ILE C 85 -13.51 -7.61 13.50
C ILE C 85 -12.13 -7.90 12.92
N VAL C 86 -11.06 -7.31 13.42
CA VAL C 86 -9.74 -7.62 12.91
C VAL C 86 -8.69 -7.59 14.03
N LEU C 87 -8.81 -6.65 14.98
CA LEU C 87 -7.90 -6.55 16.12
C LEU C 87 -8.58 -7.11 17.36
N TYR C 88 -8.24 -8.34 17.73
CA TYR C 88 -8.89 -9.01 18.83
C TYR C 88 -8.32 -8.59 20.18
N GLU C 89 -7.23 -7.84 20.17
CA GLU C 89 -6.72 -7.19 21.36
C GLU C 89 -7.33 -5.82 21.55
N ALA C 90 -8.31 -5.45 20.74
CA ALA C 90 -8.87 -4.09 20.81
C ALA C 90 -9.58 -3.82 22.14
N THR C 91 -10.02 -4.86 22.84
CA THR C 91 -10.77 -4.73 24.08
C THR C 91 -10.03 -5.27 25.29
N ASN C 92 -8.76 -5.64 25.14
CA ASN C 92 -7.98 -6.19 26.23
C ASN C 92 -6.61 -5.54 26.31
N PHE C 93 -5.69 -6.10 25.53
CA PHE C 93 -4.30 -5.79 25.71
C PHE C 93 -4.03 -4.33 25.40
N MET C 94 -4.49 -3.85 24.24
CA MET C 94 -4.12 -2.50 23.83
C MET C 94 -4.72 -1.42 24.75
N PRO C 95 -6.00 -1.46 25.14
CA PRO C 95 -6.46 -0.49 26.16
C PRO C 95 -5.70 -0.57 27.47
N HIS C 96 -5.36 -1.77 27.95
CA HIS C 96 -4.57 -1.88 29.17
C HIS C 96 -3.20 -1.24 28.96
N LYS C 97 -2.53 -1.56 27.86
CA LYS C 97 -1.21 -1.03 27.59
C LYS C 97 -1.25 0.48 27.47
N MET C 98 -2.29 1.02 26.84
CA MET C 98 -2.38 2.47 26.71
C MET C 98 -2.78 3.12 28.03
N LEU C 99 -3.68 2.51 28.78
CA LEU C 99 -4.02 3.08 30.07
C LEU C 99 -2.78 3.12 30.96
N GLY C 100 -1.96 2.07 30.92
CA GLY C 100 -0.71 2.09 31.65
C GLY C 100 0.23 3.18 31.18
N THR C 101 0.35 3.37 29.87
CA THR C 101 1.22 4.43 29.35
C THR C 101 0.74 5.81 29.80
N ILE C 102 -0.57 6.06 29.70
CA ILE C 102 -1.13 7.35 30.09
C ILE C 102 -0.93 7.57 31.58
N TYR C 103 -1.23 6.55 32.39
CA TYR C 103 -1.09 6.71 33.84
C TYR C 103 0.37 6.89 34.21
N LEU C 104 1.29 6.23 33.51
CA LEU C 104 2.70 6.45 33.76
C LEU C 104 3.09 7.88 33.41
N GLU C 105 2.67 8.35 32.24
CA GLU C 105 2.96 9.73 31.90
C GLU C 105 2.34 10.67 32.92
N GLU C 106 1.19 10.30 33.49
CA GLU C 106 0.52 11.12 34.50
C GLU C 106 1.12 10.97 35.89
N LYS C 107 2.18 10.18 36.04
CA LYS C 107 2.87 9.96 37.31
C LYS C 107 1.98 9.25 38.34
N ASP C 108 0.91 8.58 37.91
CA ASP C 108 0.13 7.68 38.76
C ASP C 108 0.70 6.28 38.64
N TYR C 109 1.86 6.10 39.29
CA TYR C 109 2.66 4.90 39.08
C TYR C 109 1.91 3.62 39.46
N THR C 110 1.10 3.67 40.52
CA THR C 110 0.39 2.46 40.98
C THR C 110 -0.67 2.01 39.99
N ARG C 111 -1.50 2.94 39.49
CA ARG C 111 -2.49 2.57 38.48
C ARG C 111 -1.79 2.12 37.22
N ALA C 112 -0.65 2.76 36.91
CA ALA C 112 0.11 2.37 35.74
C ALA C 112 0.56 0.92 35.88
N MET C 113 1.04 0.52 37.06
CA MET C 113 1.48 -0.86 37.23
C MET C 113 0.32 -1.85 37.12
N THR C 114 -0.88 -1.47 37.58
CA THR C 114 -1.98 -2.43 37.49
C THR C 114 -2.28 -2.77 36.05
N HIS C 115 -2.37 -1.75 35.19
CA HIS C 115 -2.69 -1.96 33.77
C HIS C 115 -1.53 -2.64 33.05
N PHE C 116 -0.30 -2.25 33.35
CA PHE C 116 0.85 -2.94 32.79
C PHE C 116 0.82 -4.42 33.15
N SER C 117 0.56 -4.71 34.42
CA SER C 117 0.44 -6.11 34.84
C SER C 117 -0.67 -6.80 34.05
N LYS C 118 -1.79 -6.11 33.85
CA LYS C 118 -2.91 -6.75 33.18
C LYS C 118 -2.63 -6.92 31.70
N ALA C 119 -1.94 -5.97 31.08
CA ALA C 119 -1.58 -6.12 29.68
C ALA C 119 -0.51 -7.21 29.50
N TYR C 120 0.43 -7.31 30.45
CA TYR C 120 1.42 -8.37 30.35
C TYR C 120 0.79 -9.75 30.49
N ALA C 121 -0.24 -9.87 31.34
CA ALA C 121 -0.96 -11.13 31.44
C ALA C 121 -1.62 -11.47 30.10
N GLU C 122 -2.20 -10.46 29.44
CA GLU C 122 -2.90 -10.68 28.18
C GLU C 122 -1.91 -11.15 27.10
N ASN C 123 -0.91 -10.32 26.81
CA ASN C 123 0.09 -10.65 25.80
C ASN C 123 1.44 -10.50 26.52
N SER C 124 2.10 -11.63 26.77
CA SER C 124 3.34 -11.63 27.54
C SER C 124 4.56 -11.44 26.66
N SER C 125 4.38 -11.21 25.36
CA SER C 125 5.50 -11.11 24.42
C SER C 125 5.72 -9.69 23.94
N ASP C 126 5.04 -8.70 24.53
CA ASP C 126 5.19 -7.33 24.09
C ASP C 126 6.41 -6.76 24.81
N TYR C 127 7.48 -6.48 24.07
CA TYR C 127 8.63 -5.83 24.68
C TYR C 127 8.28 -4.45 25.20
N GLY C 128 7.22 -3.84 24.66
CA GLY C 128 6.85 -2.52 25.13
C GLY C 128 6.43 -2.52 26.59
N VAL C 129 5.45 -3.37 26.93
CA VAL C 129 4.99 -3.36 28.31
C VAL C 129 6.10 -3.87 29.22
N MET C 130 6.88 -4.84 28.77
CA MET C 130 7.99 -5.29 29.61
C MET C 130 8.98 -4.16 29.85
N PHE C 131 9.41 -3.49 28.79
CA PHE C 131 10.34 -2.37 28.92
C PHE C 131 9.78 -1.31 29.86
N GLN C 132 8.49 -1.01 29.74
CA GLN C 132 7.88 0.04 30.56
C GLN C 132 7.85 -0.35 32.02
N MET C 133 7.48 -1.59 32.30
CA MET C 133 7.44 -2.05 33.67
C MET C 133 8.82 -1.99 34.30
N ILE C 134 9.85 -2.41 33.55
CA ILE C 134 11.20 -2.40 34.12
C ILE C 134 11.60 -0.97 34.51
N MET C 135 11.35 -0.02 33.62
CA MET C 135 11.73 1.36 33.89
C MET C 135 10.93 1.94 35.04
N LEU C 136 9.65 1.58 35.14
CA LEU C 136 8.86 2.07 36.27
C LEU C 136 9.32 1.47 37.59
N LEU C 137 9.63 0.16 37.60
CA LEU C 137 10.14 -0.47 38.82
C LEU C 137 11.49 0.11 39.22
N SER C 138 12.35 0.42 38.25
CA SER C 138 13.66 1.00 38.57
C SER C 138 13.56 2.31 39.32
N LYS C 139 12.47 3.05 39.14
CA LYS C 139 12.31 4.27 39.90
C LYS C 139 12.27 3.99 41.40
N PHE C 140 11.65 2.87 41.79
CA PHE C 140 11.40 2.53 43.18
C PHE C 140 12.29 1.43 43.70
N HIS C 141 12.32 0.26 43.06
CA HIS C 141 12.99 -0.90 43.61
C HIS C 141 14.47 -0.96 43.19
N GLN C 142 15.22 -1.81 43.88
CA GLN C 142 16.62 -2.09 43.61
C GLN C 142 16.73 -3.15 42.52
N PRO C 143 17.88 -3.25 41.85
CA PRO C 143 17.98 -4.21 40.74
C PRO C 143 17.67 -5.65 41.12
N LYS C 144 18.10 -6.12 42.29
CA LYS C 144 17.80 -7.49 42.68
C LYS C 144 16.29 -7.71 42.83
N GLU C 145 15.57 -6.73 43.39
CA GLU C 145 14.13 -6.85 43.52
C GLU C 145 13.45 -6.88 42.16
N ILE C 146 13.93 -6.08 41.22
CA ILE C 146 13.32 -6.05 39.90
C ILE C 146 13.48 -7.38 39.19
N PHE C 147 14.69 -7.93 39.22
CA PHE C 147 14.91 -9.23 38.61
C PHE C 147 13.99 -10.28 39.22
N ALA C 148 13.74 -10.17 40.53
CA ALA C 148 12.75 -11.05 41.15
C ALA C 148 11.40 -10.88 40.49
N PHE C 149 11.00 -9.63 40.25
CA PHE C 149 9.74 -9.36 39.58
C PHE C 149 9.70 -9.99 38.20
N MET C 150 10.78 -9.81 37.41
CA MET C 150 10.83 -10.40 36.08
C MET C 150 10.80 -11.92 36.14
N GLU C 151 11.54 -12.51 37.10
CA GLU C 151 11.53 -13.95 37.22
C GLU C 151 10.15 -14.45 37.67
N ARG C 152 9.50 -13.72 38.59
CA ARG C 152 8.14 -14.07 39.03
C ARG C 152 7.16 -14.04 37.87
N HIS C 153 7.35 -13.10 36.94
CA HIS C 153 6.44 -12.88 35.83
C HIS C 153 6.91 -13.59 34.56
N HIS C 154 7.95 -14.44 34.64
CA HIS C 154 8.44 -15.21 33.51
C HIS C 154 8.75 -14.31 32.31
N PHE C 155 9.42 -13.18 32.56
CA PHE C 155 9.75 -12.27 31.47
C PHE C 155 10.61 -12.95 30.42
N ILE C 156 11.66 -13.66 30.86
CA ILE C 156 12.64 -14.24 29.94
C ILE C 156 12.10 -15.50 29.30
N SER C 157 11.24 -15.35 28.28
CA SER C 157 10.57 -16.49 27.67
C SER C 157 11.54 -17.38 26.90
N SER C 158 12.64 -16.81 26.42
CA SER C 158 13.63 -17.54 25.65
C SER C 158 14.95 -16.81 25.79
N THR C 159 16.01 -17.42 25.26
CA THR C 159 17.29 -16.72 25.27
C THR C 159 17.20 -15.45 24.43
N GLU C 160 16.47 -15.51 23.31
CA GLU C 160 16.32 -14.32 22.46
C GLU C 160 15.55 -13.21 23.16
N THR C 161 14.47 -13.55 23.87
CA THR C 161 13.73 -12.51 24.58
C THR C 161 14.62 -11.82 25.60
N GLY C 162 15.48 -12.59 26.28
CA GLY C 162 16.41 -11.99 27.21
C GLY C 162 17.40 -11.08 26.53
N LEU C 163 17.86 -11.46 25.32
CA LEU C 163 18.75 -10.56 24.60
C LEU C 163 18.04 -9.27 24.25
N ARG C 164 16.84 -9.36 23.66
CA ARG C 164 16.09 -8.16 23.34
C ARG C 164 15.84 -7.33 24.59
N LEU C 165 15.60 -7.99 25.73
CA LEU C 165 15.54 -7.29 27.00
C LEU C 165 16.88 -6.67 27.35
N LEU C 166 17.97 -7.36 27.02
CA LEU C 166 19.29 -6.85 27.38
C LEU C 166 19.64 -5.59 26.62
N SER C 167 19.18 -5.49 25.37
CA SER C 167 19.41 -4.28 24.59
C SER C 167 18.77 -3.07 25.24
N MET C 168 17.59 -3.24 25.87
CA MET C 168 16.94 -2.12 26.55
C MET C 168 17.68 -1.71 27.83
N THR C 169 17.92 -2.66 28.73
CA THR C 169 18.47 -2.32 30.04
C THR C 169 19.87 -1.72 29.94
N THR C 170 20.70 -2.25 29.04
CA THR C 170 22.05 -1.74 28.88
C THR C 170 22.07 -0.32 28.33
N GLN C 171 21.15 0.00 27.41
CA GLN C 171 21.12 1.34 26.84
C GLN C 171 20.63 2.37 27.85
N GLN C 172 19.80 1.93 28.80
CA GLN C 172 19.30 2.79 29.86
C GLN C 172 20.32 3.02 30.96
N GLY C 173 21.38 2.20 31.03
CA GLY C 173 22.37 2.33 32.07
C GLY C 173 22.14 1.48 33.28
N TYR C 174 21.29 0.46 33.17
CA TYR C 174 20.94 -0.45 34.27
C TYR C 174 22.00 -1.56 34.34
N ALA C 175 23.17 -1.22 34.87
CA ALA C 175 24.28 -2.18 34.85
C ALA C 175 24.00 -3.39 35.73
N GLU C 176 23.60 -3.17 36.98
CA GLU C 176 23.38 -4.29 37.88
C GLU C 176 22.24 -5.17 37.38
N LEU C 177 21.16 -4.55 36.94
CA LEU C 177 20.04 -5.33 36.43
C LEU C 177 20.48 -6.15 35.22
N SER C 178 21.16 -5.50 34.25
CA SER C 178 21.62 -6.22 33.07
C SER C 178 22.52 -7.38 33.47
N GLU C 179 23.37 -7.18 34.48
CA GLU C 179 24.22 -8.27 34.93
C GLU C 179 23.39 -9.47 35.36
N LEU C 180 22.34 -9.22 36.14
CA LEU C 180 21.48 -10.31 36.58
C LEU C 180 20.80 -11.00 35.41
N ILE C 181 20.40 -10.22 34.40
CA ILE C 181 19.68 -10.80 33.26
C ILE C 181 20.60 -11.72 32.44
N VAL C 182 21.81 -11.29 32.16
CA VAL C 182 22.66 -12.08 31.27
C VAL C 182 23.17 -13.34 31.98
N GLN C 183 23.47 -13.23 33.28
CA GLN C 183 23.96 -14.40 34.01
C GLN C 183 22.90 -15.49 34.08
N SER C 184 21.63 -15.10 34.08
CA SER C 184 20.53 -16.05 34.10
C SER C 184 20.25 -16.70 32.75
N LEU C 185 20.90 -16.25 31.68
CA LEU C 185 20.65 -16.80 30.36
C LEU C 185 21.44 -18.09 30.18
N THR C 186 20.85 -19.05 29.46
CA THR C 186 21.46 -20.35 29.24
C THR C 186 21.85 -20.44 27.78
N ASP C 187 23.04 -21.00 27.53
CA ASP C 187 23.55 -21.16 26.17
C ASP C 187 23.63 -19.82 25.43
N VAL C 188 24.30 -18.87 26.06
CA VAL C 188 24.57 -17.61 25.40
C VAL C 188 25.71 -17.80 24.42
N TYR C 189 25.52 -17.37 23.17
CA TYR C 189 26.59 -17.47 22.19
C TYR C 189 27.76 -16.64 22.68
N PRO C 190 28.98 -17.17 22.70
CA PRO C 190 30.10 -16.50 23.37
C PRO C 190 30.36 -15.08 22.86
N PRO C 191 30.33 -14.82 21.55
CA PRO C 191 30.47 -13.41 21.13
C PRO C 191 29.42 -12.50 21.73
N VAL C 192 28.18 -12.97 21.82
CA VAL C 192 27.09 -12.15 22.38
C VAL C 192 27.37 -11.83 23.84
N ALA C 193 27.79 -12.85 24.61
CA ALA C 193 28.05 -12.67 26.03
C ALA C 193 29.18 -11.68 26.27
N GLU C 194 30.26 -11.78 25.51
CA GLU C 194 31.34 -10.83 25.68
C GLU C 194 30.85 -9.42 25.44
N ALA C 195 30.10 -9.22 24.36
CA ALA C 195 29.59 -7.90 24.04
C ALA C 195 28.72 -7.36 25.17
N THR C 196 27.87 -8.19 25.74
CA THR C 196 27.05 -7.70 26.84
C THR C 196 27.88 -7.41 28.08
N GLU C 197 28.84 -8.28 28.40
CA GLU C 197 29.68 -8.03 29.57
C GLU C 197 30.42 -6.72 29.43
N VAL C 198 30.91 -6.44 28.22
CA VAL C 198 31.65 -5.20 27.96
C VAL C 198 30.75 -3.99 28.13
N LYS C 199 29.54 -4.03 27.57
CA LYS C 199 28.61 -2.92 27.73
C LYS C 199 28.30 -2.68 29.20
N ILE C 200 28.02 -3.75 29.93
CA ILE C 200 27.80 -3.64 31.37
C ILE C 200 29.03 -3.06 32.02
N ALA C 201 30.21 -3.54 31.62
CA ALA C 201 31.44 -3.03 32.21
C ALA C 201 31.66 -1.58 31.86
N THR C 202 31.22 -1.14 30.68
CA THR C 202 31.37 0.27 30.31
C THR C 202 30.48 1.18 31.15
N ILE C 203 29.27 0.72 31.49
CA ILE C 203 28.39 1.53 32.34
C ILE C 203 29.07 1.84 33.66
N ARG C 204 29.83 0.89 34.20
CA ARG C 204 30.59 0.97 35.44
C ARG C 204 31.94 1.66 35.29
N ASN C 205 32.20 2.25 34.12
CA ASN C 205 33.41 3.02 33.86
C ASN C 205 34.66 2.15 33.97
N VAL C 206 34.55 0.91 33.51
CA VAL C 206 35.70 0.02 33.36
C VAL C 206 36.29 0.23 31.97
N PHE C 207 37.63 0.25 31.90
CA PHE C 207 38.32 0.43 30.63
C PHE C 207 37.84 -0.64 29.65
N PRO C 208 37.30 -0.27 28.50
CA PRO C 208 36.66 -1.27 27.63
C PRO C 208 37.60 -2.00 26.69
N VAL C 209 37.59 -3.33 26.79
CA VAL C 209 38.32 -4.21 25.90
C VAL C 209 37.34 -5.21 25.33
N ILE C 210 37.21 -5.24 24.00
CA ILE C 210 36.31 -6.19 23.33
C ILE C 210 36.97 -6.71 22.06
N SER C 211 36.71 -7.98 21.76
CA SER C 211 37.28 -8.69 20.61
C SER C 211 36.69 -8.17 19.29
N GLU C 212 37.48 -8.28 18.22
CA GLU C 212 36.96 -7.88 16.92
C GLU C 212 35.71 -8.67 16.56
N SER C 213 35.69 -9.97 16.84
CA SER C 213 34.52 -10.80 16.52
C SER C 213 33.30 -10.39 17.36
N ALA C 214 33.51 -10.11 18.66
CA ALA C 214 32.39 -9.73 19.52
C ALA C 214 31.72 -8.43 19.05
N ILE C 215 32.50 -7.44 18.63
CA ILE C 215 31.92 -6.20 18.13
C ILE C 215 31.01 -6.50 16.94
N LEU C 216 31.52 -7.29 16.00
CA LEU C 216 30.77 -7.54 14.77
C LEU C 216 29.44 -8.22 15.07
N PHE C 217 29.45 -9.23 15.94
CA PHE C 217 28.20 -9.90 16.26
C PHE C 217 27.28 -8.98 17.05
N GLY C 218 27.86 -8.16 17.95
CA GLY C 218 27.03 -7.26 18.74
C GLY C 218 26.16 -6.37 17.89
N ILE C 219 26.71 -5.87 16.77
CA ILE C 219 25.90 -5.11 15.82
C ILE C 219 24.85 -5.99 15.18
N LYS C 220 25.25 -7.19 14.75
CA LYS C 220 24.30 -8.09 14.11
C LYS C 220 23.15 -8.44 15.05
N GLU C 221 23.46 -8.69 16.32
CA GLU C 221 22.42 -8.95 17.32
C GLU C 221 21.83 -7.67 17.90
N GLU C 222 22.18 -6.53 17.30
CA GLU C 222 21.62 -5.23 17.69
C GLU C 222 21.78 -4.96 19.18
N LEU C 223 22.86 -5.50 19.76
CA LEU C 223 23.26 -5.19 21.11
C LEU C 223 24.27 -4.06 21.16
N ILE C 224 24.81 -3.67 20.00
CA ILE C 224 25.80 -2.62 19.84
C ILE C 224 25.38 -1.76 18.65
N ASP C 225 25.44 -0.44 18.81
CA ASP C 225 25.13 0.49 17.72
C ASP C 225 26.29 1.47 17.57
N ALA C 226 26.16 2.39 16.62
CA ALA C 226 27.29 3.27 16.33
C ALA C 226 27.67 4.10 17.56
N ALA C 227 26.67 4.56 18.33
CA ALA C 227 26.97 5.36 19.52
C ALA C 227 27.84 4.58 20.49
N ASP C 228 27.50 3.30 20.72
CA ASP C 228 28.34 2.45 21.57
C ASP C 228 29.77 2.41 21.04
N LEU C 229 29.92 2.30 19.72
CA LEU C 229 31.25 2.17 19.11
C LEU C 229 32.07 3.44 19.33
N CYS C 230 31.43 4.61 19.23
CA CYS C 230 32.13 5.88 19.44
C CYS C 230 32.57 6.02 20.89
N LEU C 231 31.69 5.70 21.84
CA LEU C 231 32.08 5.70 23.24
C LEU C 231 33.27 4.80 23.49
N TRP C 232 33.24 3.58 22.94
CA TRP C 232 34.35 2.65 23.13
C TRP C 232 35.63 3.20 22.53
N HIS C 233 35.55 3.80 21.34
CA HIS C 233 36.75 4.33 20.72
C HIS C 233 37.32 5.51 21.51
N TYR C 234 36.47 6.41 22.00
CA TYR C 234 36.95 7.49 22.84
C TYR C 234 37.62 6.97 24.11
N GLU C 235 37.05 5.91 24.70
CA GLU C 235 37.61 5.36 25.93
C GLU C 235 38.85 4.51 25.66
N ASN C 236 38.91 3.83 24.52
CA ASN C 236 40.04 2.95 24.21
C ASN C 236 40.27 2.96 22.71
N PRO C 237 41.15 3.84 22.21
CA PRO C 237 41.38 3.89 20.77
C PRO C 237 42.07 2.66 20.21
N GLN C 238 42.72 1.86 21.06
CA GLN C 238 43.37 0.64 20.58
C GLN C 238 42.36 -0.33 20.00
N LEU C 239 41.07 -0.12 20.26
CA LEU C 239 40.05 -1.02 19.77
C LEU C 239 39.90 -0.85 18.25
N PRO C 240 39.64 -1.94 17.51
CA PRO C 240 39.52 -1.85 16.05
C PRO C 240 38.14 -1.37 15.60
N ILE C 241 37.72 -0.22 16.13
CA ILE C 241 36.39 0.27 15.83
C ILE C 241 36.35 0.98 14.49
N GLU C 242 37.44 1.64 14.08
CA GLU C 242 37.40 2.37 12.82
C GLU C 242 37.08 1.43 11.67
N ASN C 243 37.76 0.28 11.60
CA ASN C 243 37.51 -0.68 10.53
C ASN C 243 36.06 -1.14 10.56
N VAL C 244 35.50 -1.32 11.76
CA VAL C 244 34.10 -1.71 11.86
C VAL C 244 33.20 -0.60 11.36
N MET C 245 33.48 0.65 11.72
CA MET C 245 32.56 1.75 11.41
C MET C 245 32.56 2.09 9.92
N LYS C 246 33.73 2.08 9.28
CA LYS C 246 33.79 2.37 7.84
C LYS C 246 33.06 1.30 7.04
N ASN C 247 33.21 0.03 7.44
CA ASN C 247 32.54 -1.08 6.77
C ASN C 247 31.05 -1.17 7.09
N SER C 248 30.59 -0.54 8.17
CA SER C 248 29.20 -0.62 8.62
C SER C 248 28.35 0.54 8.15
N ASP C 249 28.83 1.35 7.21
CA ASP C 249 28.08 2.50 6.70
C ASP C 249 27.82 3.54 7.79
N VAL C 250 28.72 3.65 8.78
CA VAL C 250 28.67 4.72 9.78
C VAL C 250 30.04 5.38 9.84
N GLY C 251 30.77 5.36 8.73
CA GLY C 251 32.09 5.96 8.73
C GLY C 251 32.07 7.45 8.98
N ASP C 252 31.03 8.15 8.48
CA ASP C 252 30.98 9.60 8.67
C ASP C 252 30.89 9.97 10.14
N ILE C 253 30.15 9.19 10.93
CA ILE C 253 30.05 9.46 12.36
C ILE C 253 31.42 9.39 13.01
N TYR C 254 32.19 8.36 12.66
CA TYR C 254 33.56 8.26 13.18
C TYR C 254 34.42 9.42 12.66
N ASP C 255 34.33 9.71 11.37
CA ASP C 255 35.14 10.78 10.79
C ASP C 255 34.83 12.12 11.41
N PHE C 256 33.55 12.39 11.66
CA PHE C 256 33.17 13.67 12.22
C PHE C 256 33.68 13.81 13.66
N ILE C 257 33.42 12.80 14.48
CA ILE C 257 33.68 12.90 15.91
C ILE C 257 35.17 12.83 16.21
N PHE C 258 35.94 12.03 15.46
CA PHE C 258 37.34 11.78 15.82
C PHE C 258 38.38 12.25 14.82
N GLU C 259 38.07 12.32 13.53
CA GLU C 259 39.08 12.61 12.53
C GLU C 259 38.77 13.88 11.74
N ASN C 260 38.31 14.93 12.42
CA ASN C 260 38.15 16.26 11.81
C ASN C 260 37.48 16.17 10.43
N GLY C 261 36.43 15.37 10.33
CA GLY C 261 35.73 15.20 9.09
C GLY C 261 34.50 16.07 9.01
N PRO C 262 33.77 15.99 7.90
CA PRO C 262 32.62 16.87 7.71
C PRO C 262 31.44 16.44 8.57
N ARG C 263 30.57 17.43 8.84
CA ARG C 263 29.48 17.24 9.78
C ARG C 263 28.47 16.18 9.31
N ILE C 264 27.83 15.55 10.29
CA ILE C 264 26.76 14.59 10.03
C ILE C 264 25.45 15.26 10.43
N SER C 265 24.34 14.60 10.09
CA SER C 265 23.03 15.15 10.37
C SER C 265 22.85 15.34 11.87
N LYS C 266 22.09 16.38 12.25
CA LYS C 266 21.87 16.64 13.67
C LYS C 266 21.33 15.38 14.37
N LYS C 267 20.47 14.61 13.69
CA LYS C 267 19.92 13.40 14.30
C LYS C 267 21.02 12.40 14.65
N ARG C 268 21.96 12.21 13.73
CA ARG C 268 23.05 11.26 13.98
C ARG C 268 23.99 11.78 15.06
N TYR C 269 24.29 13.08 15.03
CA TYR C 269 25.10 13.69 16.09
C TYR C 269 24.41 13.55 17.44
N LEU C 270 23.16 14.01 17.54
CA LEU C 270 22.44 13.96 18.81
C LEU C 270 22.22 12.53 19.27
N PHE C 271 22.25 11.58 18.34
CA PHE C 271 22.15 10.17 18.71
C PHE C 271 23.30 9.78 19.62
N VAL C 272 24.53 10.14 19.22
CA VAL C 272 25.70 9.80 20.00
C VAL C 272 25.72 10.55 21.33
N LEU C 273 25.33 11.82 21.32
CA LEU C 273 25.30 12.62 22.54
C LEU C 273 24.35 12.04 23.56
N GLU C 274 23.18 11.61 23.10
CA GLU C 274 22.19 11.02 24.01
C GLU C 274 22.75 9.81 24.72
N ARG C 275 23.41 8.90 23.98
CA ARG C 275 23.96 7.71 24.62
C ARG C 275 24.95 8.09 25.69
N ALA C 276 25.76 9.12 25.44
CA ALA C 276 26.70 9.60 26.45
C ALA C 276 25.95 10.14 27.66
N ILE C 277 24.92 10.94 27.44
CA ILE C 277 24.14 11.47 28.57
C ILE C 277 23.45 10.34 29.31
N ALA C 278 22.86 9.40 28.58
CA ALA C 278 22.11 8.32 29.22
C ALA C 278 23.00 7.47 30.10
N LEU C 279 24.24 7.23 29.68
CA LEU C 279 25.16 6.40 30.45
C LEU C 279 25.92 7.21 31.48
N GLY C 280 25.70 8.52 31.54
CA GLY C 280 26.42 9.33 32.50
C GLY C 280 27.87 9.51 32.14
N LYS C 281 28.22 9.35 30.87
CA LYS C 281 29.59 9.52 30.41
C LYS C 281 29.82 11.00 30.07
N GLY C 282 29.93 11.80 31.13
CA GLY C 282 30.01 13.24 30.97
C GLY C 282 31.28 13.70 30.27
N GLU C 283 32.41 13.03 30.53
CA GLU C 283 33.66 13.40 29.87
C GLU C 283 33.55 13.22 28.37
N PHE C 284 32.99 12.09 27.93
CA PHE C 284 32.71 11.89 26.51
C PHE C 284 31.66 12.86 26.03
N ALA C 285 30.63 13.11 26.85
CA ALA C 285 29.58 14.04 26.47
C ALA C 285 30.14 15.42 26.21
N ASP C 286 31.09 15.84 27.06
CA ASP C 286 31.78 17.10 26.84
C ASP C 286 32.52 17.08 25.50
N TYR C 287 33.21 15.98 25.21
CA TYR C 287 33.98 15.87 23.97
C TYR C 287 33.08 16.06 22.78
N LEU C 288 31.93 15.40 22.78
CA LEU C 288 30.94 15.54 21.72
C LEU C 288 30.40 16.95 21.63
N LEU C 289 30.10 17.56 22.79
CA LEU C 289 29.54 18.91 22.83
C LEU C 289 30.47 19.95 22.19
N ALA C 290 31.78 19.70 22.21
CA ALA C 290 32.69 20.65 21.61
C ALA C 290 32.56 20.72 20.09
N LEU C 291 31.98 19.72 19.45
CA LEU C 291 31.85 19.71 17.99
C LEU C 291 30.58 20.40 17.49
N ARG C 292 29.74 20.93 18.39
CA ARG C 292 28.45 21.48 18.00
C ARG C 292 28.59 22.79 17.24
N ASN C 293 29.79 23.38 17.24
CA ASN C 293 30.00 24.67 16.58
C ASN C 293 29.56 24.61 15.12
N VAL C 294 29.78 23.47 14.46
CA VAL C 294 29.50 23.33 13.04
C VAL C 294 28.01 23.42 12.71
N TYR C 295 27.14 23.21 13.68
CA TYR C 295 25.71 23.27 13.39
C TYR C 295 25.18 24.69 13.53
N HIS C 296 23.91 24.85 13.18
CA HIS C 296 23.21 26.10 13.44
C HIS C 296 23.05 26.27 14.94
N ASP C 297 22.96 27.53 15.38
CA ASP C 297 22.82 27.78 16.81
C ASP C 297 21.60 27.09 17.40
N SER C 298 20.67 26.66 16.55
CA SER C 298 19.49 25.93 17.01
C SER C 298 19.85 24.61 17.68
N ILE C 299 21.06 24.11 17.48
CA ILE C 299 21.37 22.78 18.00
C ILE C 299 21.29 22.77 19.51
N ASN C 300 21.55 23.90 20.15
CA ASN C 300 21.56 23.93 21.60
C ASN C 300 20.17 23.70 22.18
N SER C 301 19.13 24.11 21.46
CA SER C 301 17.78 23.81 21.93
C SER C 301 17.57 22.32 22.01
N HIS C 302 18.12 21.58 21.05
CA HIS C 302 18.01 20.13 21.07
C HIS C 302 18.86 19.52 22.17
N ILE C 303 20.08 20.02 22.35
CA ILE C 303 20.90 19.57 23.48
C ILE C 303 20.19 19.87 24.80
N ALA C 304 19.55 21.04 24.90
CA ALA C 304 18.78 21.40 26.09
C ALA C 304 17.72 20.34 26.38
N ASP C 305 16.91 20.00 25.37
CA ASP C 305 15.93 18.93 25.54
C ASP C 305 16.60 17.62 25.89
N LEU C 306 17.72 17.32 25.23
CA LEU C 306 18.43 16.08 25.52
C LEU C 306 18.78 15.99 27.00
N PHE C 307 19.33 17.08 27.57
CA PHE C 307 19.70 17.09 28.97
C PHE C 307 18.48 17.11 29.89
N PHE C 308 17.45 17.87 29.52
CA PHE C 308 16.24 17.90 30.35
C PHE C 308 15.60 16.51 30.40
N GLN C 309 15.62 15.79 29.29
CA GLN C 309 15.00 14.47 29.26
C GLN C 309 15.58 13.54 30.31
N TYR C 310 16.89 13.62 30.54
CA TYR C 310 17.60 12.75 31.47
C TYR C 310 17.79 13.37 32.84
N ASP C 311 16.98 14.39 33.16
CA ASP C 311 16.85 14.97 34.48
C ASP C 311 18.00 15.88 34.84
N PHE C 312 18.73 16.38 33.85
CA PHE C 312 19.73 17.42 34.10
C PHE C 312 19.11 18.78 33.79
N ALA C 313 18.14 19.16 34.62
CA ALA C 313 17.40 20.39 34.36
C ALA C 313 18.30 21.61 34.45
N ASP C 314 19.29 21.58 35.36
CA ASP C 314 20.22 22.70 35.47
C ASP C 314 21.02 22.88 34.19
N ILE C 315 21.59 21.78 33.66
CA ILE C 315 22.33 21.87 32.40
C ILE C 315 21.43 22.31 31.25
N ALA C 316 20.21 21.78 31.18
CA ALA C 316 19.32 22.17 30.09
C ALA C 316 19.02 23.65 30.14
N LEU C 317 18.78 24.17 31.34
CA LEU C 317 18.52 25.60 31.47
C LEU C 317 19.71 26.42 31.01
N ASP C 318 20.92 25.91 31.22
CA ASP C 318 22.10 26.61 30.74
C ASP C 318 22.10 26.66 29.20
N PHE C 319 21.63 25.58 28.57
CA PHE C 319 21.49 25.58 27.13
C PHE C 319 20.27 26.38 26.67
N TYR C 320 19.13 26.21 27.36
CA TYR C 320 17.93 26.95 27.01
C TYR C 320 18.15 28.45 27.11
N ASN C 321 18.98 28.89 28.08
CA ASN C 321 19.25 30.30 28.29
C ASN C 321 19.96 30.94 27.10
N ILE C 322 20.63 30.16 26.26
CA ILE C 322 21.45 30.70 25.17
C ILE C 322 20.81 30.42 23.81
N VAL C 323 19.51 30.12 23.80
CA VAL C 323 18.75 29.81 22.60
C VAL C 323 17.80 30.97 22.32
N ASP C 324 17.74 31.38 21.06
CA ASP C 324 16.71 32.33 20.64
C ASP C 324 15.33 31.69 20.82
N ALA C 325 14.37 32.49 21.32
CA ALA C 325 13.03 31.95 21.57
C ALA C 325 12.39 31.42 20.30
N ASP C 326 12.70 32.04 19.16
CA ASP C 326 12.25 31.52 17.89
C ASP C 326 12.78 30.11 17.65
N GLU C 327 13.92 29.79 18.26
CA GLU C 327 14.61 28.54 18.02
C GLU C 327 14.27 27.45 19.03
N VAL C 328 13.57 27.76 20.11
CA VAL C 328 13.18 26.73 21.07
C VAL C 328 12.15 25.79 20.45
N THR C 329 12.29 24.50 20.73
CA THR C 329 11.39 23.51 20.17
C THR C 329 10.08 23.49 20.95
N LYS C 330 9.06 22.88 20.34
CA LYS C 330 7.77 22.70 20.99
C LYS C 330 7.92 21.92 22.28
N GLN C 331 8.78 20.89 22.26
CA GLN C 331 9.03 20.15 23.48
C GLN C 331 9.70 21.04 24.51
N GLY C 332 10.61 21.89 24.05
CA GLY C 332 11.28 22.81 24.97
C GLY C 332 10.30 23.65 25.75
N TYR C 333 9.25 24.13 25.10
CA TYR C 333 8.22 24.88 25.82
C TYR C 333 7.61 24.01 26.92
N ILE C 334 7.25 22.79 26.57
CA ILE C 334 6.60 21.93 27.55
C ILE C 334 7.53 21.67 28.73
N ASN C 335 8.83 21.51 28.45
CA ASN C 335 9.81 21.30 29.52
C ASN C 335 9.90 22.52 30.44
N LEU C 336 10.10 23.70 29.85
CA LEU C 336 10.29 24.91 30.63
C LEU C 336 9.05 25.19 31.48
N ILE C 337 7.86 25.04 30.89
CA ILE C 337 6.63 25.26 31.63
C ILE C 337 6.55 24.35 32.85
N ASN C 338 6.85 23.06 32.66
CA ASN C 338 6.80 22.13 33.79
C ASN C 338 7.78 22.53 34.87
N TYR C 339 8.98 22.94 34.46
CA TYR C 339 9.99 23.37 35.41
C TYR C 339 9.54 24.58 36.20
N LEU C 340 9.03 25.60 35.49
CA LEU C 340 8.62 26.85 36.15
C LEU C 340 7.45 26.60 37.10
N VAL C 341 6.50 25.77 36.68
CA VAL C 341 5.42 25.41 37.59
C VAL C 341 5.97 24.71 38.81
N ASP C 342 7.00 23.87 38.61
CA ASP C 342 7.65 23.21 39.72
C ASP C 342 8.43 24.20 40.58
N ALA C 343 8.88 25.31 40.00
CA ALA C 343 9.56 26.37 40.72
C ALA C 343 8.63 27.49 41.18
N ASP C 344 7.32 27.33 41.03
CA ASP C 344 6.31 28.33 41.47
C ASP C 344 6.57 29.71 40.86
N VAL C 345 7.11 29.74 39.64
CA VAL C 345 7.35 30.95 38.87
C VAL C 345 6.27 31.00 37.80
N LEU C 346 5.03 31.03 38.26
CA LEU C 346 3.89 30.87 37.37
C LEU C 346 3.77 32.04 36.40
N ASP C 347 4.27 33.22 36.77
CA ASP C 347 4.22 34.35 35.85
C ASP C 347 4.92 34.00 34.54
N GLU C 348 6.14 33.48 34.64
CA GLU C 348 6.92 33.10 33.46
C GLU C 348 6.37 31.84 32.80
N ALA C 349 5.83 30.90 33.59
CA ALA C 349 5.25 29.67 33.03
C ALA C 349 4.07 29.99 32.10
N LEU C 350 3.13 30.80 32.58
CA LEU C 350 2.02 31.22 31.72
C LEU C 350 2.51 31.98 30.50
N ALA C 351 3.57 32.76 30.66
CA ALA C 351 4.12 33.51 29.52
C ALA C 351 4.61 32.55 28.44
N ILE C 352 5.26 31.47 28.84
CA ILE C 352 5.69 30.49 27.85
C ILE C 352 4.48 29.74 27.28
N ALA C 353 3.51 29.42 28.14
CA ALA C 353 2.30 28.76 27.64
C ALA C 353 1.57 29.64 26.61
N GLU C 354 1.49 30.94 26.85
CA GLU C 354 0.85 31.82 25.88
C GLU C 354 1.61 31.80 24.54
N ARG C 355 2.96 31.81 24.59
CA ARG C 355 3.74 31.69 23.36
C ARG C 355 3.52 30.34 22.69
N GLY C 356 3.40 29.27 23.49
CA GLY C 356 3.09 27.96 22.93
C GLY C 356 1.78 27.94 22.17
N ILE C 357 0.75 28.63 22.69
CA ILE C 357 -0.52 28.71 21.96
C ILE C 357 -0.35 29.47 20.65
N ASP C 358 0.47 30.53 20.64
CA ASP C 358 0.63 31.29 19.41
C ASP C 358 1.37 30.49 18.36
N ASN C 359 2.49 29.86 18.74
CA ASN C 359 3.32 29.14 17.77
C ASN C 359 2.71 27.81 17.39
N PHE C 360 2.34 26.99 18.37
CA PHE C 360 1.79 25.67 18.11
C PHE C 360 0.30 25.66 18.41
N SER C 361 -0.43 26.46 17.63
CA SER C 361 -1.83 26.78 17.88
C SER C 361 -2.73 25.55 17.92
N THR C 362 -2.23 24.40 17.47
CA THR C 362 -3.01 23.17 17.44
C THR C 362 -2.62 22.16 18.52
N ASP C 363 -1.67 22.49 19.40
CA ASP C 363 -1.21 21.56 20.42
C ASP C 363 -1.99 21.79 21.71
N PHE C 364 -2.74 20.76 22.11
CA PHE C 364 -3.69 20.87 23.21
C PHE C 364 -3.01 21.26 24.51
N ARG C 365 -1.77 20.84 24.70
CA ARG C 365 -1.15 20.95 26.02
C ARG C 365 -1.00 22.40 26.46
N PHE C 366 -0.65 23.31 25.53
CA PHE C 366 -0.44 24.70 25.90
C PHE C 366 -1.74 25.33 26.37
N TYR C 367 -2.85 25.07 25.66
CA TYR C 367 -4.12 25.58 26.14
C TYR C 367 -4.42 25.05 27.53
N LEU C 368 -4.12 23.77 27.78
CA LEU C 368 -4.38 23.19 29.09
C LEU C 368 -3.51 23.85 30.15
N TRP C 369 -2.28 24.18 29.79
CA TRP C 369 -1.41 24.85 30.75
C TRP C 369 -1.94 26.23 31.10
N ALA C 370 -2.41 26.98 30.10
CA ALA C 370 -3.02 28.27 30.38
C ALA C 370 -4.19 28.12 31.34
N ILE C 371 -5.00 27.09 31.15
CA ILE C 371 -6.11 26.86 32.08
C ILE C 371 -5.58 26.52 33.46
N LYS C 372 -4.55 25.68 33.54
CA LYS C 372 -4.04 25.23 34.83
C LYS C 372 -3.42 26.37 35.63
N ILE C 373 -2.72 27.29 34.96
CA ILE C 373 -1.96 28.35 35.64
C ILE C 373 -2.84 29.56 35.90
N ASP C 374 -3.51 30.06 34.86
CA ASP C 374 -4.24 31.33 34.87
C ASP C 374 -5.57 31.15 35.61
N THR C 375 -5.46 31.01 36.94
CA THR C 375 -6.65 30.78 37.77
C THR C 375 -7.61 31.97 37.72
N GLU C 376 -7.09 33.19 37.53
CA GLU C 376 -7.96 34.35 37.47
C GLU C 376 -8.88 34.33 36.25
N ASN C 377 -8.39 33.88 35.09
CA ASN C 377 -9.18 33.84 33.87
C ASN C 377 -9.56 32.43 33.45
N ARG C 378 -9.58 31.48 34.39
CA ARG C 378 -9.74 30.07 34.06
C ARG C 378 -11.03 29.78 33.29
N ALA C 379 -12.13 30.44 33.64
CA ALA C 379 -13.36 30.20 32.90
C ALA C 379 -13.22 30.66 31.45
N ASN C 380 -12.59 31.81 31.24
CA ASN C 380 -12.41 32.30 29.88
C ASN C 380 -11.43 31.43 29.11
N ARG C 381 -10.35 30.98 29.76
CA ARG C 381 -9.35 30.14 29.09
C ARG C 381 -9.97 28.85 28.58
N ILE C 382 -10.83 28.22 29.38
CA ILE C 382 -11.49 27.00 28.93
C ILE C 382 -12.32 27.28 27.70
N SER C 383 -13.09 28.36 27.73
CA SER C 383 -13.94 28.71 26.61
C SER C 383 -13.11 28.84 25.33
N GLU C 384 -11.97 29.52 25.44
CA GLU C 384 -11.09 29.70 24.29
C GLU C 384 -10.54 28.37 23.80
N ALA C 385 -10.12 27.49 24.71
CA ALA C 385 -9.63 26.18 24.28
C ALA C 385 -10.71 25.37 23.58
N MET C 386 -11.95 25.43 24.10
CA MET C 386 -13.08 24.71 23.49
C MET C 386 -13.35 25.15 22.06
N ASP C 387 -13.16 26.43 21.75
CA ASP C 387 -13.36 26.86 20.37
C ASP C 387 -12.41 26.13 19.45
N GLU C 388 -11.17 25.94 19.91
CA GLU C 388 -10.15 25.30 19.12
C GLU C 388 -10.33 23.78 19.09
N PHE C 389 -10.89 23.21 20.17
CA PHE C 389 -11.07 21.76 20.30
C PHE C 389 -12.54 21.42 20.55
N PRO C 390 -13.38 21.53 19.50
CA PRO C 390 -14.83 21.34 19.66
C PRO C 390 -15.27 19.90 19.83
N ASN C 391 -14.38 18.92 19.69
CA ASN C 391 -14.75 17.55 20.00
C ASN C 391 -14.08 17.07 21.29
N ASN C 392 -13.50 17.97 22.07
CA ASN C 392 -12.80 17.58 23.28
C ASN C 392 -13.77 17.56 24.45
N ARG C 393 -13.89 16.39 25.07
CA ARG C 393 -14.87 16.19 26.13
C ARG C 393 -14.38 16.69 27.48
N TYR C 394 -13.06 16.67 27.69
CA TYR C 394 -12.49 17.11 28.97
C TYR C 394 -12.77 18.58 29.22
N LEU C 395 -12.56 19.41 28.21
CA LEU C 395 -12.86 20.84 28.34
C LEU C 395 -14.29 21.06 28.78
N ALA C 396 -15.23 20.34 28.17
CA ALA C 396 -16.64 20.46 28.57
C ALA C 396 -16.83 20.14 30.03
N LYS C 397 -16.11 19.13 30.54
CA LYS C 397 -16.18 18.83 31.97
C LYS C 397 -15.52 19.94 32.78
N LEU C 398 -14.44 20.53 32.27
CA LEU C 398 -13.75 21.58 32.98
C LEU C 398 -14.63 22.82 33.10
N LEU C 399 -15.22 23.25 31.99
CA LEU C 399 -16.08 24.42 32.03
C LEU C 399 -17.26 24.21 32.95
N ASP C 400 -17.86 23.03 32.94
CA ASP C 400 -18.99 22.78 33.82
C ASP C 400 -18.59 22.93 35.28
N GLU C 401 -17.36 22.52 35.60
CA GLU C 401 -16.86 22.65 36.97
C GLU C 401 -16.82 24.11 37.40
N VAL C 402 -16.19 24.97 36.59
CA VAL C 402 -16.15 26.39 36.92
C VAL C 402 -17.56 26.96 36.97
N THR C 403 -18.32 26.76 35.89
CA THR C 403 -19.70 27.24 35.80
C THR C 403 -20.72 26.41 36.62
N GLU D 11 -38.72 14.18 31.49
CA GLU D 11 -38.54 13.66 30.13
C GLU D 11 -38.83 14.74 29.09
N ILE D 12 -37.95 15.75 29.04
CA ILE D 12 -38.05 16.80 28.03
C ILE D 12 -37.55 16.33 26.68
N ARG D 13 -36.61 15.38 26.68
CA ARG D 13 -36.04 14.88 25.43
C ARG D 13 -37.08 14.13 24.59
N LYS D 14 -37.97 13.38 25.23
CA LYS D 14 -38.97 12.62 24.47
C LYS D 14 -39.89 13.54 23.68
N LEU D 15 -40.21 14.71 24.23
CA LEU D 15 -41.00 15.69 23.51
C LEU D 15 -40.26 16.18 22.26
N LEU D 16 -39.11 16.82 22.46
CA LEU D 16 -38.38 17.47 21.38
C LEU D 16 -38.08 16.52 20.22
N GLN D 17 -37.99 15.21 20.48
CA GLN D 17 -37.75 14.27 19.38
C GLN D 17 -38.87 14.34 18.36
N GLU D 18 -40.12 14.52 18.82
CA GLU D 18 -41.24 14.62 17.90
C GLU D 18 -41.09 15.83 16.98
N ILE D 19 -40.53 16.93 17.48
CA ILE D 19 -40.27 18.11 16.67
C ILE D 19 -39.06 17.88 15.76
N GLU D 50 -43.47 26.84 21.92
CA GLU D 50 -42.98 27.82 20.94
C GLU D 50 -41.76 27.31 20.17
N ILE D 51 -41.13 26.24 20.68
CA ILE D 51 -39.91 25.72 20.07
C ILE D 51 -40.16 25.27 18.64
N TYR D 52 -41.37 24.80 18.34
CA TYR D 52 -41.64 24.28 17.01
C TYR D 52 -41.46 25.34 15.94
N HIS D 53 -41.81 26.59 16.23
CA HIS D 53 -41.68 27.64 15.24
C HIS D 53 -40.21 28.03 15.04
N LEU D 54 -39.41 28.02 16.11
CA LEU D 54 -38.01 28.41 15.97
C LEU D 54 -37.22 27.37 15.18
N LEU D 55 -37.37 26.09 15.53
CA LEU D 55 -36.65 25.05 14.80
C LEU D 55 -37.07 24.99 13.33
N THR D 56 -38.33 25.33 13.03
CA THR D 56 -38.76 25.34 11.63
C THR D 56 -38.32 26.60 10.90
N GLU D 57 -38.36 27.76 11.57
CA GLU D 57 -37.78 28.96 10.98
C GLU D 57 -36.29 28.77 10.71
N PHE D 58 -35.60 28.08 11.63
CA PHE D 58 -34.17 27.80 11.50
C PHE D 58 -33.89 26.91 10.29
N TYR D 59 -34.46 25.70 10.27
CA TYR D 59 -34.19 24.76 9.18
C TYR D 59 -34.60 25.35 7.84
N GLN D 60 -35.67 26.15 7.82
CA GLN D 60 -36.02 26.88 6.59
C GLN D 60 -34.99 27.96 6.30
N ALA D 61 -34.50 28.64 7.35
CA ALA D 61 -33.44 29.64 7.16
C ALA D 61 -32.14 28.98 6.70
N VAL D 62 -31.87 27.78 7.19
CA VAL D 62 -30.70 27.03 6.73
C VAL D 62 -30.84 26.73 5.24
N GLU D 63 -32.03 26.29 4.83
CA GLU D 63 -32.27 26.02 3.41
C GLU D 63 -32.04 27.27 2.58
N GLU D 64 -32.48 28.43 3.08
CA GLU D 64 -32.24 29.69 2.36
C GLU D 64 -30.75 30.00 2.29
N HIS D 65 -29.96 29.47 3.21
CA HIS D 65 -28.50 29.60 3.16
C HIS D 65 -27.90 28.35 2.53
N GLY D 66 -28.17 28.20 1.23
CA GLY D 66 -27.70 27.07 0.44
C GLY D 66 -28.41 25.79 0.81
N GLY D 67 -27.84 25.06 1.77
CA GLY D 67 -28.47 23.89 2.33
C GLY D 67 -27.84 23.60 3.66
N ILE D 68 -28.18 22.45 4.24
CA ILE D 68 -27.52 22.06 5.48
C ILE D 68 -26.04 21.80 5.23
N GLU D 69 -25.73 21.11 4.12
CA GLU D 69 -24.33 20.85 3.78
C GLU D 69 -23.60 22.16 3.46
N LYS D 70 -24.26 23.07 2.72
CA LYS D 70 -23.63 24.34 2.39
C LYS D 70 -23.46 25.22 3.62
N TYR D 71 -24.51 25.34 4.44
CA TYR D 71 -24.44 26.20 5.63
C TYR D 71 -23.29 25.80 6.56
N MET D 72 -22.99 24.51 6.64
CA MET D 72 -21.94 24.08 7.55
C MET D 72 -20.56 24.56 7.11
N HIS D 73 -20.33 24.73 5.82
CA HIS D 73 -19.07 25.32 5.39
C HIS D 73 -19.14 26.82 5.20
N SER D 74 -20.31 27.43 5.37
CA SER D 74 -20.42 28.88 5.30
C SER D 74 -19.54 29.53 6.35
N ASN D 75 -19.04 30.72 6.02
CA ASN D 75 -18.25 31.48 6.98
C ASN D 75 -19.06 31.88 8.20
N ILE D 76 -20.39 31.78 8.15
CA ILE D 76 -21.26 32.12 9.26
C ILE D 76 -21.36 30.92 10.18
N SER D 77 -20.81 31.02 11.40
CA SER D 77 -20.78 29.90 12.34
C SER D 77 -22.08 29.75 13.12
N TRP D 78 -22.77 30.86 13.40
CA TRP D 78 -24.00 30.86 14.19
C TRP D 78 -24.97 31.89 13.62
N LEU D 79 -26.25 31.56 13.62
CA LEU D 79 -27.29 32.47 13.14
C LEU D 79 -28.10 33.03 14.31
N LYS D 80 -28.74 34.18 14.08
CA LYS D 80 -29.57 34.76 15.12
C LYS D 80 -30.79 33.89 15.40
N ILE D 81 -31.42 33.34 14.35
CA ILE D 81 -32.51 32.40 14.54
C ILE D 81 -31.99 31.13 15.19
N GLU D 82 -30.73 30.77 14.92
CA GLU D 82 -30.12 29.61 15.56
C GLU D 82 -29.82 29.91 17.04
N LEU D 83 -29.26 31.10 17.31
CA LEU D 83 -28.96 31.48 18.69
C LEU D 83 -30.23 31.70 19.51
N GLU D 84 -31.26 32.26 18.89
CA GLU D 84 -32.55 32.36 19.56
C GLU D 84 -33.03 30.98 19.99
N LEU D 85 -33.00 30.02 19.06
CA LEU D 85 -33.45 28.66 19.35
C LEU D 85 -32.64 28.03 20.47
N LEU D 86 -31.31 28.18 20.43
CA LEU D 86 -30.44 27.59 21.45
C LEU D 86 -30.67 28.21 22.82
N SER D 87 -30.66 29.54 22.90
CA SER D 87 -30.87 30.22 24.17
C SER D 87 -32.21 29.83 24.79
N ALA D 88 -33.22 29.61 23.94
CA ALA D 88 -34.51 29.15 24.45
C ALA D 88 -34.47 27.67 24.81
N CYS D 89 -33.76 26.86 23.99
CA CYS D 89 -33.74 25.42 24.23
C CYS D 89 -33.22 25.08 25.61
N TYR D 90 -32.16 25.75 26.04
CA TYR D 90 -31.66 25.47 27.39
C TYR D 90 -32.68 25.86 28.45
N GLN D 91 -33.40 26.97 28.22
CA GLN D 91 -34.37 27.43 29.21
C GLN D 91 -35.42 26.35 29.51
N ILE D 92 -36.03 25.78 28.46
CA ILE D 92 -37.03 24.75 28.68
C ILE D 92 -36.39 23.49 29.26
N ALA D 93 -35.13 23.23 28.92
CA ALA D 93 -34.46 22.03 29.44
C ALA D 93 -34.08 22.18 30.90
N ILE D 94 -33.64 23.38 31.31
CA ILE D 94 -33.39 23.61 32.73
C ILE D 94 -34.70 23.63 33.50
N LEU D 95 -35.79 24.06 32.86
CA LEU D 95 -37.10 24.05 33.50
C LEU D 95 -37.55 22.64 33.89
N GLU D 96 -36.98 21.61 33.26
CA GLU D 96 -37.19 20.24 33.67
C GLU D 96 -36.10 19.75 34.62
N ASP D 97 -35.33 20.66 35.21
CA ASP D 97 -34.23 20.32 36.12
C ASP D 97 -33.29 19.30 35.49
N MET D 98 -32.69 19.69 34.36
CA MET D 98 -31.76 18.86 33.59
C MET D 98 -30.35 19.45 33.67
N LYS D 99 -29.36 18.57 33.63
CA LYS D 99 -27.96 18.98 33.79
C LYS D 99 -27.45 19.63 32.49
N VAL D 100 -26.84 20.83 32.63
CA VAL D 100 -26.40 21.61 31.48
C VAL D 100 -25.55 20.80 30.52
N LEU D 101 -24.62 20.00 31.06
CA LEU D 101 -23.83 19.15 30.19
C LEU D 101 -24.71 18.23 29.36
N ASP D 102 -25.75 17.67 29.99
CA ASP D 102 -26.65 16.77 29.28
C ASP D 102 -27.47 17.50 28.22
N ILE D 103 -27.89 18.74 28.52
CA ILE D 103 -28.65 19.53 27.54
C ILE D 103 -27.81 19.71 26.27
N SER D 104 -26.54 20.08 26.46
CA SER D 104 -25.63 20.29 25.33
C SER D 104 -25.55 19.04 24.45
N GLU D 105 -25.54 17.86 25.05
CA GLU D 105 -25.43 16.63 24.27
C GLU D 105 -26.73 16.31 23.54
N MET D 106 -27.87 16.54 24.19
CA MET D 106 -29.16 16.23 23.58
C MET D 106 -29.31 16.89 22.23
N LEU D 107 -29.11 18.21 22.18
CA LEU D 107 -29.33 19.01 20.98
C LEU D 107 -28.24 18.85 19.93
N SER D 108 -27.14 18.19 20.25
CA SER D 108 -25.98 18.16 19.39
C SER D 108 -26.10 17.03 18.37
N LEU D 109 -25.09 16.90 17.50
CA LEU D 109 -25.14 15.86 16.49
C LEU D 109 -24.97 14.46 17.06
N ASN D 110 -24.70 14.33 18.36
CA ASN D 110 -24.52 13.01 18.94
C ASN D 110 -25.87 12.34 19.22
N ASP D 111 -26.88 13.11 19.61
CA ASP D 111 -28.18 12.54 19.94
C ASP D 111 -29.20 13.08 18.96
N LEU D 112 -30.04 14.05 19.37
CA LEU D 112 -31.18 14.46 18.57
C LEU D 112 -30.79 15.07 17.23
N ARG D 113 -29.55 15.52 17.07
CA ARG D 113 -29.10 16.18 15.85
C ARG D 113 -29.93 17.43 15.54
N ILE D 114 -30.36 18.14 16.59
CA ILE D 114 -31.15 19.35 16.38
C ILE D 114 -30.30 20.46 15.78
N PHE D 115 -29.11 20.68 16.32
CA PHE D 115 -28.12 21.65 15.91
C PHE D 115 -26.96 20.95 15.20
N PRO D 116 -26.47 21.54 14.14
CA PRO D 116 -25.28 20.98 13.48
C PRO D 116 -24.00 21.21 14.26
N LYS D 117 -24.09 21.20 15.60
CA LYS D 117 -23.01 21.59 16.48
C LYS D 117 -22.70 20.44 17.42
N THR D 118 -21.42 20.31 17.79
CA THR D 118 -21.04 19.34 18.82
C THR D 118 -21.54 19.83 20.17
N PRO D 119 -21.56 18.95 21.18
CA PRO D 119 -21.92 19.44 22.53
C PRO D 119 -20.95 20.49 23.02
N SER D 120 -19.64 20.30 22.78
CA SER D 120 -18.71 21.32 23.25
C SER D 120 -19.03 22.67 22.64
N GLN D 121 -19.56 22.69 21.41
CA GLN D 121 -19.88 23.96 20.77
C GLN D 121 -21.15 24.56 21.34
N LEU D 122 -22.14 23.72 21.65
CA LEU D 122 -23.43 24.22 22.14
C LEU D 122 -23.30 24.79 23.54
N GLN D 123 -22.67 24.03 24.45
CA GLN D 123 -22.47 24.51 25.81
C GLN D 123 -21.63 25.79 25.83
N ASN D 124 -20.48 25.75 25.15
CA ASN D 124 -19.61 26.91 25.09
C ASN D 124 -20.37 28.13 24.59
N THR D 125 -21.06 27.99 23.45
CA THR D 125 -21.88 29.08 22.93
C THR D 125 -22.90 29.54 23.96
N TYR D 126 -23.52 28.60 24.67
CA TYR D 126 -24.46 28.97 25.73
C TYR D 126 -23.75 29.73 26.85
N TYR D 127 -22.50 29.38 27.14
CA TYR D 127 -21.73 30.13 28.13
C TYR D 127 -21.47 31.55 27.67
N LYS D 128 -21.10 31.73 26.39
CA LYS D 128 -20.90 33.07 25.86
C LYS D 128 -22.19 33.88 25.93
N LEU D 129 -23.33 33.24 25.74
CA LEU D 129 -24.61 33.96 25.77
C LEU D 129 -24.96 34.41 27.18
N LYS D 130 -24.81 33.52 28.16
CA LYS D 130 -25.11 33.92 29.54
C LYS D 130 -24.10 34.95 30.05
N LYS D 131 -22.83 34.84 29.63
CA LYS D 131 -21.82 35.80 30.02
C LYS D 131 -21.82 37.06 29.14
N GLU D 132 -22.78 37.22 28.22
CA GLU D 132 -22.88 38.39 27.34
C GLU D 132 -21.61 38.61 26.51
N LEU D 133 -20.77 37.57 26.40
CA LEU D 133 -19.55 37.64 25.61
C LEU D 133 -19.83 37.75 24.13
N ILE D 134 -20.99 37.28 23.68
CA ILE D 134 -21.43 37.47 22.30
C ILE D 134 -22.87 37.97 22.33
N GLN D 135 -23.21 38.83 21.37
CA GLN D 135 -24.56 39.36 21.26
C GLN D 135 -25.34 38.54 20.24
N VAL D 136 -26.58 38.17 20.59
CA VAL D 136 -27.42 37.34 19.73
C VAL D 136 -27.54 38.01 18.37
N GLU D 137 -26.86 37.44 17.38
CA GLU D 137 -26.89 37.94 16.02
C GLU D 137 -26.25 36.86 15.17
N ASP D 138 -25.76 37.20 13.99
CA ASP D 138 -24.98 36.24 13.22
C ASP D 138 -23.50 36.37 13.59
N ILE D 139 -22.87 35.22 13.80
CA ILE D 139 -21.50 35.15 14.28
C ILE D 139 -20.69 34.36 13.25
N PRO D 140 -19.61 34.94 12.67
CA PRO D 140 -18.88 34.23 11.62
C PRO D 140 -17.62 33.51 12.10
N LYS D 141 -17.09 32.64 11.24
CA LYS D 141 -15.92 31.83 11.59
C LYS D 141 -14.63 32.50 11.09
N LYS D 158 19.55 38.67 19.69
CA LYS D 158 19.67 37.35 20.31
C LYS D 158 18.83 37.25 21.57
N THR D 159 17.51 37.31 21.42
CA THR D 159 16.60 37.37 22.56
C THR D 159 16.21 35.96 23.04
N ASN D 160 16.13 35.81 24.38
CA ASN D 160 15.80 34.55 25.04
C ASN D 160 14.36 34.13 24.77
N ILE D 161 14.00 32.98 25.36
CA ILE D 161 12.60 32.64 25.57
C ILE D 161 12.12 33.12 26.94
N PHE D 162 13.03 33.63 27.78
CA PHE D 162 12.66 34.19 29.06
C PHE D 162 12.49 35.70 29.00
N GLY D 163 12.91 36.32 27.90
CA GLY D 163 12.91 37.77 27.76
C GLY D 163 14.27 38.41 27.92
N LYS D 164 15.34 37.62 28.04
CA LYS D 164 16.68 38.14 28.21
C LYS D 164 17.36 38.26 26.85
N VAL D 165 18.65 38.62 26.84
CA VAL D 165 19.43 38.77 25.63
C VAL D 165 20.77 38.04 25.82
N VAL D 166 21.52 37.92 24.73
CA VAL D 166 22.76 37.16 24.76
C VAL D 166 23.78 37.78 23.81
N HIS E 9 -23.05 -3.60 -5.47
CA HIS E 9 -23.22 -3.87 -6.91
C HIS E 9 -22.69 -2.70 -7.77
N TYR E 10 -21.76 -1.93 -7.19
CA TYR E 10 -20.98 -0.86 -7.84
C TYR E 10 -19.53 -1.33 -7.98
N ILE E 11 -18.82 -0.86 -9.01
CA ILE E 11 -17.47 -1.41 -9.22
C ILE E 11 -16.48 -0.87 -8.19
N TRP E 12 -16.71 0.32 -7.63
CA TRP E 12 -15.81 0.76 -6.57
C TRP E 12 -15.90 -0.15 -5.34
N ALA E 13 -17.10 -0.67 -5.04
CA ALA E 13 -17.26 -1.54 -3.87
C ALA E 13 -16.58 -2.89 -4.07
N LYS E 14 -16.79 -3.52 -5.23
CA LYS E 14 -16.14 -4.80 -5.51
C LYS E 14 -14.62 -4.68 -5.35
N LEU E 15 -14.04 -3.62 -5.92
CA LEU E 15 -12.61 -3.45 -5.81
C LEU E 15 -12.18 -3.07 -4.39
N SER E 16 -13.03 -2.35 -3.65
CA SER E 16 -12.74 -2.09 -2.24
C SER E 16 -12.64 -3.38 -1.45
N ALA E 17 -13.65 -4.26 -1.60
CA ALA E 17 -13.61 -5.55 -0.92
C ALA E 17 -12.41 -6.37 -1.37
N TYR E 18 -12.08 -6.33 -2.66
CA TYR E 18 -10.91 -7.05 -3.13
C TYR E 18 -9.62 -6.50 -2.51
N HIS E 19 -9.48 -5.15 -2.40
CA HIS E 19 -8.31 -4.58 -1.72
C HIS E 19 -8.23 -5.11 -0.29
N ILE E 20 -9.36 -5.17 0.41
CA ILE E 20 -9.35 -5.67 1.79
C ILE E 20 -8.95 -7.14 1.82
N ALA E 21 -9.59 -7.95 0.98
CA ALA E 21 -9.25 -9.37 0.92
C ALA E 21 -7.76 -9.56 0.62
N GLU E 22 -7.24 -8.80 -0.34
CA GLU E 22 -5.84 -8.94 -0.70
C GLU E 22 -4.95 -8.49 0.44
N LEU E 23 -5.31 -7.38 1.10
CA LEU E 23 -4.50 -6.87 2.20
C LEU E 23 -4.44 -7.89 3.32
N LEU E 24 -5.59 -8.45 3.70
CA LEU E 24 -5.63 -9.43 4.77
C LEU E 24 -4.81 -10.65 4.42
N GLU E 25 -4.90 -11.10 3.17
CA GLU E 25 -4.11 -12.24 2.73
C GLU E 25 -2.61 -11.93 2.80
N GLN E 26 -2.24 -10.69 2.46
CA GLN E 26 -0.83 -10.33 2.52
C GLN E 26 -0.31 -10.38 3.95
N GLU E 27 -1.16 -10.08 4.92
CA GLU E 27 -0.78 -10.20 6.33
C GLU E 27 -0.96 -11.62 6.87
N LYS E 28 -1.29 -12.58 6.02
CA LYS E 28 -1.47 -13.98 6.40
C LYS E 28 -2.60 -14.14 7.41
N ARG E 29 -3.51 -13.16 7.51
CA ARG E 29 -4.75 -13.31 8.25
C ARG E 29 -5.75 -14.01 7.34
N TYR E 30 -5.42 -15.27 7.00
CA TYR E 30 -6.11 -15.97 5.93
C TYR E 30 -7.59 -16.17 6.22
N ASP E 31 -7.95 -16.46 7.47
CA ASP E 31 -9.36 -16.66 7.79
C ASP E 31 -10.16 -15.38 7.58
N GLU E 32 -9.65 -14.24 8.03
CA GLU E 32 -10.39 -13.01 7.81
C GLU E 32 -10.55 -12.73 6.31
N SER E 33 -9.50 -13.00 5.53
CA SER E 33 -9.55 -12.77 4.09
C SER E 33 -10.64 -13.62 3.45
N LEU E 34 -10.66 -14.92 3.78
CA LEU E 34 -11.66 -15.85 3.29
C LEU E 34 -13.08 -15.42 3.68
N ALA E 35 -13.22 -14.70 4.80
CA ALA E 35 -14.53 -14.16 5.17
C ALA E 35 -15.01 -13.15 4.16
N ILE E 36 -14.12 -12.25 3.71
CA ILE E 36 -14.49 -11.29 2.68
C ILE E 36 -14.76 -12.00 1.35
N ILE E 37 -13.96 -13.01 1.03
CA ILE E 37 -14.16 -13.73 -0.22
C ILE E 37 -15.54 -14.38 -0.22
N GLU E 38 -15.87 -15.09 0.86
CA GLU E 38 -17.16 -15.77 0.94
C GLU E 38 -18.31 -14.77 0.97
N GLU E 39 -18.08 -13.62 1.59
CA GLU E 39 -19.10 -12.58 1.54
C GLU E 39 -19.25 -12.01 0.14
N ALA E 40 -18.12 -11.77 -0.55
CA ALA E 40 -18.17 -11.28 -1.92
C ALA E 40 -18.81 -12.30 -2.85
N ARG E 41 -18.52 -13.58 -2.63
CA ARG E 41 -19.08 -14.61 -3.50
C ARG E 41 -20.61 -14.57 -3.46
N VAL E 42 -21.20 -14.12 -2.37
CA VAL E 42 -22.65 -13.96 -2.32
C VAL E 42 -23.10 -12.68 -3.01
N ILE E 43 -22.43 -11.58 -2.71
CA ILE E 43 -22.83 -10.28 -3.25
C ILE E 43 -22.55 -10.21 -4.75
N TRP E 44 -21.36 -10.62 -5.15
CA TRP E 44 -20.90 -10.51 -6.53
C TRP E 44 -20.43 -11.88 -7.00
N PRO E 45 -21.36 -12.81 -7.23
CA PRO E 45 -20.94 -14.18 -7.58
C PRO E 45 -20.25 -14.30 -8.92
N ASN E 46 -20.49 -13.35 -9.83
CA ASN E 46 -19.88 -13.35 -11.15
C ASN E 46 -18.44 -12.87 -11.15
N VAL E 47 -17.96 -12.31 -10.06
CA VAL E 47 -16.60 -11.77 -10.01
C VAL E 47 -15.62 -12.89 -9.72
N PRO E 48 -14.75 -13.26 -10.68
CA PRO E 48 -13.89 -14.43 -10.46
C PRO E 48 -12.69 -14.17 -9.57
N GLU E 49 -12.26 -12.94 -9.37
CA GLU E 49 -11.03 -12.75 -8.61
C GLU E 49 -11.19 -13.23 -7.18
N PHE E 50 -12.39 -13.15 -6.61
CA PHE E 50 -12.58 -13.63 -5.25
C PHE E 50 -12.37 -15.13 -5.14
N PRO E 51 -13.09 -15.98 -5.89
CA PRO E 51 -12.79 -17.42 -5.80
C PRO E 51 -11.36 -17.75 -6.17
N LEU E 52 -10.78 -17.03 -7.15
CA LEU E 52 -9.38 -17.28 -7.47
C LEU E 52 -8.50 -17.02 -6.27
N LYS E 53 -8.88 -16.07 -5.40
CA LYS E 53 -8.07 -15.80 -4.21
C LYS E 53 -8.31 -16.86 -3.16
N LYS E 54 -9.57 -17.28 -3.00
CA LYS E 54 -9.87 -18.41 -2.15
C LYS E 54 -8.99 -19.59 -2.50
N ALA E 55 -8.96 -19.94 -3.79
CA ALA E 55 -8.14 -21.06 -4.25
C ALA E 55 -6.68 -20.87 -3.89
N ASN E 56 -6.17 -19.65 -4.11
CA ASN E 56 -4.76 -19.41 -3.79
C ASN E 56 -4.52 -19.54 -2.30
N ILE E 57 -5.45 -19.06 -1.48
CA ILE E 57 -5.29 -19.19 -0.04
C ILE E 57 -5.31 -20.65 0.37
N LEU E 58 -6.26 -21.41 -0.19
CA LEU E 58 -6.36 -22.83 0.07
C LEU E 58 -5.13 -23.58 -0.39
N TYR E 59 -4.55 -23.15 -1.52
CA TYR E 59 -3.37 -23.85 -2.01
C TYR E 59 -2.21 -23.70 -1.03
N VAL E 60 -1.96 -22.48 -0.55
CA VAL E 60 -0.81 -22.34 0.33
C VAL E 60 -1.06 -23.03 1.67
N ASN E 61 -2.33 -23.21 2.05
CA ASN E 61 -2.69 -23.88 3.30
C ASN E 61 -2.88 -25.38 3.15
N HIS E 62 -2.45 -25.94 2.02
CA HIS E 62 -2.32 -27.37 1.81
C HIS E 62 -3.67 -28.06 1.64
N GLN E 63 -4.70 -27.31 1.27
CA GLN E 63 -5.98 -27.89 0.92
C GLN E 63 -6.14 -27.87 -0.61
N LEU E 64 -5.28 -28.69 -1.24
CA LEU E 64 -5.16 -28.67 -2.69
C LEU E 64 -6.40 -29.16 -3.40
N GLU E 65 -7.12 -30.11 -2.81
CA GLU E 65 -8.30 -30.59 -3.53
C GLU E 65 -9.35 -29.51 -3.61
N ASP E 66 -9.51 -28.71 -2.54
CA ASP E 66 -10.44 -27.60 -2.63
C ASP E 66 -9.96 -26.53 -3.60
N ALA E 67 -8.67 -26.21 -3.58
CA ALA E 67 -8.14 -25.25 -4.53
C ALA E 67 -8.29 -25.74 -5.96
N LYS E 68 -7.99 -27.02 -6.21
CA LYS E 68 -8.18 -27.60 -7.53
C LYS E 68 -9.60 -27.41 -8.01
N GLU E 69 -10.57 -27.74 -7.16
CA GLU E 69 -11.98 -27.61 -7.54
C GLU E 69 -12.30 -26.19 -7.97
N ILE E 70 -11.72 -25.20 -7.29
CA ILE E 70 -12.00 -23.82 -7.63
C ILE E 70 -11.28 -23.43 -8.93
N TYR E 71 -10.01 -23.83 -9.08
CA TYR E 71 -9.29 -23.53 -10.32
C TYR E 71 -10.00 -24.15 -11.50
N GLN E 72 -10.45 -25.40 -11.36
CA GLN E 72 -11.22 -26.05 -12.42
C GLN E 72 -12.53 -25.31 -12.68
N SER E 73 -13.23 -24.89 -11.62
CA SER E 73 -14.49 -24.19 -11.80
C SER E 73 -14.30 -22.82 -12.45
N LEU E 74 -13.14 -22.19 -12.25
CA LEU E 74 -12.88 -20.93 -12.93
C LEU E 74 -12.76 -21.15 -14.44
N LEU E 75 -12.21 -22.27 -14.86
CA LEU E 75 -12.20 -22.66 -16.27
C LEU E 75 -13.57 -23.22 -16.65
N GLU E 76 -14.06 -22.80 -17.81
CA GLU E 76 -15.37 -23.22 -18.29
C GLU E 76 -16.44 -22.88 -17.24
N ASN E 77 -16.84 -21.61 -17.19
CA ASN E 77 -17.95 -21.21 -16.35
C ASN E 77 -19.21 -21.94 -16.80
N ALA E 78 -19.86 -22.62 -15.86
CA ALA E 78 -21.07 -23.37 -16.16
C ALA E 78 -22.34 -22.61 -15.78
N ALA E 79 -22.64 -22.57 -14.48
CA ALA E 79 -23.85 -21.92 -14.00
C ALA E 79 -23.65 -20.43 -13.79
N ILE E 80 -22.45 -20.01 -13.42
CA ILE E 80 -22.12 -18.60 -13.17
C ILE E 80 -21.10 -18.19 -14.22
N ASP E 81 -21.56 -17.40 -15.21
CA ASP E 81 -20.67 -16.83 -16.21
C ASP E 81 -19.84 -15.73 -15.57
N TYR E 82 -18.53 -15.97 -15.47
CA TYR E 82 -17.59 -15.08 -14.79
C TYR E 82 -17.14 -13.91 -15.66
N GLN E 83 -17.24 -12.69 -15.11
CA GLN E 83 -16.72 -11.48 -15.73
C GLN E 83 -15.66 -10.86 -14.85
N PRO E 84 -14.37 -10.94 -15.23
CA PRO E 84 -13.33 -10.31 -14.41
C PRO E 84 -13.52 -8.80 -14.36
N ILE E 85 -13.10 -8.20 -13.26
CA ILE E 85 -13.18 -6.75 -13.09
C ILE E 85 -11.81 -6.09 -12.99
N VAL E 86 -10.75 -6.83 -12.67
CA VAL E 86 -9.40 -6.26 -12.61
C VAL E 86 -8.33 -7.24 -13.12
N LEU E 87 -8.45 -8.52 -12.77
CA LEU E 87 -7.50 -9.55 -13.23
C LEU E 87 -8.14 -10.35 -14.34
N TYR E 88 -7.73 -10.07 -15.58
CA TYR E 88 -8.42 -10.69 -16.70
C TYR E 88 -7.92 -12.09 -17.00
N GLU E 89 -6.82 -12.51 -16.38
CA GLU E 89 -6.40 -13.89 -16.45
C GLU E 89 -6.96 -14.73 -15.31
N ALA E 90 -7.91 -14.18 -14.54
CA ALA E 90 -8.46 -14.92 -13.42
C ALA E 90 -9.25 -16.12 -13.89
N THR E 91 -9.77 -16.08 -15.12
CA THR E 91 -10.56 -17.14 -15.72
C THR E 91 -9.84 -17.80 -16.89
N ASN E 92 -8.57 -17.48 -17.10
CA ASN E 92 -7.84 -18.04 -18.23
C ASN E 92 -6.49 -18.53 -17.74
N PHE E 93 -5.50 -17.65 -17.75
CA PHE E 93 -4.11 -18.05 -17.55
C PHE E 93 -3.85 -18.60 -16.14
N MET E 94 -4.31 -17.88 -15.11
CA MET E 94 -3.91 -18.26 -13.75
C MET E 94 -4.47 -19.61 -13.32
N PRO E 95 -5.76 -19.94 -13.52
CA PRO E 95 -6.22 -21.29 -13.15
C PRO E 95 -5.42 -22.39 -13.83
N HIS E 96 -5.04 -22.19 -15.09
CA HIS E 96 -4.22 -23.18 -15.79
C HIS E 96 -2.88 -23.36 -15.08
N LYS E 97 -2.19 -22.24 -14.78
CA LYS E 97 -0.86 -22.27 -14.16
C LYS E 97 -0.89 -22.97 -12.81
N MET E 98 -1.91 -22.70 -12.00
CA MET E 98 -1.96 -23.34 -10.69
C MET E 98 -2.32 -24.81 -10.81
N LEU E 99 -3.24 -25.14 -11.70
CA LEU E 99 -3.62 -26.54 -11.87
C LEU E 99 -2.40 -27.37 -12.25
N GLY E 100 -1.55 -26.85 -13.14
CA GLY E 100 -0.30 -27.52 -13.43
C GLY E 100 0.60 -27.63 -12.21
N THR E 101 0.65 -26.58 -11.40
CA THR E 101 1.45 -26.60 -10.19
C THR E 101 0.97 -27.67 -9.23
N ILE E 102 -0.35 -27.74 -9.02
CA ILE E 102 -0.90 -28.75 -8.13
C ILE E 102 -0.67 -30.14 -8.70
N TYR E 103 -0.92 -30.32 -10.00
CA TYR E 103 -0.76 -31.64 -10.61
C TYR E 103 0.69 -32.08 -10.58
N LEU E 104 1.64 -31.14 -10.72
CA LEU E 104 3.05 -31.53 -10.61
C LEU E 104 3.36 -31.99 -9.18
N GLU E 105 2.92 -31.23 -8.18
CA GLU E 105 3.11 -31.66 -6.80
C GLU E 105 2.38 -32.98 -6.52
N GLU E 106 1.20 -33.16 -7.11
CA GLU E 106 0.44 -34.39 -6.92
C GLU E 106 0.98 -35.53 -7.75
N LYS E 107 2.08 -35.31 -8.47
CA LYS E 107 2.73 -36.31 -9.31
C LYS E 107 1.84 -36.79 -10.45
N ASP E 108 0.85 -36.00 -10.84
CA ASP E 108 0.08 -36.29 -12.05
C ASP E 108 0.77 -35.61 -13.23
N TYR E 109 1.92 -36.17 -13.61
CA TYR E 109 2.80 -35.50 -14.57
C TYR E 109 2.09 -35.27 -15.91
N THR E 110 1.24 -36.21 -16.32
CA THR E 110 0.56 -36.07 -17.60
C THR E 110 -0.41 -34.88 -17.57
N ARG E 111 -1.21 -34.75 -16.51
CA ARG E 111 -2.14 -33.63 -16.43
C ARG E 111 -1.41 -32.30 -16.19
N ALA E 112 -0.31 -32.33 -15.42
CA ALA E 112 0.42 -31.11 -15.13
C ALA E 112 0.95 -30.43 -16.39
N MET E 113 1.52 -31.21 -17.30
CA MET E 113 2.02 -30.65 -18.55
C MET E 113 0.89 -30.03 -19.36
N THR E 114 -0.29 -30.64 -19.31
CA THR E 114 -1.43 -30.16 -20.09
C THR E 114 -1.80 -28.74 -19.69
N HIS E 115 -1.90 -28.50 -18.39
CA HIS E 115 -2.26 -27.19 -17.89
C HIS E 115 -1.11 -26.20 -18.04
N PHE E 116 0.12 -26.64 -17.77
CA PHE E 116 1.27 -25.78 -18.03
C PHE E 116 1.30 -25.36 -19.49
N SER E 117 1.07 -26.32 -20.39
CA SER E 117 1.04 -26.01 -21.82
C SER E 117 -0.09 -25.02 -22.12
N LYS E 118 -1.31 -25.32 -21.67
CA LYS E 118 -2.40 -24.39 -21.89
C LYS E 118 -2.04 -23.02 -21.34
N ALA E 119 -1.38 -22.97 -20.18
CA ALA E 119 -1.10 -21.70 -19.53
C ALA E 119 -0.04 -20.91 -20.27
N TYR E 120 1.01 -21.59 -20.75
CA TYR E 120 2.04 -20.94 -21.55
C TYR E 120 1.47 -20.43 -22.88
N ALA E 121 0.45 -21.11 -23.40
CA ALA E 121 -0.22 -20.61 -24.61
C ALA E 121 -0.77 -19.22 -24.39
N GLU E 122 -1.39 -18.98 -23.24
CA GLU E 122 -1.99 -17.68 -22.95
C GLU E 122 -0.92 -16.61 -22.77
N ASN E 123 -0.02 -16.80 -21.81
CA ASN E 123 1.05 -15.84 -21.53
C ASN E 123 2.41 -16.53 -21.64
N SER E 124 3.18 -16.16 -22.64
CA SER E 124 4.45 -16.79 -22.94
C SER E 124 5.62 -16.13 -22.22
N SER E 125 5.36 -15.14 -21.37
CA SER E 125 6.43 -14.40 -20.71
C SER E 125 6.58 -14.77 -19.24
N ASP E 126 5.88 -15.81 -18.79
CA ASP E 126 5.93 -16.24 -17.39
C ASP E 126 7.12 -17.19 -17.22
N TYR E 127 8.13 -16.76 -16.46
CA TYR E 127 9.21 -17.67 -16.08
C TYR E 127 8.75 -18.78 -15.16
N GLY E 128 7.60 -18.61 -14.50
CA GLY E 128 7.10 -19.67 -13.62
C GLY E 128 6.77 -20.93 -14.37
N VAL E 129 5.94 -20.82 -15.41
CA VAL E 129 5.54 -22.02 -16.16
C VAL E 129 6.72 -22.60 -16.93
N MET E 130 7.59 -21.73 -17.47
CA MET E 130 8.78 -22.21 -18.18
C MET E 130 9.72 -22.98 -17.25
N PHE E 131 10.05 -22.40 -16.09
CA PHE E 131 10.90 -23.09 -15.12
C PHE E 131 10.28 -24.43 -14.75
N GLN E 132 8.96 -24.45 -14.60
CA GLN E 132 8.25 -25.69 -14.25
C GLN E 132 8.32 -26.71 -15.37
N MET E 133 8.09 -26.27 -16.61
CA MET E 133 8.09 -27.21 -17.72
C MET E 133 9.45 -27.87 -17.93
N ILE E 134 10.53 -27.09 -17.86
CA ILE E 134 11.86 -27.64 -18.03
C ILE E 134 12.16 -28.70 -16.96
N MET E 135 11.79 -28.41 -15.71
CA MET E 135 12.13 -29.33 -14.63
C MET E 135 11.35 -30.64 -14.69
N LEU E 136 10.05 -30.61 -15.02
CA LEU E 136 9.34 -31.89 -15.09
C LEU E 136 9.73 -32.68 -16.33
N LEU E 137 9.96 -32.01 -17.46
CA LEU E 137 10.50 -32.74 -18.60
C LEU E 137 11.89 -33.29 -18.29
N SER E 138 12.67 -32.57 -17.48
CA SER E 138 13.96 -33.10 -17.04
C SER E 138 13.78 -34.43 -16.32
N LYS E 139 12.59 -34.66 -15.74
CA LYS E 139 12.30 -35.96 -15.16
C LYS E 139 12.30 -37.04 -16.24
N PHE E 140 11.79 -36.73 -17.43
CA PHE E 140 11.65 -37.71 -18.50
C PHE E 140 12.63 -37.52 -19.65
N HIS E 141 12.63 -36.37 -20.32
CA HIS E 141 13.37 -36.33 -21.58
C HIS E 141 14.84 -35.99 -21.36
N GLN E 142 15.63 -36.25 -22.41
CA GLN E 142 17.05 -35.96 -22.44
C GLN E 142 17.26 -34.50 -22.81
N PRO E 143 18.42 -33.93 -22.47
CA PRO E 143 18.60 -32.48 -22.67
C PRO E 143 18.39 -31.99 -24.09
N LYS E 144 18.93 -32.70 -25.09
CA LYS E 144 18.76 -32.25 -26.47
C LYS E 144 17.28 -32.24 -26.85
N GLU E 145 16.54 -33.27 -26.44
CA GLU E 145 15.10 -33.32 -26.70
C GLU E 145 14.41 -32.15 -25.99
N ILE E 146 14.85 -31.85 -24.77
CA ILE E 146 14.26 -30.75 -24.00
C ILE E 146 14.53 -29.41 -24.68
N PHE E 147 15.76 -29.17 -25.12
CA PHE E 147 16.05 -27.93 -25.83
C PHE E 147 15.26 -27.82 -27.12
N ALA E 148 15.01 -28.93 -27.80
CA ALA E 148 14.12 -28.88 -28.95
C ALA E 148 12.76 -28.30 -28.55
N PHE E 149 12.26 -28.70 -27.38
CA PHE E 149 10.99 -28.19 -26.87
C PHE E 149 11.05 -26.67 -26.71
N MET E 150 12.09 -26.18 -26.01
CA MET E 150 12.22 -24.75 -25.80
C MET E 150 12.37 -24.01 -27.12
N GLU E 151 13.17 -24.57 -28.05
CA GLU E 151 13.33 -23.97 -29.36
C GLU E 151 12.03 -24.05 -30.17
N ARG E 152 11.31 -25.17 -30.07
CA ARG E 152 10.07 -25.33 -30.83
C ARG E 152 9.00 -24.33 -30.38
N HIS E 153 8.91 -24.06 -29.08
CA HIS E 153 7.87 -23.19 -28.54
C HIS E 153 8.33 -21.76 -28.29
N HIS E 154 9.49 -21.37 -28.82
CA HIS E 154 9.99 -20.01 -28.75
C HIS E 154 10.10 -19.52 -27.31
N PHE E 155 10.66 -20.36 -26.44
CA PHE E 155 10.85 -19.97 -25.04
C PHE E 155 11.74 -18.76 -24.95
N ILE E 156 12.88 -18.80 -25.63
CA ILE E 156 13.86 -17.74 -25.57
C ILE E 156 13.44 -16.64 -26.56
N SER E 157 12.49 -15.80 -26.14
CA SER E 157 11.98 -14.74 -27.00
C SER E 157 13.00 -13.61 -27.18
N SER E 158 13.92 -13.44 -26.23
CA SER E 158 14.88 -12.35 -26.28
C SER E 158 16.17 -12.81 -25.62
N THR E 159 17.22 -12.01 -25.79
CA THR E 159 18.50 -12.32 -25.15
C THR E 159 18.40 -12.25 -23.64
N GLU E 160 17.64 -11.28 -23.11
CA GLU E 160 17.43 -11.22 -21.67
C GLU E 160 16.61 -12.40 -21.17
N THR E 161 15.59 -12.81 -21.94
CA THR E 161 14.75 -13.94 -21.53
C THR E 161 15.58 -15.21 -21.37
N GLY E 162 16.46 -15.48 -22.33
CA GLY E 162 17.31 -16.67 -22.26
C GLY E 162 18.26 -16.66 -21.09
N LEU E 163 18.77 -15.48 -20.74
CA LEU E 163 19.61 -15.36 -19.56
C LEU E 163 18.83 -15.71 -18.30
N ARG E 164 17.63 -15.18 -18.16
CA ARG E 164 16.78 -15.52 -17.02
C ARG E 164 16.49 -17.03 -16.98
N LEU E 165 16.27 -17.65 -18.15
CA LEU E 165 16.17 -19.10 -18.18
C LEU E 165 17.47 -19.76 -17.75
N LEU E 166 18.61 -19.17 -18.10
CA LEU E 166 19.89 -19.81 -17.81
C LEU E 166 20.17 -19.87 -16.31
N SER E 167 19.77 -18.84 -15.56
CA SER E 167 19.95 -18.86 -14.11
C SER E 167 19.17 -19.98 -13.45
N MET E 168 17.99 -20.32 -14.00
CA MET E 168 17.20 -21.42 -13.44
C MET E 168 17.90 -22.75 -13.65
N THR E 169 18.39 -22.97 -14.87
CA THR E 169 19.04 -24.23 -15.21
C THR E 169 20.32 -24.44 -14.43
N THR E 170 21.11 -23.39 -14.22
CA THR E 170 22.39 -23.51 -13.52
C THR E 170 22.20 -23.91 -12.07
N GLN E 171 21.19 -23.36 -11.40
CA GLN E 171 20.96 -23.65 -9.99
C GLN E 171 20.44 -25.07 -9.78
N GLN E 172 19.69 -25.60 -10.74
CA GLN E 172 19.19 -26.97 -10.64
C GLN E 172 20.24 -28.00 -11.01
N GLY E 173 21.32 -27.57 -11.64
CA GLY E 173 22.36 -28.48 -12.06
C GLY E 173 22.24 -29.00 -13.47
N TYR E 174 21.43 -28.35 -14.32
CA TYR E 174 21.23 -28.81 -15.69
C TYR E 174 22.38 -28.29 -16.57
N ALA E 175 23.55 -28.90 -16.39
CA ALA E 175 24.76 -28.46 -17.08
C ALA E 175 24.64 -28.68 -18.59
N GLU E 176 24.13 -29.84 -19.00
CA GLU E 176 23.97 -30.11 -20.42
C GLU E 176 22.89 -29.19 -21.02
N LEU E 177 21.75 -29.07 -20.34
CA LEU E 177 20.66 -28.21 -20.83
C LEU E 177 21.06 -26.74 -20.89
N SER E 178 21.63 -26.22 -19.81
CA SER E 178 22.05 -24.82 -19.81
C SER E 178 23.07 -24.53 -20.91
N GLU E 179 23.96 -25.49 -21.18
CA GLU E 179 24.93 -25.32 -22.26
C GLU E 179 24.23 -25.13 -23.60
N LEU E 180 23.18 -25.91 -23.88
CA LEU E 180 22.46 -25.75 -25.13
C LEU E 180 21.80 -24.38 -25.23
N ILE E 181 21.28 -23.86 -24.11
CA ILE E 181 20.54 -22.60 -24.13
C ILE E 181 21.47 -21.42 -24.42
N VAL E 182 22.60 -21.34 -23.71
CA VAL E 182 23.43 -20.15 -23.78
C VAL E 182 24.12 -20.04 -25.14
N GLN E 183 24.52 -21.19 -25.71
CA GLN E 183 25.21 -21.21 -26.99
C GLN E 183 24.30 -20.72 -28.12
N SER E 184 22.98 -20.87 -27.95
CA SER E 184 21.99 -20.40 -28.90
C SER E 184 21.74 -18.90 -28.84
N LEU E 185 22.33 -18.20 -27.87
CA LEU E 185 22.13 -16.77 -27.69
C LEU E 185 22.99 -15.97 -28.67
N THR E 186 22.45 -14.84 -29.13
CA THR E 186 23.11 -14.01 -30.13
C THR E 186 23.53 -12.68 -29.52
N ASP E 187 24.76 -12.26 -29.82
CA ASP E 187 25.33 -10.99 -29.35
C ASP E 187 25.24 -10.86 -27.83
N VAL E 188 25.72 -11.89 -27.12
CA VAL E 188 25.82 -11.85 -25.66
C VAL E 188 27.11 -11.15 -25.25
N TYR E 189 27.00 -10.25 -24.27
CA TYR E 189 28.14 -9.50 -23.76
C TYR E 189 29.20 -10.46 -23.20
N PRO E 190 30.48 -10.29 -23.56
CA PRO E 190 31.51 -11.29 -23.23
C PRO E 190 31.66 -11.56 -21.73
N PRO E 191 31.61 -10.54 -20.87
CA PRO E 191 31.66 -10.86 -19.42
C PRO E 191 30.55 -11.81 -19.01
N VAL E 192 29.35 -11.57 -19.53
CA VAL E 192 28.20 -12.43 -19.24
C VAL E 192 28.45 -13.83 -19.80
N ALA E 193 28.93 -13.91 -21.04
CA ALA E 193 29.22 -15.22 -21.62
C ALA E 193 30.32 -15.94 -20.86
N GLU E 194 31.39 -15.22 -20.50
CA GLU E 194 32.46 -15.81 -19.73
C GLU E 194 31.95 -16.32 -18.38
N ALA E 195 31.16 -15.50 -17.69
CA ALA E 195 30.58 -15.93 -16.42
C ALA E 195 29.66 -17.14 -16.59
N THR E 196 28.82 -17.12 -17.64
CA THR E 196 27.89 -18.22 -17.88
C THR E 196 28.62 -19.51 -18.23
N GLU E 197 29.64 -19.41 -19.08
CA GLU E 197 30.41 -20.59 -19.42
C GLU E 197 31.06 -21.19 -18.17
N VAL E 198 31.58 -20.35 -17.28
CA VAL E 198 32.23 -20.82 -16.06
C VAL E 198 31.23 -21.50 -15.12
N LYS E 199 30.05 -20.91 -14.93
CA LYS E 199 29.08 -21.51 -14.03
C LYS E 199 28.65 -22.91 -14.51
N ILE E 200 28.44 -23.07 -15.82
CA ILE E 200 28.09 -24.37 -16.37
C ILE E 200 29.17 -25.41 -16.08
N ALA E 201 30.43 -25.05 -16.28
CA ALA E 201 31.55 -25.98 -16.11
C ALA E 201 31.71 -26.43 -14.66
N THR E 202 31.28 -25.61 -13.69
CA THR E 202 31.45 -25.96 -12.28
C THR E 202 30.66 -27.21 -11.91
N ILE E 203 29.50 -27.42 -12.51
CA ILE E 203 28.76 -28.67 -12.29
C ILE E 203 29.60 -29.86 -12.73
N ARG E 204 30.41 -29.69 -13.77
CA ARG E 204 31.27 -30.74 -14.30
C ARG E 204 32.56 -30.90 -13.50
N ASN E 205 32.67 -30.18 -12.38
CA ASN E 205 33.77 -30.33 -11.42
C ASN E 205 35.12 -30.06 -12.05
N VAL E 206 35.17 -29.15 -13.01
CA VAL E 206 36.44 -28.67 -13.56
C VAL E 206 36.92 -27.53 -12.70
N PHE E 207 38.23 -27.43 -12.51
CA PHE E 207 38.78 -26.35 -11.70
C PHE E 207 38.28 -25.02 -12.25
N PRO E 208 37.52 -24.24 -11.49
CA PRO E 208 36.88 -23.04 -12.04
C PRO E 208 37.76 -21.80 -11.95
N VAL E 209 37.98 -21.13 -13.07
CA VAL E 209 38.69 -19.85 -13.11
C VAL E 209 37.82 -18.86 -13.89
N ILE E 210 37.53 -17.71 -13.28
CA ILE E 210 36.70 -16.69 -13.89
C ILE E 210 37.39 -15.35 -13.67
N SER E 211 37.28 -14.46 -14.66
CA SER E 211 37.98 -13.19 -14.54
C SER E 211 37.39 -12.39 -13.40
N GLU E 212 38.25 -11.59 -12.75
CA GLU E 212 37.76 -10.75 -11.67
C GLU E 212 36.69 -9.81 -12.18
N SER E 213 36.89 -9.24 -13.37
CA SER E 213 35.88 -8.38 -13.97
C SER E 213 34.64 -9.17 -14.37
N ALA E 214 34.83 -10.37 -14.92
CA ALA E 214 33.68 -11.17 -15.36
C ALA E 214 32.78 -11.51 -14.18
N ILE E 215 33.38 -11.84 -13.03
CA ILE E 215 32.60 -12.15 -11.83
C ILE E 215 31.69 -11.00 -11.45
N LEU E 216 32.24 -9.78 -11.43
CA LEU E 216 31.48 -8.61 -10.99
C LEU E 216 30.27 -8.36 -11.88
N PHE E 217 30.41 -8.53 -13.19
CA PHE E 217 29.28 -8.33 -14.09
C PHE E 217 28.18 -9.36 -13.85
N GLY E 218 28.57 -10.62 -13.62
CA GLY E 218 27.59 -11.66 -13.39
C GLY E 218 26.70 -11.40 -12.18
N ILE E 219 27.28 -10.87 -11.10
CA ILE E 219 26.49 -10.51 -9.93
C ILE E 219 25.52 -9.38 -10.27
N LYS E 220 26.02 -8.32 -10.92
CA LYS E 220 25.17 -7.18 -11.26
C LYS E 220 23.99 -7.61 -12.13
N GLU E 221 24.23 -8.53 -13.06
CA GLU E 221 23.20 -9.11 -13.89
C GLU E 221 22.50 -10.31 -13.23
N GLU E 222 22.74 -10.53 -11.94
CA GLU E 222 22.06 -11.56 -11.16
C GLU E 222 22.23 -12.97 -11.72
N LEU E 223 23.38 -13.25 -12.32
CA LEU E 223 23.73 -14.62 -12.69
C LEU E 223 24.62 -15.31 -11.66
N ILE E 224 25.16 -14.56 -10.70
CA ILE E 224 26.10 -15.07 -9.69
C ILE E 224 25.62 -14.62 -8.32
N ASP E 225 25.63 -15.54 -7.35
CA ASP E 225 25.23 -15.24 -5.99
C ASP E 225 26.33 -15.67 -5.01
N ALA E 226 26.08 -15.44 -3.72
CA ALA E 226 27.10 -15.69 -2.71
C ALA E 226 27.48 -17.17 -2.66
N ALA E 227 26.50 -18.05 -2.82
CA ALA E 227 26.80 -19.48 -2.80
C ALA E 227 27.77 -19.86 -3.91
N ASP E 228 27.57 -19.31 -5.11
CA ASP E 228 28.47 -19.61 -6.22
C ASP E 228 29.91 -19.23 -5.89
N LEU E 229 30.11 -18.03 -5.34
CA LEU E 229 31.47 -17.55 -5.09
C LEU E 229 32.14 -18.36 -3.98
N CYS E 230 31.41 -18.74 -2.94
CA CYS E 230 32.03 -19.50 -1.85
C CYS E 230 32.50 -20.87 -2.31
N LEU E 231 31.68 -21.58 -3.10
CA LEU E 231 32.13 -22.84 -3.67
C LEU E 231 33.39 -22.64 -4.52
N TRP E 232 33.39 -21.59 -5.34
CA TRP E 232 34.55 -21.30 -6.18
C TRP E 232 35.79 -21.03 -5.34
N HIS E 233 35.64 -20.31 -4.22
CA HIS E 233 36.80 -20.08 -3.36
C HIS E 233 37.29 -21.39 -2.75
N TYR E 234 36.37 -22.26 -2.33
CA TYR E 234 36.79 -23.58 -1.86
C TYR E 234 37.44 -24.39 -2.98
N GLU E 235 36.88 -24.32 -4.19
CA GLU E 235 37.45 -25.06 -5.30
C GLU E 235 38.74 -24.41 -5.80
N ASN E 236 38.83 -23.08 -5.73
CA ASN E 236 40.02 -22.35 -6.18
C ASN E 236 40.20 -21.13 -5.28
N PRO E 237 41.02 -21.24 -4.22
CA PRO E 237 41.21 -20.09 -3.33
C PRO E 237 42.00 -18.94 -3.95
N GLN E 238 42.73 -19.17 -5.04
CA GLN E 238 43.50 -18.12 -5.69
C GLN E 238 42.62 -17.02 -6.31
N LEU E 239 41.33 -17.28 -6.51
CA LEU E 239 40.44 -16.29 -7.11
C LEU E 239 40.14 -15.16 -6.12
N PRO E 240 39.94 -13.93 -6.62
CA PRO E 240 39.77 -12.77 -5.71
C PRO E 240 38.37 -12.70 -5.10
N ILE E 241 37.97 -13.76 -4.42
CA ILE E 241 36.62 -13.79 -3.89
C ILE E 241 36.51 -13.00 -2.58
N GLU E 242 37.56 -12.99 -1.76
CA GLU E 242 37.51 -12.24 -0.49
C GLU E 242 37.31 -10.76 -0.77
N ASN E 243 38.08 -10.22 -1.70
CA ASN E 243 37.94 -8.81 -2.09
C ASN E 243 36.56 -8.54 -2.69
N VAL E 244 36.07 -9.46 -3.52
CA VAL E 244 34.76 -9.28 -4.14
C VAL E 244 33.63 -9.35 -3.13
N MET E 245 33.66 -10.33 -2.23
CA MET E 245 32.53 -10.55 -1.34
C MET E 245 32.37 -9.44 -0.30
N LYS E 246 33.48 -8.91 0.22
CA LYS E 246 33.40 -7.88 1.25
C LYS E 246 32.73 -6.61 0.72
N ASN E 247 33.05 -6.21 -0.51
CA ASN E 247 32.45 -5.00 -1.09
C ASN E 247 31.00 -5.21 -1.52
N SER E 248 30.56 -6.46 -1.67
CA SER E 248 29.23 -6.80 -2.15
C SER E 248 28.23 -7.05 -1.04
N ASP E 249 28.56 -6.71 0.21
CA ASP E 249 27.68 -6.87 1.37
C ASP E 249 27.36 -8.35 1.67
N VAL E 250 28.28 -9.25 1.33
CA VAL E 250 28.15 -10.66 1.70
C VAL E 250 29.46 -11.12 2.33
N GLY E 251 30.21 -10.19 2.91
CA GLY E 251 31.49 -10.53 3.50
C GLY E 251 31.38 -11.49 4.66
N ASP E 252 30.28 -11.39 5.43
CA ASP E 252 30.12 -12.25 6.61
C ASP E 252 30.11 -13.73 6.21
N ILE E 253 29.49 -14.05 5.07
CA ILE E 253 29.49 -15.44 4.63
C ILE E 253 30.92 -15.91 4.37
N TYR E 254 31.73 -15.10 3.69
CA TYR E 254 33.13 -15.47 3.46
C TYR E 254 33.91 -15.51 4.78
N ASP E 255 33.73 -14.50 5.63
CA ASP E 255 34.46 -14.47 6.90
C ASP E 255 34.07 -15.65 7.80
N PHE E 256 32.78 -16.02 7.80
CA PHE E 256 32.31 -17.14 8.62
C PHE E 256 32.86 -18.48 8.11
N ILE E 257 32.72 -18.74 6.81
CA ILE E 257 33.00 -20.07 6.26
C ILE E 257 34.50 -20.34 6.16
N PHE E 258 35.29 -19.32 5.79
CA PHE E 258 36.69 -19.55 5.47
C PHE E 258 37.67 -18.90 6.44
N GLU E 259 37.27 -17.83 7.11
CA GLU E 259 38.18 -17.07 7.95
C GLU E 259 37.78 -17.13 9.41
N ASN E 260 37.06 -18.20 9.80
CA ASN E 260 36.78 -18.47 11.21
C ASN E 260 35.96 -17.34 11.81
N GLY E 261 35.04 -16.79 11.03
CA GLY E 261 34.31 -15.60 11.41
C GLY E 261 33.05 -15.88 12.22
N PRO E 262 32.35 -14.82 12.62
CA PRO E 262 31.19 -14.99 13.49
C PRO E 262 29.96 -15.50 12.74
N ARG E 263 29.01 -16.02 13.52
CA ARG E 263 27.87 -16.74 12.97
C ARG E 263 27.04 -15.84 12.04
N ILE E 264 26.46 -16.47 11.03
CA ILE E 264 25.51 -15.80 10.13
C ILE E 264 24.15 -16.44 10.34
N SER E 265 23.14 -15.84 9.71
CA SER E 265 21.78 -16.34 9.86
C SER E 265 21.70 -17.77 9.34
N LYS E 266 20.86 -18.58 9.99
CA LYS E 266 20.65 -19.95 9.50
C LYS E 266 20.19 -19.95 8.05
N LYS E 267 19.35 -18.98 7.67
CA LYS E 267 18.83 -18.92 6.30
C LYS E 267 19.97 -18.73 5.30
N ARG E 268 20.94 -17.88 5.64
CA ARG E 268 22.09 -17.64 4.77
C ARG E 268 23.02 -18.84 4.75
N TYR E 269 23.27 -19.44 5.92
CA TYR E 269 24.12 -20.63 5.98
C TYR E 269 23.52 -21.76 5.16
N LEU E 270 22.24 -22.07 5.38
CA LEU E 270 21.59 -23.16 4.66
C LEU E 270 21.52 -22.90 3.16
N PHE E 271 21.63 -21.63 2.75
CA PHE E 271 21.63 -21.27 1.34
C PHE E 271 22.82 -21.90 0.60
N VAL E 272 24.04 -21.70 1.13
CA VAL E 272 25.19 -22.27 0.45
C VAL E 272 25.14 -23.79 0.51
N LEU E 273 24.69 -24.35 1.63
CA LEU E 273 24.61 -25.80 1.74
C LEU E 273 23.63 -26.37 0.72
N GLU E 274 22.49 -25.69 0.49
CA GLU E 274 21.55 -26.14 -0.53
C GLU E 274 22.20 -26.13 -1.91
N ARG E 275 22.90 -25.05 -2.25
CA ARG E 275 23.58 -24.99 -3.54
C ARG E 275 24.60 -26.10 -3.66
N ALA E 276 25.30 -26.40 -2.56
CA ALA E 276 26.29 -27.47 -2.59
C ALA E 276 25.64 -28.80 -2.93
N ILE E 277 24.51 -29.11 -2.30
CA ILE E 277 23.82 -30.37 -2.57
C ILE E 277 23.33 -30.41 -4.02
N ALA E 278 22.73 -29.31 -4.50
CA ALA E 278 22.20 -29.28 -5.86
C ALA E 278 23.30 -29.43 -6.91
N LEU E 279 24.47 -28.87 -6.64
CA LEU E 279 25.57 -28.92 -7.59
C LEU E 279 26.42 -30.17 -7.45
N GLY E 280 26.12 -31.03 -6.47
CA GLY E 280 26.86 -32.26 -6.27
C GLY E 280 28.26 -32.10 -5.72
N LYS E 281 28.53 -31.00 -5.03
CA LYS E 281 29.84 -30.76 -4.42
C LYS E 281 29.83 -31.36 -3.02
N GLY E 282 29.96 -32.70 -2.97
CA GLY E 282 29.91 -33.40 -1.69
C GLY E 282 31.08 -33.06 -0.79
N GLU E 283 32.26 -32.89 -1.38
CA GLU E 283 33.43 -32.51 -0.59
C GLU E 283 33.22 -31.16 0.09
N PHE E 284 32.69 -30.18 -0.66
CA PHE E 284 32.36 -28.90 -0.04
C PHE E 284 31.26 -29.05 1.00
N ALA E 285 30.27 -29.91 0.72
CA ALA E 285 29.19 -30.11 1.68
C ALA E 285 29.71 -30.61 3.02
N ASP E 286 30.67 -31.54 2.99
CA ASP E 286 31.26 -31.99 4.24
C ASP E 286 31.89 -30.83 5.01
N TYR E 287 32.61 -29.95 4.31
CA TYR E 287 33.23 -28.79 4.96
C TYR E 287 32.18 -27.91 5.62
N LEU E 288 31.12 -27.56 4.87
CA LEU E 288 30.06 -26.75 5.44
C LEU E 288 29.39 -27.47 6.61
N LEU E 289 29.18 -28.78 6.46
CA LEU E 289 28.57 -29.54 7.55
C LEU E 289 29.37 -29.41 8.83
N ALA E 290 30.69 -29.19 8.71
CA ALA E 290 31.56 -29.04 9.87
C ALA E 290 31.30 -27.77 10.66
N LEU E 291 30.65 -26.77 10.06
CA LEU E 291 30.39 -25.53 10.75
C LEU E 291 29.11 -25.57 11.57
N ARG E 292 28.43 -26.73 11.61
CA ARG E 292 27.12 -26.81 12.26
C ARG E 292 27.20 -26.74 13.78
N ASN E 293 28.38 -26.96 14.37
CA ASN E 293 28.47 -26.92 15.82
C ASN E 293 28.05 -25.57 16.38
N VAL E 294 28.40 -24.49 15.67
CA VAL E 294 28.16 -23.12 16.13
C VAL E 294 26.69 -22.78 16.20
N TYR E 295 25.85 -23.51 15.50
CA TYR E 295 24.41 -23.28 15.54
C TYR E 295 23.77 -24.08 16.67
N HIS E 296 22.47 -23.86 16.85
CA HIS E 296 21.71 -24.66 17.79
C HIS E 296 21.59 -26.09 17.29
N ASP E 297 21.47 -27.03 18.24
CA ASP E 297 21.42 -28.45 17.90
C ASP E 297 20.26 -28.80 16.97
N SER E 298 19.22 -27.96 16.93
CA SER E 298 18.10 -28.18 16.02
C SER E 298 18.46 -28.03 14.56
N ILE E 299 19.63 -27.45 14.23
CA ILE E 299 19.99 -27.15 12.85
C ILE E 299 20.05 -28.41 12.00
N ASN E 300 20.31 -29.57 12.62
CA ASN E 300 20.44 -30.80 11.84
C ASN E 300 19.12 -31.18 11.18
N SER E 301 17.98 -30.82 11.79
CA SER E 301 16.69 -31.08 11.15
C SER E 301 16.54 -30.28 9.86
N HIS E 302 17.03 -29.04 9.84
CA HIS E 302 16.96 -28.23 8.63
C HIS E 302 17.82 -28.84 7.54
N ILE E 303 19.03 -29.29 7.90
CA ILE E 303 19.87 -30.01 6.97
C ILE E 303 19.17 -31.29 6.52
N ALA E 304 18.47 -31.96 7.44
CA ALA E 304 17.72 -33.17 7.11
C ALA E 304 16.68 -32.90 6.03
N ASP E 305 15.87 -31.85 6.19
CA ASP E 305 14.89 -31.49 5.17
C ASP E 305 15.58 -31.21 3.84
N LEU E 306 16.71 -30.51 3.90
CA LEU E 306 17.49 -30.18 2.71
C LEU E 306 17.89 -31.42 1.92
N PHE E 307 18.33 -32.48 2.63
CA PHE E 307 18.75 -33.68 1.93
C PHE E 307 17.57 -34.44 1.31
N PHE E 308 16.43 -34.51 1.99
CA PHE E 308 15.29 -35.16 1.38
C PHE E 308 14.84 -34.41 0.13
N GLN E 309 14.89 -33.09 0.16
CA GLN E 309 14.41 -32.29 -0.97
C GLN E 309 15.12 -32.67 -2.26
N TYR E 310 16.41 -33.00 -2.19
CA TYR E 310 17.20 -33.37 -3.36
C TYR E 310 17.33 -34.89 -3.54
N ASP E 311 16.46 -35.67 -2.88
CA ASP E 311 16.30 -37.11 -3.08
C ASP E 311 17.43 -37.93 -2.49
N PHE E 312 18.15 -37.36 -1.52
CA PHE E 312 19.16 -38.10 -0.75
C PHE E 312 18.56 -38.53 0.59
N ALA E 313 17.59 -39.45 0.51
CA ALA E 313 16.83 -39.88 1.69
C ALA E 313 17.71 -40.64 2.68
N ASP E 314 18.67 -41.42 2.17
CA ASP E 314 19.58 -42.13 3.05
C ASP E 314 20.37 -41.16 3.91
N ILE E 315 20.94 -40.12 3.28
CA ILE E 315 21.64 -39.08 4.04
C ILE E 315 20.65 -38.31 4.91
N ALA E 316 19.46 -38.03 4.38
CA ALA E 316 18.43 -37.32 5.15
C ALA E 316 18.02 -38.12 6.39
N LEU E 317 17.90 -39.44 6.25
CA LEU E 317 17.51 -40.28 7.38
C LEU E 317 18.52 -40.23 8.52
N ASP E 318 19.82 -40.15 8.21
CA ASP E 318 20.83 -40.11 9.25
C ASP E 318 20.76 -38.84 10.09
N PHE E 319 20.42 -37.69 9.46
CA PHE E 319 20.24 -36.45 10.23
C PHE E 319 18.94 -36.48 11.02
N TYR E 320 17.86 -36.94 10.38
CA TYR E 320 16.57 -37.06 11.06
C TYR E 320 16.67 -38.01 12.25
N ASN E 321 17.46 -39.08 12.12
CA ASN E 321 17.65 -40.05 13.19
C ASN E 321 18.33 -39.42 14.40
N ILE E 322 19.02 -38.28 14.22
CA ILE E 322 19.80 -37.64 15.26
C ILE E 322 19.19 -36.30 15.69
N VAL E 323 17.91 -36.06 15.41
CA VAL E 323 17.22 -34.83 15.78
C VAL E 323 16.22 -35.14 16.88
N ASP E 324 16.18 -34.29 17.90
CA ASP E 324 15.16 -34.38 18.94
C ASP E 324 13.78 -34.13 18.33
N ALA E 325 12.78 -34.90 18.81
CA ALA E 325 11.44 -34.86 18.25
C ALA E 325 10.79 -33.48 18.33
N ASP E 326 11.07 -32.72 19.40
CA ASP E 326 10.51 -31.38 19.53
C ASP E 326 10.95 -30.46 18.40
N GLU E 327 12.18 -30.63 17.92
CA GLU E 327 12.80 -29.73 16.97
C GLU E 327 12.71 -30.20 15.53
N VAL E 328 12.17 -31.39 15.27
CA VAL E 328 11.98 -31.80 13.89
C VAL E 328 11.00 -30.84 13.24
N THR E 329 11.28 -30.43 12.01
CA THR E 329 10.47 -29.41 11.39
C THR E 329 9.14 -29.98 10.93
N LYS E 330 8.18 -29.08 10.70
CA LYS E 330 6.87 -29.50 10.18
C LYS E 330 7.04 -30.20 8.83
N GLN E 331 7.96 -29.70 8.00
CA GLN E 331 8.23 -30.34 6.71
C GLN E 331 8.84 -31.71 6.90
N GLY E 332 9.70 -31.85 7.92
CA GLY E 332 10.30 -33.14 8.20
C GLY E 332 9.27 -34.23 8.40
N TYR E 333 8.16 -33.90 9.07
CA TYR E 333 7.08 -34.86 9.22
C TYR E 333 6.56 -35.34 7.87
N ILE E 334 6.29 -34.40 6.96
CA ILE E 334 5.74 -34.79 5.65
C ILE E 334 6.74 -35.67 4.90
N ASN E 335 8.03 -35.35 4.98
CA ASN E 335 9.05 -36.17 4.34
C ASN E 335 9.06 -37.58 4.91
N LEU E 336 9.12 -37.69 6.24
CA LEU E 336 9.21 -39.00 6.86
C LEU E 336 7.97 -39.84 6.56
N ILE E 337 6.79 -39.24 6.69
CA ILE E 337 5.56 -39.96 6.39
C ILE E 337 5.59 -40.49 4.96
N ASN E 338 5.99 -39.64 4.01
CA ASN E 338 6.05 -40.09 2.62
C ASN E 338 7.07 -41.21 2.44
N TYR E 339 8.23 -41.11 3.10
CA TYR E 339 9.22 -42.17 3.01
C TYR E 339 8.66 -43.48 3.58
N LEU E 340 8.03 -43.41 4.75
CA LEU E 340 7.48 -44.62 5.36
C LEU E 340 6.37 -45.21 4.49
N VAL E 341 5.54 -44.34 3.90
CA VAL E 341 4.48 -44.81 3.01
C VAL E 341 5.06 -45.50 1.78
N ASP E 342 6.16 -44.96 1.21
CA ASP E 342 6.81 -45.64 0.10
C ASP E 342 7.50 -46.93 0.53
N ALA E 343 7.89 -47.03 1.80
CA ALA E 343 8.51 -48.23 2.33
C ALA E 343 7.51 -49.21 2.91
N ASP E 344 6.21 -48.93 2.78
CA ASP E 344 5.14 -49.81 3.28
C ASP E 344 5.28 -50.06 4.79
N VAL E 345 5.72 -49.04 5.52
CA VAL E 345 5.82 -49.10 6.98
C VAL E 345 4.71 -48.20 7.54
N LEU E 346 3.46 -48.53 7.20
CA LEU E 346 2.34 -47.66 7.52
C LEU E 346 2.12 -47.53 9.03
N ASP E 347 2.53 -48.54 9.81
CA ASP E 347 2.36 -48.50 11.25
C ASP E 347 3.05 -47.28 11.86
N GLU E 348 4.32 -47.07 11.51
CA GLU E 348 5.06 -45.92 12.04
C GLU E 348 4.62 -44.60 11.38
N ALA E 349 4.21 -44.63 10.11
CA ALA E 349 3.73 -43.43 9.44
C ALA E 349 2.49 -42.86 10.13
N LEU E 350 1.52 -43.72 10.47
CA LEU E 350 0.33 -43.27 11.20
C LEU E 350 0.70 -42.67 12.55
N ALA E 351 1.74 -43.20 13.19
CA ALA E 351 2.23 -42.66 14.45
C ALA E 351 2.83 -41.26 14.26
N ILE E 352 3.54 -41.04 13.15
CA ILE E 352 4.16 -39.73 12.91
C ILE E 352 3.10 -38.66 12.61
N ALA E 353 2.11 -38.99 11.78
CA ALA E 353 1.06 -38.02 11.48
C ALA E 353 0.26 -37.66 12.74
N GLU E 354 -0.01 -38.65 13.60
CA GLU E 354 -0.78 -38.40 14.82
C GLU E 354 -0.09 -37.37 15.73
N ARG E 355 1.22 -37.52 15.94
CA ARG E 355 1.96 -36.55 16.75
C ARG E 355 1.95 -35.17 16.10
N GLY E 356 2.08 -35.14 14.77
CA GLY E 356 1.99 -33.87 14.06
C GLY E 356 0.69 -33.13 14.31
N ILE E 357 -0.42 -33.87 14.39
CA ILE E 357 -1.70 -33.23 14.68
C ILE E 357 -1.65 -32.54 16.04
N ASP E 358 -0.94 -33.14 17.00
CA ASP E 358 -0.81 -32.52 18.31
C ASP E 358 0.03 -31.25 18.24
N ASN E 359 1.14 -31.28 17.49
CA ASN E 359 2.03 -30.14 17.40
C ASN E 359 1.50 -29.07 16.44
N PHE E 360 1.12 -29.47 15.23
CA PHE E 360 0.68 -28.55 14.18
C PHE E 360 -0.82 -28.71 13.96
N SER E 361 -1.60 -28.26 14.95
CA SER E 361 -3.02 -28.55 14.98
C SER E 361 -3.78 -28.05 13.76
N THR E 362 -3.21 -27.11 13.02
CA THR E 362 -3.93 -26.50 11.91
C THR E 362 -3.47 -26.98 10.54
N ASP E 363 -2.51 -27.88 10.44
CA ASP E 363 -2.01 -28.22 9.12
C ASP E 363 -2.81 -29.37 8.54
N PHE E 364 -3.53 -29.07 7.46
CA PHE E 364 -4.49 -30.01 6.89
C PHE E 364 -3.83 -31.34 6.49
N ARG E 365 -2.55 -31.30 6.13
CA ARG E 365 -1.88 -32.46 5.54
C ARG E 365 -1.83 -33.64 6.50
N PHE E 366 -1.62 -33.38 7.78
CA PHE E 366 -1.50 -34.48 8.75
C PHE E 366 -2.81 -35.24 8.89
N TYR E 367 -3.93 -34.52 9.02
CA TYR E 367 -5.23 -35.17 9.10
C TYR E 367 -5.49 -36.00 7.86
N LEU E 368 -5.10 -35.48 6.70
CA LEU E 368 -5.29 -36.20 5.44
C LEU E 368 -4.48 -37.49 5.42
N TRP E 369 -3.26 -37.45 5.98
CA TRP E 369 -2.42 -38.64 6.04
C TRP E 369 -3.01 -39.68 6.98
N ALA E 370 -3.52 -39.24 8.13
CA ALA E 370 -4.19 -40.16 9.04
C ALA E 370 -5.34 -40.86 8.34
N ILE E 371 -6.11 -40.12 7.55
CA ILE E 371 -7.24 -40.69 6.83
C ILE E 371 -6.78 -41.70 5.79
N LYS E 372 -5.72 -41.38 5.03
CA LYS E 372 -5.26 -42.28 3.99
C LYS E 372 -4.70 -43.58 4.58
N ILE E 373 -4.03 -43.48 5.72
CA ILE E 373 -3.36 -44.63 6.32
C ILE E 373 -4.30 -45.44 7.20
N ASP E 374 -4.99 -44.76 8.14
CA ASP E 374 -5.79 -45.42 9.16
C ASP E 374 -7.13 -45.85 8.55
N THR E 375 -7.05 -46.87 7.69
CA THR E 375 -8.23 -47.36 6.99
C THR E 375 -9.26 -47.94 7.96
N GLU E 376 -8.80 -48.55 9.05
CA GLU E 376 -9.70 -49.17 10.01
C GLU E 376 -10.64 -48.13 10.63
N ASN E 377 -10.13 -46.93 10.87
CA ASN E 377 -10.91 -45.86 11.48
C ASN E 377 -11.22 -44.72 10.51
N ARG E 378 -11.29 -45.02 9.20
CA ARG E 378 -11.38 -43.99 8.16
C ARG E 378 -12.40 -42.89 8.43
N ALA E 379 -13.67 -43.28 8.60
CA ALA E 379 -14.72 -42.30 8.86
C ALA E 379 -14.48 -41.53 10.15
N ASN E 380 -13.91 -42.18 11.17
CA ASN E 380 -13.64 -41.47 12.43
C ASN E 380 -12.60 -40.37 12.22
N ARG E 381 -11.55 -40.65 11.44
CA ARG E 381 -10.55 -39.63 11.15
C ARG E 381 -11.16 -38.46 10.39
N ILE E 382 -12.05 -38.74 9.43
CA ILE E 382 -12.66 -37.68 8.64
C ILE E 382 -13.50 -36.77 9.53
N SER E 383 -14.31 -37.35 10.40
CA SER E 383 -15.13 -36.52 11.30
C SER E 383 -14.25 -35.62 12.16
N GLU E 384 -13.12 -36.17 12.65
CA GLU E 384 -12.18 -35.37 13.44
C GLU E 384 -11.60 -34.24 12.60
N ALA E 385 -11.24 -34.54 11.35
CA ALA E 385 -10.72 -33.50 10.45
C ALA E 385 -11.78 -32.46 10.13
N MET E 386 -13.02 -32.91 9.86
CA MET E 386 -14.11 -31.97 9.60
C MET E 386 -14.36 -31.06 10.78
N ASP E 387 -14.14 -31.55 12.00
CA ASP E 387 -14.26 -30.70 13.17
C ASP E 387 -13.25 -29.56 13.12
N GLU E 388 -12.02 -29.87 12.68
CA GLU E 388 -10.94 -28.89 12.67
C GLU E 388 -11.00 -27.94 11.47
N PHE E 389 -11.52 -28.38 10.33
CA PHE E 389 -11.58 -27.58 9.10
C PHE E 389 -13.02 -27.50 8.62
N PRO E 390 -13.86 -26.72 9.28
CA PRO E 390 -15.30 -26.76 8.99
C PRO E 390 -15.72 -26.12 7.67
N ASN E 391 -14.81 -25.50 6.91
CA ASN E 391 -15.15 -25.00 5.59
C ASN E 391 -14.49 -25.80 4.47
N ASN E 392 -13.98 -26.97 4.78
CA ASN E 392 -13.27 -27.78 3.79
C ASN E 392 -14.25 -28.68 3.05
N ARG E 393 -14.32 -28.50 1.73
CA ARG E 393 -15.30 -29.23 0.92
C ARG E 393 -14.82 -30.65 0.59
N TYR E 394 -13.51 -30.87 0.49
CA TYR E 394 -13.01 -32.19 0.15
C TYR E 394 -13.40 -33.22 1.21
N LEU E 395 -13.22 -32.87 2.49
CA LEU E 395 -13.64 -33.76 3.56
C LEU E 395 -15.10 -34.13 3.41
N ALA E 396 -15.95 -33.15 3.10
CA ALA E 396 -17.38 -33.41 2.96
C ALA E 396 -17.65 -34.48 1.90
N LYS E 397 -16.93 -34.43 0.78
CA LYS E 397 -17.06 -35.47 -0.22
C LYS E 397 -16.53 -36.79 0.29
N LEU E 398 -15.49 -36.77 1.14
CA LEU E 398 -14.94 -38.01 1.66
C LEU E 398 -15.94 -38.73 2.57
N LEU E 399 -16.57 -38.00 3.48
CA LEU E 399 -17.54 -38.60 4.38
C LEU E 399 -18.68 -39.24 3.60
N ASP E 400 -19.11 -38.60 2.51
CA ASP E 400 -20.17 -39.16 1.68
C ASP E 400 -19.76 -40.50 1.07
N GLU E 401 -18.49 -40.59 0.64
CA GLU E 401 -17.96 -41.86 0.13
C GLU E 401 -17.92 -42.94 1.21
N VAL E 402 -17.33 -42.62 2.37
CA VAL E 402 -17.31 -43.58 3.47
C VAL E 402 -18.73 -43.97 3.84
N THR E 403 -19.61 -42.97 4.00
CA THR E 403 -21.01 -43.21 4.31
C THR E 403 -21.78 -43.78 3.12
N GLU F 11 -39.51 -29.61 -3.65
CA GLU F 11 -40.09 -28.33 -3.25
C GLU F 11 -39.97 -28.12 -1.74
N ILE F 12 -39.17 -28.98 -1.10
CA ILE F 12 -38.95 -28.87 0.35
C ILE F 12 -38.19 -27.58 0.67
N ARG F 13 -37.26 -27.21 -0.20
CA ARG F 13 -36.49 -25.99 0.03
C ARG F 13 -37.40 -24.77 0.08
N LYS F 14 -38.38 -24.70 -0.82
CA LYS F 14 -39.33 -23.59 -0.79
C LYS F 14 -40.15 -23.61 0.49
N LEU F 15 -40.53 -24.81 0.96
CA LEU F 15 -41.29 -24.91 2.20
C LEU F 15 -40.46 -24.49 3.40
N LEU F 16 -39.24 -25.05 3.51
CA LEU F 16 -38.39 -24.76 4.66
C LEU F 16 -38.07 -23.27 4.75
N GLN F 17 -37.93 -22.61 3.60
CA GLN F 17 -37.72 -21.16 3.57
C GLN F 17 -38.91 -20.42 4.17
N GLU F 18 -40.12 -20.68 3.64
CA GLU F 18 -41.30 -19.98 4.13
C GLU F 18 -41.56 -20.29 5.59
N ILE F 19 -41.14 -21.47 6.06
CA ILE F 19 -41.22 -21.76 7.49
C ILE F 19 -40.32 -20.80 8.24
N LYS F 20 -39.08 -20.60 7.77
CA LYS F 20 -38.21 -19.66 8.46
C LYS F 20 -38.83 -18.27 8.45
N LYS F 21 -39.43 -17.87 7.33
CA LYS F 21 -40.06 -16.54 7.26
C LYS F 21 -41.19 -16.42 8.27
N GLN F 22 -42.03 -17.46 8.39
CA GLN F 22 -43.12 -17.43 9.36
C GLN F 22 -42.60 -17.34 10.79
N VAL F 23 -41.49 -18.04 11.09
CA VAL F 23 -40.95 -18.00 12.44
C VAL F 23 -40.49 -16.60 12.80
N ASP F 24 -39.72 -15.97 11.89
CA ASP F 24 -39.04 -14.72 12.22
C ASP F 24 -40.01 -13.55 12.35
N ASN F 25 -41.14 -13.60 11.64
CA ASN F 25 -42.21 -12.61 11.77
C ASN F 25 -43.53 -13.34 11.68
N PRO F 26 -44.01 -13.92 12.80
CA PRO F 26 -45.29 -14.65 12.86
C PRO F 26 -46.51 -13.80 12.50
N SER F 29 -53.31 -17.25 12.58
CA SER F 29 -52.47 -18.33 13.07
C SER F 29 -51.52 -18.81 11.99
N SER F 30 -50.22 -18.80 12.31
CA SER F 30 -49.19 -19.20 11.35
C SER F 30 -49.13 -20.71 11.17
N THR F 31 -49.55 -21.48 12.20
CA THR F 31 -49.54 -22.94 12.12
C THR F 31 -50.31 -23.43 10.90
N THR F 32 -51.59 -23.04 10.79
CA THR F 32 -52.43 -23.47 9.68
C THR F 32 -51.87 -23.02 8.34
N GLU F 33 -51.29 -21.82 8.27
CA GLU F 33 -50.80 -21.33 6.99
C GLU F 33 -49.69 -22.24 6.45
N ILE F 34 -48.84 -22.75 7.34
CA ILE F 34 -47.76 -23.64 6.93
C ILE F 34 -48.31 -24.97 6.42
N LYS F 35 -49.28 -25.53 7.17
CA LYS F 35 -49.86 -26.80 6.76
C LYS F 35 -50.42 -26.69 5.34
N LYS F 36 -51.09 -25.58 5.03
CA LYS F 36 -51.64 -25.40 3.69
C LYS F 36 -50.52 -25.33 2.65
N MET F 37 -49.39 -24.71 3.00
CA MET F 37 -48.26 -24.70 2.08
C MET F 37 -47.68 -26.09 1.90
N ALA F 38 -47.55 -26.85 3.00
CA ALA F 38 -46.99 -28.20 2.91
C ALA F 38 -47.88 -29.12 2.08
N SER F 39 -49.20 -29.09 2.32
CA SER F 39 -50.11 -29.96 1.58
C SER F 39 -50.08 -29.65 0.09
N GLU F 40 -50.00 -28.37 -0.26
CA GLU F 40 -49.93 -27.99 -1.67
C GLU F 40 -48.64 -28.51 -2.29
N ALA F 41 -47.55 -28.54 -1.52
CA ALA F 41 -46.25 -28.98 -1.99
C ALA F 41 -45.94 -30.45 -1.70
N GLY F 42 -46.92 -31.23 -1.28
CA GLY F 42 -46.71 -32.67 -1.15
C GLY F 42 -45.85 -33.13 0.00
N ILE F 43 -45.77 -32.35 1.06
CA ILE F 43 -45.03 -32.71 2.27
C ILE F 43 -46.01 -32.95 3.42
N ASP F 44 -45.70 -33.93 4.27
CA ASP F 44 -46.57 -34.27 5.39
C ASP F 44 -46.72 -33.07 6.32
N GLU F 45 -47.97 -32.67 6.59
CA GLU F 45 -48.23 -31.51 7.44
C GLU F 45 -47.69 -31.71 8.85
N GLN F 46 -47.86 -32.90 9.41
CA GLN F 46 -47.39 -33.13 10.77
C GLN F 46 -45.89 -32.91 10.84
N THR F 47 -45.13 -33.44 9.87
CA THR F 47 -43.69 -33.24 9.85
C THR F 47 -43.32 -31.76 9.68
N ALA F 48 -44.10 -31.03 8.87
CA ALA F 48 -43.87 -29.59 8.72
C ALA F 48 -44.22 -28.82 9.99
N GLU F 49 -45.36 -29.13 10.61
CA GLU F 49 -45.76 -28.44 11.83
C GLU F 49 -44.72 -28.66 12.93
N GLU F 50 -44.17 -29.87 13.01
CA GLU F 50 -43.13 -30.12 14.01
C GLU F 50 -41.91 -29.27 13.73
N ILE F 51 -41.58 -29.04 12.45
CA ILE F 51 -40.41 -28.22 12.15
C ILE F 51 -40.62 -26.79 12.63
N TYR F 52 -41.83 -26.25 12.43
CA TYR F 52 -42.11 -24.89 12.87
C TYR F 52 -42.02 -24.75 14.38
N HIS F 53 -42.51 -25.74 15.12
CA HIS F 53 -42.34 -25.75 16.57
C HIS F 53 -40.87 -25.92 16.94
N LEU F 54 -40.16 -26.83 16.27
CA LEU F 54 -38.74 -27.03 16.55
C LEU F 54 -37.92 -25.80 16.20
N LEU F 55 -38.27 -25.13 15.09
CA LEU F 55 -37.54 -23.94 14.69
C LEU F 55 -37.78 -22.78 15.66
N THR F 56 -39.04 -22.53 16.02
CA THR F 56 -39.32 -21.46 16.97
C THR F 56 -38.69 -21.75 18.33
N GLU F 57 -38.75 -23.00 18.79
CA GLU F 57 -38.10 -23.34 20.05
C GLU F 57 -36.59 -23.12 19.98
N PHE F 58 -35.97 -23.43 18.84
CA PHE F 58 -34.54 -23.16 18.65
C PHE F 58 -34.25 -21.65 18.63
N TYR F 59 -35.01 -20.90 17.83
CA TYR F 59 -34.80 -19.46 17.76
C TYR F 59 -35.19 -18.78 19.08
N GLN F 60 -36.22 -19.28 19.75
CA GLN F 60 -36.54 -18.76 21.08
C GLN F 60 -35.39 -19.02 22.04
N ALA F 61 -34.80 -20.22 21.98
CA ALA F 61 -33.66 -20.54 22.83
C ALA F 61 -32.44 -19.68 22.51
N VAL F 62 -32.26 -19.25 21.25
CA VAL F 62 -31.10 -18.39 20.96
C VAL F 62 -31.21 -17.07 21.71
N GLU F 63 -32.43 -16.56 21.91
CA GLU F 63 -32.60 -15.35 22.70
C GLU F 63 -32.40 -15.62 24.18
N GLU F 64 -32.69 -16.85 24.63
CA GLU F 64 -32.38 -17.23 26.00
C GLU F 64 -30.87 -17.22 26.25
N HIS F 65 -30.08 -17.46 25.21
CA HIS F 65 -28.63 -17.39 25.27
C HIS F 65 -28.08 -16.05 24.82
N GLY F 66 -28.95 -15.07 24.56
CA GLY F 66 -28.49 -13.73 24.22
C GLY F 66 -28.87 -13.32 22.82
N GLY F 67 -27.87 -13.11 21.97
CA GLY F 67 -28.11 -12.80 20.57
C GLY F 67 -27.52 -13.91 19.73
N ILE F 68 -27.89 -13.99 18.46
CA ILE F 68 -27.34 -15.04 17.60
C ILE F 68 -25.82 -14.94 17.56
N GLU F 69 -25.31 -13.72 17.38
CA GLU F 69 -23.86 -13.52 17.39
C GLU F 69 -23.26 -14.00 18.70
N LYS F 70 -23.98 -13.82 19.81
CA LYS F 70 -23.48 -14.30 21.10
C LYS F 70 -23.39 -15.82 21.15
N TYR F 71 -24.46 -16.51 20.71
CA TYR F 71 -24.50 -17.98 20.76
C TYR F 71 -23.37 -18.59 19.92
N MET F 72 -23.10 -18.01 18.75
CA MET F 72 -22.08 -18.57 17.87
C MET F 72 -20.71 -18.53 18.56
N HIS F 73 -20.43 -17.46 19.31
CA HIS F 73 -19.15 -17.25 19.98
C HIS F 73 -19.11 -17.85 21.39
N SER F 74 -20.22 -18.41 21.87
CA SER F 74 -20.24 -19.11 23.15
C SER F 74 -19.46 -20.42 23.06
N ASN F 75 -19.15 -20.98 24.23
CA ASN F 75 -18.41 -22.25 24.31
C ASN F 75 -19.29 -23.48 24.06
N ILE F 76 -20.60 -23.30 23.87
CA ILE F 76 -21.49 -24.42 23.56
C ILE F 76 -21.55 -24.59 22.05
N SER F 77 -21.21 -25.79 21.57
CA SER F 77 -21.18 -26.04 20.14
C SER F 77 -22.56 -26.23 19.55
N TRP F 78 -23.40 -27.01 20.24
CA TRP F 78 -24.73 -27.36 19.76
C TRP F 78 -25.73 -27.26 20.91
N LEU F 79 -26.99 -27.05 20.56
CA LEU F 79 -28.09 -27.10 21.51
C LEU F 79 -28.90 -28.36 21.27
N LYS F 80 -29.40 -28.95 22.34
CA LYS F 80 -30.25 -30.13 22.20
C LYS F 80 -31.42 -29.82 21.29
N ILE F 81 -32.02 -28.65 21.44
CA ILE F 81 -33.13 -28.27 20.57
C ILE F 81 -32.64 -28.13 19.12
N GLU F 82 -31.44 -27.58 18.92
CA GLU F 82 -30.89 -27.51 17.57
C GLU F 82 -30.66 -28.90 17.00
N LEU F 83 -30.13 -29.81 17.81
CA LEU F 83 -29.91 -31.18 17.34
C LEU F 83 -31.23 -31.85 17.00
N GLU F 84 -32.28 -31.58 17.78
CA GLU F 84 -33.60 -32.11 17.46
C GLU F 84 -34.06 -31.60 16.10
N LEU F 85 -33.90 -30.29 15.87
CA LEU F 85 -34.27 -29.69 14.58
C LEU F 85 -33.41 -30.26 13.46
N LEU F 86 -32.15 -30.57 13.77
CA LEU F 86 -31.26 -31.12 12.75
C LEU F 86 -31.75 -32.48 12.28
N SER F 87 -31.98 -33.41 13.23
CA SER F 87 -32.47 -34.72 12.85
C SER F 87 -33.82 -34.63 12.15
N ALA F 88 -34.67 -33.70 12.60
CA ALA F 88 -35.97 -33.52 11.98
C ALA F 88 -35.84 -33.02 10.54
N CYS F 89 -34.92 -32.08 10.29
CA CYS F 89 -34.77 -31.50 8.95
C CYS F 89 -34.17 -32.48 7.96
N TYR F 90 -33.17 -33.26 8.37
CA TYR F 90 -32.57 -34.20 7.44
C TYR F 90 -33.57 -35.26 7.02
N GLN F 91 -34.34 -35.78 7.98
CA GLN F 91 -35.31 -36.83 7.67
C GLN F 91 -36.30 -36.38 6.61
N ILE F 92 -36.93 -35.22 6.78
CA ILE F 92 -37.96 -34.82 5.83
C ILE F 92 -37.31 -34.53 4.48
N ALA F 93 -36.09 -34.00 4.48
CA ALA F 93 -35.39 -33.75 3.23
C ALA F 93 -34.95 -35.05 2.56
N ILE F 94 -34.50 -36.03 3.36
CA ILE F 94 -34.12 -37.31 2.78
C ILE F 94 -35.34 -38.00 2.18
N LEU F 95 -36.48 -37.93 2.88
CA LEU F 95 -37.72 -38.48 2.34
C LEU F 95 -38.16 -37.77 1.08
N GLU F 96 -37.63 -36.58 0.81
CA GLU F 96 -37.90 -35.85 -0.41
C GLU F 96 -36.86 -36.13 -1.49
N ASP F 97 -36.15 -37.24 -1.37
CA ASP F 97 -35.15 -37.70 -2.34
C ASP F 97 -34.02 -36.69 -2.56
N MET F 98 -33.69 -35.88 -1.55
CA MET F 98 -32.54 -34.97 -1.65
C MET F 98 -31.28 -35.66 -1.15
N LYS F 99 -30.18 -35.44 -1.86
CA LYS F 99 -28.94 -36.07 -1.48
C LYS F 99 -28.43 -35.43 -0.18
N VAL F 100 -27.64 -36.19 0.58
CA VAL F 100 -27.24 -35.74 1.91
C VAL F 100 -26.43 -34.47 1.84
N LEU F 101 -25.40 -34.45 0.98
CA LEU F 101 -24.55 -33.25 0.86
C LEU F 101 -25.37 -32.02 0.47
N ASP F 102 -26.39 -32.19 -0.36
CA ASP F 102 -27.28 -31.09 -0.70
C ASP F 102 -28.12 -30.62 0.49
N ILE F 103 -28.60 -31.54 1.33
CA ILE F 103 -29.36 -31.11 2.50
C ILE F 103 -28.49 -30.29 3.42
N SER F 104 -27.22 -30.68 3.56
CA SER F 104 -26.28 -29.93 4.38
C SER F 104 -26.14 -28.50 3.89
N GLU F 105 -25.87 -28.33 2.59
CA GLU F 105 -25.71 -26.99 2.05
C GLU F 105 -26.97 -26.17 2.22
N MET F 106 -28.13 -26.80 1.99
CA MET F 106 -29.40 -26.07 2.03
C MET F 106 -29.73 -25.55 3.43
N LEU F 107 -29.45 -26.34 4.47
CA LEU F 107 -29.75 -25.91 5.82
C LEU F 107 -28.68 -25.03 6.45
N SER F 108 -27.49 -24.95 5.84
CA SER F 108 -26.37 -24.30 6.48
C SER F 108 -26.39 -22.80 6.23
N LEU F 109 -25.28 -22.14 6.58
CA LEU F 109 -25.11 -20.71 6.35
C LEU F 109 -25.03 -20.37 4.88
N ASN F 110 -24.58 -21.31 4.05
CA ASN F 110 -24.43 -21.04 2.62
C ASN F 110 -25.76 -20.89 1.89
N ASP F 111 -26.88 -21.34 2.48
CA ASP F 111 -28.15 -21.27 1.79
C ASP F 111 -29.25 -20.63 2.65
N LEU F 112 -30.08 -21.46 3.27
CA LEU F 112 -31.28 -21.01 3.96
C LEU F 112 -31.00 -20.42 5.33
N ARG F 113 -29.78 -20.57 5.85
CA ARG F 113 -29.47 -20.06 7.18
C ARG F 113 -30.45 -20.58 8.23
N ILE F 114 -30.82 -21.85 8.13
CA ILE F 114 -31.62 -22.46 9.18
C ILE F 114 -30.78 -22.65 10.44
N PHE F 115 -29.50 -23.01 10.27
CA PHE F 115 -28.50 -23.24 11.32
C PHE F 115 -27.33 -22.28 11.17
N PRO F 116 -26.81 -21.72 12.27
CA PRO F 116 -25.61 -20.89 12.20
C PRO F 116 -24.36 -21.75 12.02
N LYS F 117 -24.41 -22.68 11.07
CA LYS F 117 -23.36 -23.67 10.89
C LYS F 117 -23.08 -23.86 9.41
N THR F 118 -21.92 -24.43 9.11
CA THR F 118 -21.52 -24.69 7.73
C THR F 118 -21.96 -26.08 7.31
N PRO F 119 -21.94 -26.38 5.99
CA PRO F 119 -22.35 -27.72 5.55
C PRO F 119 -21.50 -28.84 6.15
N SER F 120 -20.17 -28.64 6.22
CA SER F 120 -19.29 -29.62 6.83
C SER F 120 -19.67 -29.87 8.29
N GLN F 121 -20.05 -28.81 9.01
CA GLN F 121 -20.49 -28.97 10.40
C GLN F 121 -21.82 -29.71 10.48
N LEU F 122 -22.77 -29.37 9.60
CA LEU F 122 -24.08 -30.01 9.65
C LEU F 122 -23.98 -31.48 9.28
N GLN F 123 -23.30 -31.79 8.17
CA GLN F 123 -23.18 -33.16 7.70
C GLN F 123 -22.39 -34.00 8.70
N ASN F 124 -21.36 -33.41 9.34
CA ASN F 124 -20.62 -34.13 10.37
C ASN F 124 -21.49 -34.39 11.58
N THR F 125 -22.27 -33.40 12.01
CA THR F 125 -23.10 -33.57 13.20
C THR F 125 -24.23 -34.57 12.95
N TYR F 126 -24.84 -34.55 11.76
CA TYR F 126 -25.83 -35.56 11.41
C TYR F 126 -25.24 -36.96 11.46
N TYR F 127 -24.00 -37.11 10.99
CA TYR F 127 -23.30 -38.38 11.10
C TYR F 127 -23.12 -38.78 12.57
N LYS F 128 -22.69 -37.83 13.41
CA LYS F 128 -22.48 -38.12 14.83
C LYS F 128 -23.77 -38.61 15.49
N LEU F 129 -24.91 -37.98 15.16
CA LEU F 129 -26.19 -38.42 15.70
C LEU F 129 -26.52 -39.83 15.24
N LYS F 130 -26.46 -40.09 13.93
CA LYS F 130 -26.95 -41.36 13.40
C LYS F 130 -26.06 -42.53 13.81
N LYS F 131 -24.75 -42.33 13.90
CA LYS F 131 -23.85 -43.37 14.36
C LYS F 131 -23.70 -43.39 15.87
N GLU F 132 -24.56 -42.66 16.59
CA GLU F 132 -24.55 -42.61 18.07
C GLU F 132 -23.16 -42.26 18.59
N LEU F 133 -22.48 -41.32 17.93
CA LEU F 133 -21.23 -40.79 18.45
C LEU F 133 -21.46 -39.69 19.48
N ILE F 134 -22.62 -39.04 19.47
CA ILE F 134 -23.06 -38.15 20.54
C ILE F 134 -24.57 -38.29 20.70
N GLN F 135 -25.06 -38.05 21.92
CA GLN F 135 -26.48 -38.11 22.20
C GLN F 135 -27.10 -36.73 21.98
N VAL F 136 -28.43 -36.68 21.97
CA VAL F 136 -29.13 -35.42 21.69
C VAL F 136 -29.13 -34.59 22.97
N GLU F 137 -27.97 -34.05 23.30
CA GLU F 137 -27.79 -33.17 24.44
C GLU F 137 -27.05 -31.94 23.93
N ASP F 138 -26.92 -30.94 24.79
CA ASP F 138 -26.05 -29.83 24.45
C ASP F 138 -24.61 -30.31 24.44
N ILE F 139 -23.86 -29.94 23.39
CA ILE F 139 -22.49 -30.39 23.19
C ILE F 139 -21.60 -29.15 23.21
N PRO F 140 -20.54 -29.12 24.05
CA PRO F 140 -19.64 -27.95 24.11
C PRO F 140 -18.40 -28.03 23.21
N THR F 159 15.88 -37.80 23.16
CA THR F 159 14.77 -38.62 22.69
C THR F 159 14.43 -38.30 21.22
N ASN F 160 14.31 -39.35 20.41
CA ASN F 160 14.08 -39.21 18.97
C ASN F 160 12.62 -38.87 18.69
N ILE F 161 12.37 -38.50 17.42
CA ILE F 161 11.01 -38.45 16.91
C ILE F 161 10.33 -39.81 17.01
N PHE F 162 11.10 -40.87 16.86
CA PHE F 162 10.61 -42.22 17.06
C PHE F 162 10.35 -42.49 18.54
#